data_1UFP
# 
_entry.id   1UFP 
# 
_audit_conform.dict_name       mmcif_pdbx.dic 
_audit_conform.dict_version    5.381 
_audit_conform.dict_location   http://mmcif.pdb.org/dictionaries/ascii/mmcif_pdbx.dic 
# 
loop_
_database_2.database_id 
_database_2.database_code 
_database_2.pdbx_database_accession 
_database_2.pdbx_DOI 
PDB   1UFP         pdb_00001ufp 10.2210/pdb1ufp/pdb 
RCSB  RCSB005776   ?            ?                   
WWPDB D_1000005776 ?            ?                   
# 
_pdbx_database_related.db_name        PDB 
_pdbx_database_related.db_id          1UFJ 
_pdbx_database_related.details        
;Fe(III)(3,3'-Me2-salophen)/apo-A71G Myoglobin
;
_pdbx_database_related.content_type   unspecified 
# 
_pdbx_database_status.status_code                     REL 
_pdbx_database_status.entry_id                        1UFP 
_pdbx_database_status.recvd_initial_deposition_date   2003-06-04 
_pdbx_database_status.deposit_site                    PDBJ 
_pdbx_database_status.process_site                    PDBJ 
_pdbx_database_status.SG_entry                        . 
_pdbx_database_status.pdb_format_compatible           Y 
_pdbx_database_status.status_code_mr                  ? 
_pdbx_database_status.status_code_sf                  ? 
_pdbx_database_status.status_code_cs                  ? 
_pdbx_database_status.status_code_nmr_data            ? 
_pdbx_database_status.methods_development_category    ? 
# 
loop_
_audit_author.name 
_audit_author.pdbx_ordinal 
'Ueno, T.'     1 
'Ohashi, M.'   2 
'Kono, M.'     3 
'Kondo, K.'    4 
'Suzuki, A.'   5 
'Yamane, T.'   6 
'Watanabe, Y.' 7 
# 
_citation.id                        primary 
_citation.title                     
;Crystal Structures of Artificial Metalloproteins: Tight Binding of Fe(III)(Schiff-Base) by Mutation of Ala71 to Gly in Apo-Myoglobin
;
_citation.journal_abbrev            Inorg.Chem. 
_citation.journal_volume            43 
_citation.page_first                2852 
_citation.page_last                 2858 
_citation.year                      2004 
_citation.journal_id_ASTM           INOCAJ 
_citation.country                   US 
_citation.journal_id_ISSN           0020-1669 
_citation.journal_id_CSD            0009 
_citation.book_publisher            ? 
_citation.pdbx_database_id_PubMed   15106972 
_citation.pdbx_database_id_DOI      10.1021/ic0498539 
# 
loop_
_citation_author.citation_id 
_citation_author.name 
_citation_author.ordinal 
_citation_author.identifier_ORCID 
primary 'Ueno, T.'     1 ? 
primary 'Ohashi, M.'   2 ? 
primary 'Kono, M.'     3 ? 
primary 'Kondo, K.'    4 ? 
primary 'Suzuki, A.'   5 ? 
primary 'Yamane, T.'   6 ? 
primary 'Watanabe, Y.' 7 ? 
# 
_cell.entry_id           1UFP 
_cell.length_a           33.054 
_cell.length_b           58.817 
_cell.length_c           75.619 
_cell.angle_alpha        90.00 
_cell.angle_beta         90.00 
_cell.angle_gamma        90.00 
_cell.Z_PDB              4 
_cell.pdbx_unique_axis   ? 
# 
_symmetry.entry_id                         1UFP 
_symmetry.space_group_name_H-M             'P 21 21 21' 
_symmetry.pdbx_full_space_group_name_H-M   ? 
_symmetry.cell_setting                     ? 
_symmetry.Int_Tables_number                19 
# 
loop_
_entity.id 
_entity.type 
_entity.src_method 
_entity.pdbx_description 
_entity.formula_weight 
_entity.pdbx_number_of_molecules 
_entity.pdbx_ec 
_entity.pdbx_mutation 
_entity.pdbx_fragment 
_entity.details 
1 polymer     man Myoglobin       17366.148 1   ? ? ? ? 
2 non-polymer syn 'PHOSPHATE ION' 94.971    6   ? ? ? ? 
3 water       nat water           18.015    156 ? ? ? ? 
# 
_entity_poly.entity_id                      1 
_entity_poly.type                           'polypeptide(L)' 
_entity_poly.nstd_linkage                   no 
_entity_poly.nstd_monomer                   no 
_entity_poly.pdbx_seq_one_letter_code       
;MVLSEGEWQLVLHVWAKVEADVAGHGQDILIRLFKSHPETLEKFDRFKHLKTEAEMKASEDLKKHGVTVLTALGAILKKK
GHHEAELKPLAQSHATKHKIPIKYLEFISEAIIHVLHSRHPGDFGADAQGAMNKALELFRKDIAAKYKELGYQG
;
_entity_poly.pdbx_seq_one_letter_code_can   
;MVLSEGEWQLVLHVWAKVEADVAGHGQDILIRLFKSHPETLEKFDRFKHLKTEAEMKASEDLKKHGVTVLTALGAILKKK
GHHEAELKPLAQSHATKHKIPIKYLEFISEAIIHVLHSRHPGDFGADAQGAMNKALELFRKDIAAKYKELGYQG
;
_entity_poly.pdbx_strand_id                 A 
_entity_poly.pdbx_target_identifier         ? 
# 
loop_
_entity_poly_seq.entity_id 
_entity_poly_seq.num 
_entity_poly_seq.mon_id 
_entity_poly_seq.hetero 
1 1   MET n 
1 2   VAL n 
1 3   LEU n 
1 4   SER n 
1 5   GLU n 
1 6   GLY n 
1 7   GLU n 
1 8   TRP n 
1 9   GLN n 
1 10  LEU n 
1 11  VAL n 
1 12  LEU n 
1 13  HIS n 
1 14  VAL n 
1 15  TRP n 
1 16  ALA n 
1 17  LYS n 
1 18  VAL n 
1 19  GLU n 
1 20  ALA n 
1 21  ASP n 
1 22  VAL n 
1 23  ALA n 
1 24  GLY n 
1 25  HIS n 
1 26  GLY n 
1 27  GLN n 
1 28  ASP n 
1 29  ILE n 
1 30  LEU n 
1 31  ILE n 
1 32  ARG n 
1 33  LEU n 
1 34  PHE n 
1 35  LYS n 
1 36  SER n 
1 37  HIS n 
1 38  PRO n 
1 39  GLU n 
1 40  THR n 
1 41  LEU n 
1 42  GLU n 
1 43  LYS n 
1 44  PHE n 
1 45  ASP n 
1 46  ARG n 
1 47  PHE n 
1 48  LYS n 
1 49  HIS n 
1 50  LEU n 
1 51  LYS n 
1 52  THR n 
1 53  GLU n 
1 54  ALA n 
1 55  GLU n 
1 56  MET n 
1 57  LYS n 
1 58  ALA n 
1 59  SER n 
1 60  GLU n 
1 61  ASP n 
1 62  LEU n 
1 63  LYS n 
1 64  LYS n 
1 65  HIS n 
1 66  GLY n 
1 67  VAL n 
1 68  THR n 
1 69  VAL n 
1 70  LEU n 
1 71  THR n 
1 72  ALA n 
1 73  LEU n 
1 74  GLY n 
1 75  ALA n 
1 76  ILE n 
1 77  LEU n 
1 78  LYS n 
1 79  LYS n 
1 80  LYS n 
1 81  GLY n 
1 82  HIS n 
1 83  HIS n 
1 84  GLU n 
1 85  ALA n 
1 86  GLU n 
1 87  LEU n 
1 88  LYS n 
1 89  PRO n 
1 90  LEU n 
1 91  ALA n 
1 92  GLN n 
1 93  SER n 
1 94  HIS n 
1 95  ALA n 
1 96  THR n 
1 97  LYS n 
1 98  HIS n 
1 99  LYS n 
1 100 ILE n 
1 101 PRO n 
1 102 ILE n 
1 103 LYS n 
1 104 TYR n 
1 105 LEU n 
1 106 GLU n 
1 107 PHE n 
1 108 ILE n 
1 109 SER n 
1 110 GLU n 
1 111 ALA n 
1 112 ILE n 
1 113 ILE n 
1 114 HIS n 
1 115 VAL n 
1 116 LEU n 
1 117 HIS n 
1 118 SER n 
1 119 ARG n 
1 120 HIS n 
1 121 PRO n 
1 122 GLY n 
1 123 ASP n 
1 124 PHE n 
1 125 GLY n 
1 126 ALA n 
1 127 ASP n 
1 128 ALA n 
1 129 GLN n 
1 130 GLY n 
1 131 ALA n 
1 132 MET n 
1 133 ASN n 
1 134 LYS n 
1 135 ALA n 
1 136 LEU n 
1 137 GLU n 
1 138 LEU n 
1 139 PHE n 
1 140 ARG n 
1 141 LYS n 
1 142 ASP n 
1 143 ILE n 
1 144 ALA n 
1 145 ALA n 
1 146 LYS n 
1 147 TYR n 
1 148 LYS n 
1 149 GLU n 
1 150 LEU n 
1 151 GLY n 
1 152 TYR n 
1 153 GLN n 
1 154 GLY n 
# 
_entity_src_gen.entity_id                          1 
_entity_src_gen.pdbx_src_id                        1 
_entity_src_gen.pdbx_alt_source_flag               sample 
_entity_src_gen.pdbx_seq_type                      ? 
_entity_src_gen.pdbx_beg_seq_num                   ? 
_entity_src_gen.pdbx_end_seq_num                   ? 
_entity_src_gen.gene_src_common_name               'sperm whale' 
_entity_src_gen.gene_src_genus                     Physeter 
_entity_src_gen.pdbx_gene_src_gene                 ? 
_entity_src_gen.gene_src_species                   ? 
_entity_src_gen.gene_src_strain                    ? 
_entity_src_gen.gene_src_tissue                    ? 
_entity_src_gen.gene_src_tissue_fraction           ? 
_entity_src_gen.gene_src_details                   ? 
_entity_src_gen.pdbx_gene_src_fragment             ? 
_entity_src_gen.pdbx_gene_src_scientific_name      'Physeter catodon' 
_entity_src_gen.pdbx_gene_src_ncbi_taxonomy_id     9755 
_entity_src_gen.pdbx_gene_src_variant              ? 
_entity_src_gen.pdbx_gene_src_cell_line            ? 
_entity_src_gen.pdbx_gene_src_atcc                 ? 
_entity_src_gen.pdbx_gene_src_organ                ? 
_entity_src_gen.pdbx_gene_src_organelle            ? 
_entity_src_gen.pdbx_gene_src_cell                 ? 
_entity_src_gen.pdbx_gene_src_cellular_location    ? 
_entity_src_gen.host_org_common_name               ? 
_entity_src_gen.pdbx_host_org_scientific_name      'Escherichia coli' 
_entity_src_gen.pdbx_host_org_ncbi_taxonomy_id     562 
_entity_src_gen.host_org_genus                     Escherichia 
_entity_src_gen.pdbx_host_org_gene                 ? 
_entity_src_gen.pdbx_host_org_organ                ? 
_entity_src_gen.host_org_species                   ? 
_entity_src_gen.pdbx_host_org_tissue               ? 
_entity_src_gen.pdbx_host_org_tissue_fraction      ? 
_entity_src_gen.pdbx_host_org_strain               ? 
_entity_src_gen.pdbx_host_org_variant              ? 
_entity_src_gen.pdbx_host_org_cell_line            ? 
_entity_src_gen.pdbx_host_org_atcc                 ? 
_entity_src_gen.pdbx_host_org_culture_collection   ? 
_entity_src_gen.pdbx_host_org_cell                 ? 
_entity_src_gen.pdbx_host_org_organelle            ? 
_entity_src_gen.pdbx_host_org_cellular_location    ? 
_entity_src_gen.pdbx_host_org_vector_type          PLASMID 
_entity_src_gen.pdbx_host_org_vector               ? 
_entity_src_gen.host_org_details                   ? 
_entity_src_gen.expression_system_id               ? 
_entity_src_gen.plasmid_name                       puc19 
_entity_src_gen.plasmid_details                    ? 
_entity_src_gen.pdbx_description                   ? 
# 
_struct_ref.id                         1 
_struct_ref.db_name                    UNP 
_struct_ref.db_code                    MYG_PHYCA 
_struct_ref.entity_id                  1 
_struct_ref.pdbx_seq_one_letter_code   
;VLSEGEWQLVLHVWAKVEADVAGHGQDILIRLFKSHPETLEKFDRFKHLKTEAEMKASEDLKKHGVTVLTALGAILKKKG
HHEAELKPLAQSHATKHKIPIKYLEFISEAIIHVLHSRHPGDFGADAQGAMNKALELFRKDIAAKYKELGYQG
;
_struct_ref.pdbx_align_begin           1 
_struct_ref.pdbx_db_accession          P02185 
_struct_ref.pdbx_db_isoform            ? 
# 
_struct_ref_seq.align_id                      1 
_struct_ref_seq.ref_id                        1 
_struct_ref_seq.pdbx_PDB_id_code              1UFP 
_struct_ref_seq.pdbx_strand_id                A 
_struct_ref_seq.seq_align_beg                 2 
_struct_ref_seq.pdbx_seq_align_beg_ins_code   ? 
_struct_ref_seq.seq_align_end                 154 
_struct_ref_seq.pdbx_seq_align_end_ins_code   ? 
_struct_ref_seq.pdbx_db_accession             P02185 
_struct_ref_seq.db_align_beg                  1 
_struct_ref_seq.pdbx_db_align_beg_ins_code    ? 
_struct_ref_seq.db_align_end                  153 
_struct_ref_seq.pdbx_db_align_end_ins_code    ? 
_struct_ref_seq.pdbx_auth_seq_align_beg       1 
_struct_ref_seq.pdbx_auth_seq_align_end       153 
# 
_struct_ref_seq_dif.align_id                     1 
_struct_ref_seq_dif.pdbx_pdb_id_code             1UFP 
_struct_ref_seq_dif.mon_id                       MET 
_struct_ref_seq_dif.pdbx_pdb_strand_id           A 
_struct_ref_seq_dif.seq_num                      1 
_struct_ref_seq_dif.pdbx_pdb_ins_code            ? 
_struct_ref_seq_dif.pdbx_seq_db_name             UNP 
_struct_ref_seq_dif.pdbx_seq_db_accession_code   P02185 
_struct_ref_seq_dif.db_mon_id                    ? 
_struct_ref_seq_dif.pdbx_seq_db_seq_num          ? 
_struct_ref_seq_dif.details                      'initiating methionine' 
_struct_ref_seq_dif.pdbx_auth_seq_num            0 
_struct_ref_seq_dif.pdbx_ordinal                 1 
# 
loop_
_chem_comp.id 
_chem_comp.type 
_chem_comp.mon_nstd_flag 
_chem_comp.name 
_chem_comp.pdbx_synonyms 
_chem_comp.formula 
_chem_comp.formula_weight 
ALA 'L-peptide linking' y ALANINE         ? 'C3 H7 N O2'     89.093  
ARG 'L-peptide linking' y ARGININE        ? 'C6 H15 N4 O2 1' 175.209 
ASN 'L-peptide linking' y ASPARAGINE      ? 'C4 H8 N2 O3'    132.118 
ASP 'L-peptide linking' y 'ASPARTIC ACID' ? 'C4 H7 N O4'     133.103 
GLN 'L-peptide linking' y GLUTAMINE       ? 'C5 H10 N2 O3'   146.144 
GLU 'L-peptide linking' y 'GLUTAMIC ACID' ? 'C5 H9 N O4'     147.129 
GLY 'peptide linking'   y GLYCINE         ? 'C2 H5 N O2'     75.067  
HIS 'L-peptide linking' y HISTIDINE       ? 'C6 H10 N3 O2 1' 156.162 
HOH non-polymer         . WATER           ? 'H2 O'           18.015  
ILE 'L-peptide linking' y ISOLEUCINE      ? 'C6 H13 N O2'    131.173 
LEU 'L-peptide linking' y LEUCINE         ? 'C6 H13 N O2'    131.173 
LYS 'L-peptide linking' y LYSINE          ? 'C6 H15 N2 O2 1' 147.195 
MET 'L-peptide linking' y METHIONINE      ? 'C5 H11 N O2 S'  149.211 
PHE 'L-peptide linking' y PHENYLALANINE   ? 'C9 H11 N O2'    165.189 
PO4 non-polymer         . 'PHOSPHATE ION' ? 'O4 P -3'        94.971  
PRO 'L-peptide linking' y PROLINE         ? 'C5 H9 N O2'     115.130 
SER 'L-peptide linking' y SERINE          ? 'C3 H7 N O3'     105.093 
THR 'L-peptide linking' y THREONINE       ? 'C4 H9 N O3'     119.119 
TRP 'L-peptide linking' y TRYPTOPHAN      ? 'C11 H12 N2 O2'  204.225 
TYR 'L-peptide linking' y TYROSINE        ? 'C9 H11 N O3'    181.189 
VAL 'L-peptide linking' y VALINE          ? 'C5 H11 N O2'    117.146 
# 
_exptl.entry_id          1UFP 
_exptl.method            'X-RAY DIFFRACTION' 
_exptl.crystals_number   1 
# 
_exptl_crystal.id                    1 
_exptl_crystal.density_meas          ? 
_exptl_crystal.density_Matthews      2.12 
_exptl_crystal.density_percent_sol   41.87 
_exptl_crystal.description           ? 
# 
_exptl_crystal_grow.crystal_id      1 
_exptl_crystal_grow.method          'VAPOR DIFFUSION, SITTING DROP' 
_exptl_crystal_grow.temp            277.0 
_exptl_crystal_grow.temp_details    ? 
_exptl_crystal_grow.pH              6.8 
_exptl_crystal_grow.pdbx_details    'sodium, potassium phosphate, pH 6.8, VAPOR DIFFUSION, SITTING DROP, temperature 277.0K' 
_exptl_crystal_grow.pdbx_pH_range   . 
# 
_diffrn.id                     1 
_diffrn.ambient_temp           100 
_diffrn.ambient_temp_details   ? 
_diffrn.crystal_id             1 
# 
_diffrn_detector.diffrn_id              1 
_diffrn_detector.detector               'IMAGE PLATE' 
_diffrn_detector.type                   'RIGAKU RAXIS IV' 
_diffrn_detector.pdbx_collection_date   2002-09-03 
_diffrn_detector.details                ? 
# 
_diffrn_radiation.diffrn_id                        1 
_diffrn_radiation.wavelength_id                    1 
_diffrn_radiation.pdbx_monochromatic_or_laue_m_l   M 
_diffrn_radiation.monochromator                    'CONFOCAL MIRRORS' 
_diffrn_radiation.pdbx_diffrn_protocol             'SINGLE WAVELENGTH' 
_diffrn_radiation.pdbx_scattering_type             x-ray 
# 
_diffrn_radiation_wavelength.id           1 
_diffrn_radiation_wavelength.wavelength   1.5418 
_diffrn_radiation_wavelength.wt           1.0 
# 
_diffrn_source.diffrn_id                   1 
_diffrn_source.source                      'ROTATING ANODE' 
_diffrn_source.type                        'RIGAKU RU300' 
_diffrn_source.pdbx_synchrotron_site       ? 
_diffrn_source.pdbx_synchrotron_beamline   ? 
_diffrn_source.pdbx_wavelength             ? 
_diffrn_source.pdbx_wavelength_list        1.5418 
# 
_reflns.entry_id                     1UFP 
_reflns.observed_criterion_sigma_I   0.500 
_reflns.observed_criterion_sigma_F   ? 
_reflns.d_resolution_low             40.00 
_reflns.d_resolution_high            2.10 
_reflns.number_obs                   7824 
_reflns.number_all                   8790 
_reflns.percent_possible_obs         96.1 
_reflns.pdbx_Rmerge_I_obs            0.074 
_reflns.pdbx_Rsym_value              ? 
_reflns.pdbx_netI_over_sigmaI        19.6 
_reflns.B_iso_Wilson_estimate        10.1 
_reflns.pdbx_redundancy              ? 
_reflns.R_free_details               ? 
_reflns.limit_h_max                  ? 
_reflns.limit_h_min                  ? 
_reflns.limit_k_max                  ? 
_reflns.limit_k_min                  ? 
_reflns.limit_l_max                  ? 
_reflns.limit_l_min                  ? 
_reflns.observed_criterion_F_max     ? 
_reflns.observed_criterion_F_min     ? 
_reflns.pdbx_diffrn_id               1 
_reflns.pdbx_ordinal                 1 
# 
_reflns_shell.d_res_high             2.10 
_reflns_shell.d_res_low              2.18 
_reflns_shell.percent_possible_all   94.0 
_reflns_shell.Rmerge_I_obs           0.232 
_reflns_shell.pdbx_Rsym_value        ? 
_reflns_shell.meanI_over_sigI_obs    4.400 
_reflns_shell.pdbx_redundancy        ? 
_reflns_shell.percent_possible_obs   ? 
_reflns_shell.number_unique_all      ? 
_reflns_shell.pdbx_diffrn_id         ? 
_reflns_shell.pdbx_ordinal           1 
# 
_refine.entry_id                                 1UFP 
_refine.ls_number_reflns_obs                     7824 
_refine.ls_number_reflns_all                     ? 
_refine.pdbx_ls_sigma_I                          ? 
_refine.pdbx_ls_sigma_F                          3.0 
_refine.pdbx_data_cutoff_high_absF               225555.40 
_refine.pdbx_data_cutoff_low_absF                0.000000 
_refine.pdbx_data_cutoff_high_rms_absF           ? 
_refine.ls_d_res_low                             30.29 
_refine.ls_d_res_high                            2.10 
_refine.ls_percent_reflns_obs                    86.1 
_refine.ls_R_factor_obs                          ? 
_refine.ls_R_factor_all                          ? 
_refine.ls_R_factor_R_work                       0.207 
_refine.ls_R_factor_R_free                       0.248 
_refine.ls_R_factor_R_free_error                 0.012 
_refine.ls_R_factor_R_free_error_details         ? 
_refine.ls_percent_reflns_R_free                 5.6 
_refine.ls_number_reflns_R_free                  439 
_refine.ls_number_parameters                     ? 
_refine.ls_number_restraints                     ? 
_refine.occupancy_min                            ? 
_refine.occupancy_max                            ? 
_refine.correlation_coeff_Fo_to_Fc               ? 
_refine.correlation_coeff_Fo_to_Fc_free          ? 
_refine.B_iso_mean                               31.3 
_refine.aniso_B[1][1]                            1.08 
_refine.aniso_B[2][2]                            2.64 
_refine.aniso_B[3][3]                            -3.72 
_refine.aniso_B[1][2]                            0.00 
_refine.aniso_B[1][3]                            0.00 
_refine.aniso_B[2][3]                            0.00 
_refine.solvent_model_details                    'FLAT MODEL' 
_refine.solvent_model_param_ksol                 0.387836 
_refine.solvent_model_param_bsol                 86.2923 
_refine.pdbx_solvent_vdw_probe_radii             ? 
_refine.pdbx_solvent_ion_probe_radii             ? 
_refine.pdbx_solvent_shrinkage_radii             ? 
_refine.pdbx_ls_cross_valid_method               THROUGHOUT 
_refine.details                                  ? 
_refine.pdbx_starting_model                      'PDB ENTRY 1UFJ' 
_refine.pdbx_method_to_determine_struct          'FOURIER SYNTHESIS' 
_refine.pdbx_isotropic_thermal_model             ? 
_refine.pdbx_stereochemistry_target_values       'Engh & Huber' 
_refine.pdbx_stereochem_target_val_spec_case     ? 
_refine.pdbx_R_Free_selection_details            RANDOM 
_refine.pdbx_overall_ESU_R                       ? 
_refine.pdbx_overall_ESU_R_Free                  ? 
_refine.overall_SU_ML                            ? 
_refine.overall_SU_B                             ? 
_refine.ls_redundancy_reflns_obs                 ? 
_refine.B_iso_min                                ? 
_refine.B_iso_max                                ? 
_refine.overall_SU_R_Cruickshank_DPI             ? 
_refine.overall_SU_R_free                        ? 
_refine.pdbx_refine_id                           'X-RAY DIFFRACTION' 
_refine.pdbx_diffrn_id                           1 
_refine.pdbx_TLS_residual_ADP_flag               ? 
_refine.pdbx_overall_phase_error                 ? 
_refine.pdbx_overall_SU_R_free_Cruickshank_DPI   ? 
_refine.pdbx_overall_SU_R_Blow_DPI               ? 
_refine.pdbx_overall_SU_R_free_Blow_DPI          ? 
# 
_refine_analyze.entry_id                        1UFP 
_refine_analyze.Luzzati_coordinate_error_obs    0.22 
_refine_analyze.Luzzati_sigma_a_obs             0.11 
_refine_analyze.Luzzati_d_res_low_obs           5.00 
_refine_analyze.Luzzati_coordinate_error_free   0.30 
_refine_analyze.Luzzati_sigma_a_free            0.21 
_refine_analyze.Luzzati_d_res_low_free          ? 
_refine_analyze.number_disordered_residues      ? 
_refine_analyze.occupancy_sum_hydrogen          ? 
_refine_analyze.occupancy_sum_non_hydrogen      ? 
_refine_analyze.pdbx_Luzzati_d_res_high_obs     ? 
_refine_analyze.pdbx_refine_id                  'X-RAY DIFFRACTION' 
# 
_refine_hist.pdbx_refine_id                   'X-RAY DIFFRACTION' 
_refine_hist.cycle_id                         LAST 
_refine_hist.pdbx_number_atoms_protein        1225 
_refine_hist.pdbx_number_atoms_nucleic_acid   0 
_refine_hist.pdbx_number_atoms_ligand         30 
_refine_hist.number_atoms_solvent             156 
_refine_hist.number_atoms_total               1411 
_refine_hist.d_res_high                       2.10 
_refine_hist.d_res_low                        30.29 
# 
loop_
_refine_ls_restr.type 
_refine_ls_restr.dev_ideal 
_refine_ls_restr.dev_ideal_target 
_refine_ls_restr.weight 
_refine_ls_restr.number 
_refine_ls_restr.pdbx_refine_id 
_refine_ls_restr.pdbx_restraint_function 
c_bond_d           0.006 ?    ? ? 'X-RAY DIFFRACTION' ? 
c_angle_deg        1.8   ?    ? ? 'X-RAY DIFFRACTION' ? 
c_dihedral_angle_d 18.1  ?    ? ? 'X-RAY DIFFRACTION' ? 
c_improper_angle_d 0.75  ?    ? ? 'X-RAY DIFFRACTION' ? 
c_mcbond_it        1.38  1.50 ? ? 'X-RAY DIFFRACTION' ? 
c_mcangle_it       2.16  2.00 ? ? 'X-RAY DIFFRACTION' ? 
c_scbond_it        2.13  2.00 ? ? 'X-RAY DIFFRACTION' ? 
c_scangle_it       3.14  2.50 ? ? 'X-RAY DIFFRACTION' ? 
# 
_refine_ls_shell.pdbx_total_number_of_bins_used   6 
_refine_ls_shell.d_res_high                       2.10 
_refine_ls_shell.d_res_low                        2.23 
_refine_ls_shell.number_reflns_R_work             990 
_refine_ls_shell.R_factor_R_work                  0.208 
_refine_ls_shell.percent_reflns_obs               70.7 
_refine_ls_shell.R_factor_R_free                  0.251 
_refine_ls_shell.R_factor_R_free_error            0.033 
_refine_ls_shell.percent_reflns_R_free            5.5 
_refine_ls_shell.number_reflns_R_free             58 
_refine_ls_shell.number_reflns_obs                ? 
_refine_ls_shell.redundancy_reflns_obs            ? 
_refine_ls_shell.number_reflns_all                ? 
_refine_ls_shell.pdbx_refine_id                   'X-RAY DIFFRACTION' 
_refine_ls_shell.R_factor_all                     ? 
# 
loop_
_pdbx_xplor_file.serial_no 
_pdbx_xplor_file.param_file 
_pdbx_xplor_file.topol_file 
_pdbx_xplor_file.pdbx_refine_id 
1 PROTEIN_REP.PARAM PROTEIN.TOP       'X-RAY DIFFRACTION' 
2 ION.PARAM         WATER.TOP         'X-RAY DIFFRACTION' 
3 WATER_REP.PARAM   ION.TOP           'X-RAY DIFFRACTION' 
4 DNA-RNA_REP.PARAM PROTEIN_BREAK.TOP 'X-RAY DIFFRACTION' 
5 CZM.PARAM         CZM.TOP           'X-RAY DIFFRACTION' 
# 
_struct.entry_id                  1UFP 
_struct.title                     
;Crystal Structure of an Artificial Metalloprotein:Fe(III)(3,3'-Me2-salophen)/apo-wild type Myoglobin
;
_struct.pdbx_model_details        ? 
_struct.pdbx_CASP_flag            ? 
_struct.pdbx_model_type_details   ? 
# 
_struct_keywords.entry_id        1UFP 
_struct_keywords.pdbx_keywords   'OXYGEN STORAGE/TRANSPORT' 
_struct_keywords.text            'myoglobin, Schiff base, iron, salophen, metalloprotein, OXYGEN STORAGE-TRANSPORT COMPLEX' 
# 
loop_
_struct_asym.id 
_struct_asym.pdbx_blank_PDB_chainid_flag 
_struct_asym.pdbx_modified 
_struct_asym.entity_id 
_struct_asym.details 
A N N 1 ? 
B N N 2 ? 
C N N 2 ? 
D N N 2 ? 
E N N 2 ? 
F N N 2 ? 
G N N 2 ? 
H N N 3 ? 
# 
_struct_biol.id                    1 
_struct_biol.pdbx_parent_biol_id   ? 
_struct_biol.details               ? 
# 
loop_
_struct_conf.conf_type_id 
_struct_conf.id 
_struct_conf.pdbx_PDB_helix_id 
_struct_conf.beg_label_comp_id 
_struct_conf.beg_label_asym_id 
_struct_conf.beg_label_seq_id 
_struct_conf.pdbx_beg_PDB_ins_code 
_struct_conf.end_label_comp_id 
_struct_conf.end_label_asym_id 
_struct_conf.end_label_seq_id 
_struct_conf.pdbx_end_PDB_ins_code 
_struct_conf.beg_auth_comp_id 
_struct_conf.beg_auth_asym_id 
_struct_conf.beg_auth_seq_id 
_struct_conf.end_auth_comp_id 
_struct_conf.end_auth_asym_id 
_struct_conf.end_auth_seq_id 
_struct_conf.pdbx_PDB_helix_class 
_struct_conf.details 
_struct_conf.pdbx_PDB_helix_length 
HELX_P HELX_P1 1 SER A 4   ? GLU A 19  ? SER A 3   GLU A 18  1 ? 16 
HELX_P HELX_P2 2 ASP A 21  ? HIS A 37  ? ASP A 20  HIS A 36  1 ? 17 
HELX_P HELX_P3 3 PRO A 38  ? PHE A 44  ? PRO A 37  PHE A 43  5 ? 7  
HELX_P HELX_P4 4 THR A 52  ? SER A 59  ? THR A 51  SER A 58  1 ? 8  
HELX_P HELX_P5 5 SER A 59  ? LYS A 78  ? SER A 58  LYS A 77  1 ? 20 
HELX_P HELX_P6 6 LEU A 87  ? LYS A 97  ? LEU A 86  LYS A 96  1 ? 11 
HELX_P HELX_P7 7 PRO A 101 ? HIS A 120 ? PRO A 100 HIS A 119 1 ? 20 
HELX_P HELX_P8 8 GLY A 125 ? GLU A 149 ? GLY A 124 GLU A 148 1 ? 25 
# 
_struct_conf_type.id          HELX_P 
_struct_conf_type.criteria    ? 
_struct_conf_type.reference   ? 
# 
loop_
_struct_site.id 
_struct_site.pdbx_evidence_code 
_struct_site.pdbx_auth_asym_id 
_struct_site.pdbx_auth_comp_id 
_struct_site.pdbx_auth_seq_id 
_struct_site.pdbx_auth_ins_code 
_struct_site.pdbx_num_residues 
_struct_site.details 
AC1 Software A PO4 155 ? 6 'BINDING SITE FOR RESIDUE PO4 A 155' 
AC2 Software A PO4 156 ? 5 'BINDING SITE FOR RESIDUE PO4 A 156' 
AC3 Software A PO4 157 ? 5 'BINDING SITE FOR RESIDUE PO4 A 157' 
AC4 Software A PO4 158 ? 4 'BINDING SITE FOR RESIDUE PO4 A 158' 
AC5 Software A PO4 159 ? 5 'BINDING SITE FOR RESIDUE PO4 A 159' 
AC6 Software A PO4 160 ? 3 'BINDING SITE FOR RESIDUE PO4 A 160' 
# 
loop_
_struct_site_gen.id 
_struct_site_gen.site_id 
_struct_site_gen.pdbx_num_res 
_struct_site_gen.label_comp_id 
_struct_site_gen.label_asym_id 
_struct_site_gen.label_seq_id 
_struct_site_gen.pdbx_auth_ins_code 
_struct_site_gen.auth_comp_id 
_struct_site_gen.auth_asym_id 
_struct_site_gen.auth_seq_id 
_struct_site_gen.label_atom_id 
_struct_site_gen.label_alt_id 
_struct_site_gen.symmetry 
_struct_site_gen.details 
1  AC1 6 GLU A 110 ? GLU A 109 . ? 3_555 ? 
2  AC1 6 HIS A 114 ? HIS A 113 . ? 3_555 ? 
3  AC1 6 HOH H .   ? HOH A 212 . ? 3_555 ? 
4  AC1 6 HOH H .   ? HOH A 254 . ? 3_555 ? 
5  AC1 6 HOH H .   ? HOH A 446 . ? 1_555 ? 
6  AC1 6 HOH H .   ? HOH A 453 . ? 3_555 ? 
7  AC2 5 MET A 1   ? MET A 0   . ? 3_545 ? 
8  AC2 5 HIS A 114 ? HIS A 113 . ? 1_555 ? 
9  AC2 5 SER A 118 ? SER A 117 . ? 1_555 ? 
10 AC2 5 HOH H .   ? HOH A 245 . ? 1_555 ? 
11 AC2 5 HOH H .   ? HOH A 435 . ? 1_555 ? 
12 AC3 5 LYS A 17  ? LYS A 16  . ? 1_555 ? 
13 AC3 5 HIS A 120 ? HIS A 119 . ? 1_555 ? 
14 AC3 5 ASP A 123 ? ASP A 122 . ? 1_555 ? 
15 AC3 5 HOH H .   ? HOH A 299 . ? 1_555 ? 
16 AC3 5 HOH H .   ? HOH A 516 . ? 1_555 ? 
17 AC4 4 HIS A 13  ? HIS A 12  . ? 1_555 ? 
18 AC4 4 LYS A 17  ? LYS A 16  . ? 1_555 ? 
19 AC4 4 LYS A 48  ? LYS A 47  . ? 2_555 ? 
20 AC4 4 HOH H .   ? HOH A 323 . ? 1_555 ? 
21 AC5 5 ARG A 46  ? ARG A 45  . ? 1_555 ? 
22 AC5 5 GLU A 84  ? GLU A 83  . ? 4_555 ? 
23 AC5 5 HIS A 117 ? HIS A 116 . ? 2_554 ? 
24 AC5 5 LYS A 146 ? LYS A 145 . ? 4_555 ? 
25 AC5 5 GLU A 149 ? GLU A 148 . ? 4_555 ? 
26 AC6 3 LYS A 35  ? LYS A 34  . ? 1_555 ? 
27 AC6 3 THR A 52  ? THR A 51  . ? 1_555 ? 
28 AC6 3 GLU A 53  ? GLU A 52  . ? 1_555 ? 
# 
_atom_sites.entry_id                    1UFP 
_atom_sites.fract_transf_matrix[1][1]   -0.00675108 
_atom_sites.fract_transf_matrix[1][2]   0.00494806 
_atom_sites.fract_transf_matrix[1][3]   0.02907308 
_atom_sites.fract_transf_matrix[2][1]   -0.01232126 
_atom_sites.fract_transf_matrix[2][2]   0.01073654 
_atom_sites.fract_transf_matrix[2][3]   -0.00468842 
_atom_sites.fract_transf_matrix[3][1]   -0.00862123 
_atom_sites.fract_transf_matrix[3][2]   -0.01002302 
_atom_sites.fract_transf_matrix[3][3]   -0.00029608 
_atom_sites.fract_transf_vector[1]      0.091392 
_atom_sites.fract_transf_vector[2]      0.073377 
_atom_sites.fract_transf_vector[3]      0.134910 
# 
loop_
_atom_type.symbol 
C 
N 
O 
P 
S 
# 
loop_
_atom_site.group_PDB 
_atom_site.id 
_atom_site.type_symbol 
_atom_site.label_atom_id 
_atom_site.label_alt_id 
_atom_site.label_comp_id 
_atom_site.label_asym_id 
_atom_site.label_entity_id 
_atom_site.label_seq_id 
_atom_site.pdbx_PDB_ins_code 
_atom_site.Cartn_x 
_atom_site.Cartn_y 
_atom_site.Cartn_z 
_atom_site.occupancy 
_atom_site.B_iso_or_equiv 
_atom_site.pdbx_formal_charge 
_atom_site.auth_seq_id 
_atom_site.auth_comp_id 
_atom_site.auth_asym_id 
_atom_site.auth_atom_id 
_atom_site.pdbx_PDB_model_num 
ATOM   1    N N   . MET A 1 1   ? -13.204 -3.930  -12.537 1.00 37.44  ? 0   MET A N   1 
ATOM   2    C CA  . MET A 1 1   ? -13.132 -4.304  -11.093 1.00 35.97  ? 0   MET A CA  1 
ATOM   3    C C   . MET A 1 1   ? -14.333 -3.784  -10.314 1.00 33.75  ? 0   MET A C   1 
ATOM   4    O O   . MET A 1 1   ? -14.676 -2.607  -10.400 1.00 33.35  ? 0   MET A O   1 
ATOM   5    C CB  . MET A 1 1   ? -11.848 -3.751  -10.461 1.00 38.68  ? 0   MET A CB  1 
ATOM   6    C CG  . MET A 1 1   ? -10.614 -4.634  -10.618 1.00 41.78  ? 0   MET A CG  1 
ATOM   7    S SD  . MET A 1 1   ? -10.789 -6.235  -9.779  1.00 48.33  ? 0   MET A SD  1 
ATOM   8    C CE  . MET A 1 1   ? -11.555 -5.700  -8.236  1.00 45.13  ? 0   MET A CE  1 
ATOM   9    N N   . VAL A 1 2   ? -14.965 -4.667  -9.547  1.00 31.14  ? 1   VAL A N   1 
ATOM   10   C CA  . VAL A 1 2   ? -16.116 -4.281  -8.740  1.00 28.35  ? 1   VAL A CA  1 
ATOM   11   C C   . VAL A 1 2   ? -16.261 -5.147  -7.485  1.00 24.35  ? 1   VAL A C   1 
ATOM   12   O O   . VAL A 1 2   ? -16.223 -6.373  -7.547  1.00 21.68  ? 1   VAL A O   1 
ATOM   13   C CB  . VAL A 1 2   ? -17.437 -4.330  -9.574  1.00 28.62  ? 1   VAL A CB  1 
ATOM   14   C CG1 . VAL A 1 2   ? -17.630 -5.704  -10.184 1.00 31.11  ? 1   VAL A CG1 1 
ATOM   15   C CG2 . VAL A 1 2   ? -18.621 -3.978  -8.699  1.00 30.81  ? 1   VAL A CG2 1 
ATOM   16   N N   . LEU A 1 3   ? -16.400 -4.487  -6.342  1.00 21.93  ? 2   LEU A N   1 
ATOM   17   C CA  . LEU A 1 3   ? -16.575 -5.170  -5.068  1.00 20.75  ? 2   LEU A CA  1 
ATOM   18   C C   . LEU A 1 3   ? -17.994 -4.935  -4.585  1.00 19.79  ? 2   LEU A C   1 
ATOM   19   O O   . LEU A 1 3   ? -18.571 -3.871  -4.823  1.00 17.82  ? 2   LEU A O   1 
ATOM   20   C CB  . LEU A 1 3   ? -15.618 -4.617  -4.001  1.00 22.68  ? 2   LEU A CB  1 
ATOM   21   C CG  . LEU A 1 3   ? -14.109 -4.895  -3.996  1.00 22.70  ? 2   LEU A CG  1 
ATOM   22   C CD1 . LEU A 1 3   ? -13.396 -4.058  -5.045  1.00 26.47  ? 2   LEU A CD1 1 
ATOM   23   C CD2 . LEU A 1 3   ? -13.561 -4.552  -2.612  1.00 20.79  ? 2   LEU A CD2 1 
ATOM   24   N N   . SER A 1 4   ? -18.559 -5.924  -3.904  1.00 19.87  ? 3   SER A N   1 
ATOM   25   C CA  . SER A 1 4   ? -19.895 -5.771  -3.357  1.00 19.14  ? 3   SER A CA  1 
ATOM   26   C C   . SER A 1 4   ? -19.765 -4.844  -2.149  1.00 18.80  ? 3   SER A C   1 
ATOM   27   O O   . SER A 1 4   ? -18.651 -4.519  -1.721  1.00 16.65  ? 3   SER A O   1 
ATOM   28   C CB  . SER A 1 4   ? -20.461 -7.122  -2.906  1.00 20.05  ? 3   SER A CB  1 
ATOM   29   O OG  . SER A 1 4   ? -19.702 -7.678  -1.846  1.00 23.68  ? 3   SER A OG  1 
ATOM   30   N N   . GLU A 1 5   ? -20.897 -4.413  -1.604  1.00 17.36  ? 4   GLU A N   1 
ATOM   31   C CA  . GLU A 1 5   ? -20.882 -3.546  -0.430  1.00 17.41  ? 4   GLU A CA  1 
ATOM   32   C C   . GLU A 1 5   ? -20.339 -4.358  0.749   1.00 17.09  ? 4   GLU A C   1 
ATOM   33   O O   . GLU A 1 5   ? -19.595 -3.849  1.587   1.00 17.10  ? 4   GLU A O   1 
ATOM   34   C CB  . GLU A 1 5   ? -22.302 -3.047  -0.146  1.00 18.37  ? 4   GLU A CB  1 
ATOM   35   C CG  . GLU A 1 5   ? -22.485 -2.260  1.149   1.00 21.81  ? 4   GLU A CG  1 
ATOM   36   C CD  . GLU A 1 5   ? -21.594 -1.025  1.267   1.00 25.22  ? 4   GLU A CD  1 
ATOM   37   O OE1 . GLU A 1 5   ? -21.219 -0.428  0.232   1.00 26.15  ? 4   GLU A OE1 1 
ATOM   38   O OE2 . GLU A 1 5   ? -21.286 -0.643  2.413   1.00 25.37  ? 4   GLU A OE2 1 
ATOM   39   N N   . GLY A 1 6   ? -20.722 -5.629  0.797   1.00 15.75  ? 5   GLY A N   1 
ATOM   40   C CA  . GLY A 1 6   ? -20.262 -6.501  1.853   1.00 17.26  ? 5   GLY A CA  1 
ATOM   41   C C   . GLY A 1 6   ? -18.764 -6.660  1.753   1.00 17.79  ? 5   GLY A C   1 
ATOM   42   O O   . GLY A 1 6   ? -18.074 -6.751  2.762   1.00 19.64  ? 5   GLY A O   1 
ATOM   43   N N   . GLU A 1 7   ? -18.246 -6.686  0.531   1.00 18.09  ? 6   GLU A N   1 
ATOM   44   C CA  . GLU A 1 7   ? -16.808 -6.822  0.353   1.00 17.93  ? 6   GLU A CA  1 
ATOM   45   C C   . GLU A 1 7   ? -16.072 -5.569  0.797   1.00 16.73  ? 6   GLU A C   1 
ATOM   46   O O   . GLU A 1 7   ? -15.005 -5.660  1.405   1.00 16.78  ? 6   GLU A O   1 
ATOM   47   C CB  . GLU A 1 7   ? -16.471 -7.131  -1.095  1.00 18.42  ? 6   GLU A CB  1 
ATOM   48   C CG  . GLU A 1 7   ? -16.859 -8.527  -1.503  1.00 25.44  ? 6   GLU A CG  1 
ATOM   49   C CD  . GLU A 1 7   ? -16.477 -8.824  -2.933  1.00 26.01  ? 6   GLU A CD  1 
ATOM   50   O OE1 . GLU A 1 7   ? -16.866 -8.039  -3.824  1.00 23.99  ? 6   GLU A OE1 1 
ATOM   51   O OE2 . GLU A 1 7   ? -15.789 -9.840  -3.158  1.00 30.63  ? 6   GLU A OE2 1 
ATOM   52   N N   . TRP A 1 8   ? -16.631 -4.401  0.491   1.00 15.71  ? 7   TRP A N   1 
ATOM   53   C CA  . TRP A 1 8   ? -16.004 -3.151  0.907   1.00 16.82  ? 7   TRP A CA  1 
ATOM   54   C C   . TRP A 1 8   ? -16.004 -3.069  2.426   1.00 16.58  ? 7   TRP A C   1 
ATOM   55   O O   . TRP A 1 8   ? -15.063 -2.540  3.021   1.00 16.71  ? 7   TRP A O   1 
ATOM   56   C CB  . TRP A 1 8   ? -16.745 -1.941  0.335   1.00 16.59  ? 7   TRP A CB  1 
ATOM   57   C CG  . TRP A 1 8   ? -16.337 -1.610  -1.071  1.00 17.61  ? 7   TRP A CG  1 
ATOM   58   C CD1 . TRP A 1 8   ? -17.132 -1.608  -2.177  1.00 13.80  ? 7   TRP A CD1 1 
ATOM   59   C CD2 . TRP A 1 8   ? -15.027 -1.230  -1.515  1.00 16.08  ? 7   TRP A CD2 1 
ATOM   60   N NE1 . TRP A 1 8   ? -16.405 -1.252  -3.280  1.00 16.72  ? 7   TRP A NE1 1 
ATOM   61   C CE2 . TRP A 1 8   ? -15.108 -1.014  -2.905  1.00 15.39  ? 7   TRP A CE2 1 
ATOM   62   C CE3 . TRP A 1 8   ? -13.794 -1.054  -0.870  1.00 15.71  ? 7   TRP A CE3 1 
ATOM   63   C CZ2 . TRP A 1 8   ? -14.003 -0.628  -3.667  1.00 15.01  ? 7   TRP A CZ2 1 
ATOM   64   C CZ3 . TRP A 1 8   ? -12.693 -0.668  -1.626  1.00 15.89  ? 7   TRP A CZ3 1 
ATOM   65   C CH2 . TRP A 1 8   ? -12.805 -0.461  -3.011  1.00 16.37  ? 7   TRP A CH2 1 
ATOM   66   N N   . GLN A 1 9   ? -17.066 -3.581  3.047   1.00 16.86  ? 8   GLN A N   1 
ATOM   67   C CA  . GLN A 1 9   ? -17.176 -3.563  4.506   1.00 16.71  ? 8   GLN A CA  1 
ATOM   68   C C   . GLN A 1 9   ? -16.132 -4.475  5.129   1.00 14.65  ? 8   GLN A C   1 
ATOM   69   O O   . GLN A 1 9   ? -15.649 -4.205  6.226   1.00 16.46  ? 8   GLN A O   1 
ATOM   70   C CB  . GLN A 1 9   ? -18.580 -3.979  4.965   1.00 18.45  ? 8   GLN A CB  1 
ATOM   71   C CG  . GLN A 1 9   ? -19.645 -2.910  4.702   1.00 23.26  ? 8   GLN A CG  1 
ATOM   72   C CD  . GLN A 1 9   ? -19.196 -1.522  5.150   1.00 26.55  ? 8   GLN A CD  1 
ATOM   73   O OE1 . GLN A 1 9   ? -18.700 -1.345  6.267   1.00 27.61  ? 8   GLN A OE1 1 
ATOM   74   N NE2 . GLN A 1 9   ? -19.376 -0.530  4.280   1.00 25.80  ? 8   GLN A NE2 1 
ATOM   75   N N   . LEU A 1 10  ? -15.789 -5.559  4.441   1.00 12.89  ? 9   LEU A N   1 
ATOM   76   C CA  . LEU A 1 10  ? -14.758 -6.449  4.956   1.00 15.06  ? 9   LEU A CA  1 
ATOM   77   C C   . LEU A 1 10  ? -13.444 -5.670  4.904   1.00 14.36  ? 9   LEU A C   1 
ATOM   78   O O   . LEU A 1 10  ? -12.655 -5.707  5.839   1.00 16.96  ? 9   LEU A O   1 
ATOM   79   C CB  . LEU A 1 10  ? -14.649 -7.715  4.104   1.00 12.85  ? 9   LEU A CB  1 
ATOM   80   C CG  . LEU A 1 10  ? -15.803 -8.711  4.218   1.00 16.28  ? 9   LEU A CG  1 
ATOM   81   C CD1 . LEU A 1 10  ? -15.542 -9.883  3.292   1.00 13.29  ? 9   LEU A CD1 1 
ATOM   82   C CD2 . LEU A 1 10  ? -15.948 -9.183  5.670   1.00 14.91  ? 9   LEU A CD2 1 
ATOM   83   N N   . VAL A 1 11  ? -13.221 -4.962  3.802   1.00 12.61  ? 10  VAL A N   1 
ATOM   84   C CA  . VAL A 1 11  ? -12.018 -4.159  3.629   1.00 13.65  ? 10  VAL A CA  1 
ATOM   85   C C   . VAL A 1 11  ? -11.950 -3.056  4.692   1.00 14.60  ? 10  VAL A C   1 
ATOM   86   O O   . VAL A 1 11  ? -10.938 -2.894  5.374   1.00 12.75  ? 10  VAL A O   1 
ATOM   87   C CB  . VAL A 1 11  ? -11.982 -3.534  2.199   1.00 13.82  ? 10  VAL A CB  1 
ATOM   88   C CG1 . VAL A 1 11  ? -10.973 -2.407  2.132   1.00 14.84  ? 10  VAL A CG1 1 
ATOM   89   C CG2 . VAL A 1 11  ? -11.620 -4.620  1.174   1.00 13.47  ? 10  VAL A CG2 1 
ATOM   90   N N   . LEU A 1 12  ? -13.038 -2.309  4.838   1.00 14.91  ? 11  LEU A N   1 
ATOM   91   C CA  . LEU A 1 12  ? -13.073 -1.230  5.810   1.00 17.03  ? 11  LEU A CA  1 
ATOM   92   C C   . LEU A 1 12  ? -12.987 -1.738  7.248   1.00 16.55  ? 11  LEU A C   1 
ATOM   93   O O   . LEU A 1 12  ? -12.456 -1.057  8.120   1.00 16.79  ? 11  LEU A O   1 
ATOM   94   C CB  . LEU A 1 12  ? -14.330 -0.378  5.595   1.00 17.05  ? 11  LEU A CB  1 
ATOM   95   C CG  . LEU A 1 12  ? -14.305 0.347   4.237   1.00 20.64  ? 11  LEU A CG  1 
ATOM   96   C CD1 . LEU A 1 12  ? -15.489 1.301   4.113   1.00 18.05  ? 11  LEU A CD1 1 
ATOM   97   C CD2 . LEU A 1 12  ? -12.993 1.117   4.103   1.00 18.58  ? 11  LEU A CD2 1 
ATOM   98   N N   . HIS A 1 13  ? -13.491 -2.942  7.484   1.00 17.46  ? 12  HIS A N   1 
ATOM   99   C CA  . HIS A 1 13  ? -13.448 -3.535  8.810   1.00 19.08  ? 12  HIS A CA  1 
ATOM   100  C C   . HIS A 1 13  ? -11.994 -3.817  9.216   1.00 19.51  ? 12  HIS A C   1 
ATOM   101  O O   . HIS A 1 13  ? -11.564 -3.454  10.312  1.00 19.09  ? 12  HIS A O   1 
ATOM   102  C CB  . HIS A 1 13  ? -14.250 -4.836  8.836   1.00 21.33  ? 12  HIS A CB  1 
ATOM   103  C CG  . HIS A 1 13  ? -14.431 -5.407  10.206  1.00 23.94  ? 12  HIS A CG  1 
ATOM   104  N ND1 . HIS A 1 13  ? -15.234 -4.817  11.158  1.00 27.77  ? 12  HIS A ND1 1 
ATOM   105  C CD2 . HIS A 1 13  ? -13.896 -6.504  10.793  1.00 28.50  ? 12  HIS A CD2 1 
ATOM   106  C CE1 . HIS A 1 13  ? -15.185 -5.525  12.273  1.00 26.08  ? 12  HIS A CE1 1 
ATOM   107  N NE2 . HIS A 1 13  ? -14.379 -6.552  12.080  1.00 27.47  ? 12  HIS A NE2 1 
ATOM   108  N N   . VAL A 1 14  ? -11.235 -4.467  8.339   1.00 16.39  ? 13  VAL A N   1 
ATOM   109  C CA  . VAL A 1 14  ? -9.850  -4.760  8.675   1.00 16.38  ? 13  VAL A CA  1 
ATOM   110  C C   . VAL A 1 14  ? -9.037  -3.461  8.759   1.00 16.61  ? 13  VAL A C   1 
ATOM   111  O O   . VAL A 1 14  ? -8.114  -3.340  9.571   1.00 16.03  ? 13  VAL A O   1 
ATOM   112  C CB  . VAL A 1 14  ? -9.201  -5.740  7.646   1.00 17.27  ? 13  VAL A CB  1 
ATOM   113  C CG1 . VAL A 1 14  ? -9.037  -5.079  6.301   1.00 14.31  ? 13  VAL A CG1 1 
ATOM   114  C CG2 . VAL A 1 14  ? -7.854  -6.220  8.164   1.00 17.28  ? 13  VAL A CG2 1 
ATOM   115  N N   . TRP A 1 15  ? -9.406  -2.476  7.947   1.00 12.35  ? 14  TRP A N   1 
ATOM   116  C CA  . TRP A 1 15  ? -8.682  -1.216  7.944   1.00 15.21  ? 14  TRP A CA  1 
ATOM   117  C C   . TRP A 1 15  ? -8.778  -0.416  9.238   1.00 16.13  ? 14  TRP A C   1 
ATOM   118  O O   . TRP A 1 15  ? -7.867  0.352   9.575   1.00 13.37  ? 14  TRP A O   1 
ATOM   119  C CB  . TRP A 1 15  ? -9.120  -0.351  6.769   1.00 14.76  ? 14  TRP A CB  1 
ATOM   120  C CG  . TRP A 1 15  ? -8.033  0.568   6.399   1.00 15.87  ? 14  TRP A CG  1 
ATOM   121  C CD1 . TRP A 1 15  ? -7.923  1.890   6.718   1.00 14.80  ? 14  TRP A CD1 1 
ATOM   122  C CD2 . TRP A 1 15  ? -6.823  0.208   5.728   1.00 16.71  ? 14  TRP A CD2 1 
ATOM   123  N NE1 . TRP A 1 15  ? -6.707  2.377   6.292   1.00 16.49  ? 14  TRP A NE1 1 
ATOM   124  C CE2 . TRP A 1 15  ? -6.014  1.363   5.681   1.00 16.26  ? 14  TRP A CE2 1 
ATOM   125  C CE3 . TRP A 1 15  ? -6.342  -0.984  5.166   1.00 15.89  ? 14  TRP A CE3 1 
ATOM   126  C CZ2 . TRP A 1 15  ? -4.746  1.363   5.093   1.00 18.39  ? 14  TRP A CZ2 1 
ATOM   127  C CZ3 . TRP A 1 15  ? -5.088  -0.989  4.583   1.00 18.76  ? 14  TRP A CZ3 1 
ATOM   128  C CH2 . TRP A 1 15  ? -4.300  0.182   4.551   1.00 21.75  ? 14  TRP A CH2 1 
ATOM   129  N N   . ALA A 1 16  ? -9.885  -0.588  9.957   1.00 17.21  ? 15  ALA A N   1 
ATOM   130  C CA  . ALA A 1 16  ? -10.069 0.100   11.230  1.00 18.37  ? 15  ALA A CA  1 
ATOM   131  C C   . ALA A 1 16  ? -9.028  -0.452  12.194  1.00 18.06  ? 15  ALA A C   1 
ATOM   132  O O   . ALA A 1 16  ? -8.531  0.256   13.071  1.00 19.57  ? 15  ALA A O   1 
ATOM   133  C CB  . ALA A 1 16  ? -11.483 -0.146  11.774  1.00 15.42  ? 15  ALA A CB  1 
ATOM   134  N N   . LYS A 1 17  ? -8.698  -1.728  12.015  1.00 19.20  ? 16  LYS A N   1 
ATOM   135  C CA  . LYS A 1 17  ? -7.710  -2.399  12.854  1.00 20.67  ? 16  LYS A CA  1 
ATOM   136  C C   . LYS A 1 17  ? -6.318  -1.890  12.531  1.00 19.07  ? 16  LYS A C   1 
ATOM   137  O O   . LYS A 1 17  ? -5.465  -1.812  13.401  1.00 18.82  ? 16  LYS A O   1 
ATOM   138  C CB  . LYS A 1 17  ? -7.765  -3.913  12.636  1.00 23.50  ? 16  LYS A CB  1 
ATOM   139  C CG  . LYS A 1 17  ? -9.004  -4.568  13.201  1.00 23.00  ? 16  LYS A CG  1 
ATOM   140  C CD  . LYS A 1 17  ? -9.002  -6.055  12.924  1.00 26.31  ? 16  LYS A CD  1 
ATOM   141  C CE  . LYS A 1 17  ? -10.248 -6.716  13.495  1.00 28.11  ? 16  LYS A CE  1 
ATOM   142  N NZ  . LYS A 1 17  ? -10.334 -6.522  14.972  1.00 30.07  ? 16  LYS A NZ  1 
ATOM   143  N N   . VAL A 1 18  ? -6.091  -1.562  11.265  1.00 18.53  ? 17  VAL A N   1 
ATOM   144  C CA  . VAL A 1 18  ? -4.802  -1.028  10.840  1.00 17.17  ? 17  VAL A CA  1 
ATOM   145  C C   . VAL A 1 18  ? -4.638  0.338   11.502  1.00 19.94  ? 17  VAL A C   1 
ATOM   146  O O   . VAL A 1 18  ? -3.566  0.675   12.009  1.00 19.80  ? 17  VAL A O   1 
ATOM   147  C CB  . VAL A 1 18  ? -4.753  -0.852  9.295   1.00 17.22  ? 17  VAL A CB  1 
ATOM   148  C CG1 . VAL A 1 18  ? -3.487  -0.115  8.869   1.00 14.69  ? 17  VAL A CG1 1 
ATOM   149  C CG2 . VAL A 1 18  ? -4.806  -2.211  8.630   1.00 16.71  ? 17  VAL A CG2 1 
ATOM   150  N N   . GLU A 1 19  ? -5.718  1.116   11.507  1.00 19.16  ? 18  GLU A N   1 
ATOM   151  C CA  . GLU A 1 19  ? -5.693  2.446   12.098  1.00 19.73  ? 18  GLU A CA  1 
ATOM   152  C C   . GLU A 1 19  ? -5.460  2.445   13.608  1.00 18.05  ? 18  GLU A C   1 
ATOM   153  O O   . GLU A 1 19  ? -5.195  3.484   14.191  1.00 17.30  ? 18  GLU A O   1 
ATOM   154  C CB  . GLU A 1 19  ? -6.990  3.186   11.760  1.00 21.81  ? 18  GLU A CB  1 
ATOM   155  C CG  . GLU A 1 19  ? -7.078  3.548   10.288  1.00 24.90  ? 18  GLU A CG  1 
ATOM   156  C CD  . GLU A 1 19  ? -8.385  4.214   9.909   1.00 28.65  ? 18  GLU A CD  1 
ATOM   157  O OE1 . GLU A 1 19  ? -8.518  4.603   8.728   1.00 29.80  ? 18  GLU A OE1 1 
ATOM   158  O OE2 . GLU A 1 19  ? -9.274  4.347   10.776  1.00 30.31  ? 18  GLU A OE2 1 
ATOM   159  N N   . ALA A 1 20  ? -5.544  1.277   14.233  1.00 17.58  ? 19  ALA A N   1 
ATOM   160  C CA  . ALA A 1 20  ? -5.325  1.160   15.670  1.00 18.12  ? 19  ALA A CA  1 
ATOM   161  C C   . ALA A 1 20  ? -3.826  1.238   15.943  1.00 19.05  ? 19  ALA A C   1 
ATOM   162  O O   . ALA A 1 20  ? -3.388  1.408   17.080  1.00 17.28  ? 19  ALA A O   1 
ATOM   163  C CB  . ALA A 1 20  ? -5.875  -0.163  16.175  1.00 17.67  ? 19  ALA A CB  1 
ATOM   164  N N   . ASP A 1 21  ? -3.044  1.107   14.882  1.00 18.90  ? 20  ASP A N   1 
ATOM   165  C CA  . ASP A 1 21  ? -1.601  1.157   14.994  1.00 18.33  ? 20  ASP A CA  1 
ATOM   166  C C   . ASP A 1 21  ? -1.006  1.271   13.603  1.00 16.06  ? 20  ASP A C   1 
ATOM   167  O O   . ASP A 1 21  ? -0.313  0.373   13.133  1.00 17.71  ? 20  ASP A O   1 
ATOM   168  C CB  . ASP A 1 21  ? -1.090  -0.100  15.708  1.00 17.75  ? 20  ASP A CB  1 
ATOM   169  C CG  . ASP A 1 21  ? 0.424   -0.183  15.729  1.00 19.57  ? 20  ASP A CG  1 
ATOM   170  O OD1 . ASP A 1 21  ? 1.081   0.881   15.716  1.00 17.36  ? 20  ASP A OD1 1 
ATOM   171  O OD2 . ASP A 1 21  ? 0.957   -1.312  15.763  1.00 21.38  ? 20  ASP A OD2 1 
ATOM   172  N N   . VAL A 1 22  ? -1.287  2.392   12.951  1.00 15.75  ? 21  VAL A N   1 
ATOM   173  C CA  . VAL A 1 22  ? -0.798  2.653   11.606  1.00 15.99  ? 21  VAL A CA  1 
ATOM   174  C C   . VAL A 1 22  ? 0.720   2.503   11.536  1.00 15.36  ? 21  VAL A C   1 
ATOM   175  O O   . VAL A 1 22  ? 1.242   1.825   10.652  1.00 15.21  ? 21  VAL A O   1 
ATOM   176  C CB  . VAL A 1 22  ? -1.188  4.082   11.142  1.00 16.71  ? 21  VAL A CB  1 
ATOM   177  C CG1 . VAL A 1 22  ? -0.860  4.253   9.657   1.00 19.26  ? 21  VAL A CG1 1 
ATOM   178  C CG2 . VAL A 1 22  ? -2.668  4.324   11.372  1.00 17.32  ? 21  VAL A CG2 1 
ATOM   179  N N   . ALA A 1 23  ? 1.417   3.126   12.485  1.00 15.22  ? 22  ALA A N   1 
ATOM   180  C CA  . ALA A 1 23  ? 2.879   3.097   12.543  1.00 14.95  ? 22  ALA A CA  1 
ATOM   181  C C   . ALA A 1 23  ? 3.451   1.679   12.558  1.00 14.59  ? 22  ALA A C   1 
ATOM   182  O O   . ALA A 1 23  ? 4.354   1.366   11.785  1.00 18.69  ? 22  ALA A O   1 
ATOM   183  C CB  . ALA A 1 23  ? 3.370   3.891   13.775  1.00 15.06  ? 22  ALA A CB  1 
ATOM   184  N N   . GLY A 1 24  ? 2.930   0.825   13.430  1.00 15.27  ? 23  GLY A N   1 
ATOM   185  C CA  . GLY A 1 24  ? 3.404   -0.551  13.499  1.00 12.89  ? 23  GLY A CA  1 
ATOM   186  C C   . GLY A 1 24  ? 3.118   -1.321  12.216  1.00 13.27  ? 23  GLY A C   1 
ATOM   187  O O   . GLY A 1 24  ? 3.946   -2.101  11.761  1.00 10.94  ? 23  GLY A O   1 
ATOM   188  N N   . HIS A 1 25  ? 1.939   -1.108  11.635  1.00 14.10  ? 24  HIS A N   1 
ATOM   189  C CA  . HIS A 1 25  ? 1.561   -1.771  10.388  1.00 14.73  ? 24  HIS A CA  1 
ATOM   190  C C   . HIS A 1 25  ? 2.461   -1.289  9.244   1.00 13.38  ? 24  HIS A C   1 
ATOM   191  O O   . HIS A 1 25  ? 2.896   -2.082  8.405   1.00 13.92  ? 24  HIS A O   1 
ATOM   192  C CB  . HIS A 1 25  ? 0.092   -1.476  10.045  1.00 11.29  ? 24  HIS A CB  1 
ATOM   193  C CG  . HIS A 1 25  ? -0.896  -2.218  10.897  1.00 13.77  ? 24  HIS A CG  1 
ATOM   194  N ND1 . HIS A 1 25  ? -1.460  -3.415  10.513  1.00 14.19  ? 24  HIS A ND1 1 
ATOM   195  C CD2 . HIS A 1 25  ? -1.417  -1.931  12.115  1.00 10.46  ? 24  HIS A CD2 1 
ATOM   196  C CE1 . HIS A 1 25  ? -2.289  -3.832  11.454  1.00 12.71  ? 24  HIS A CE1 1 
ATOM   197  N NE2 . HIS A 1 25  ? -2.281  -2.949  12.436  1.00 15.72  ? 24  HIS A NE2 1 
ATOM   198  N N   . GLY A 1 26  ? 2.739   0.013   9.217   1.00 13.62  ? 25  GLY A N   1 
ATOM   199  C CA  . GLY A 1 26  ? 3.583   0.561   8.166   1.00 12.37  ? 25  GLY A CA  1 
ATOM   200  C C   . GLY A 1 26  ? 4.993   0.004   8.188   1.00 12.65  ? 25  GLY A C   1 
ATOM   201  O O   . GLY A 1 26  ? 5.602   -0.211  7.143   1.00 11.30  ? 25  GLY A O   1 
ATOM   202  N N   . GLN A 1 27  ? 5.514   -0.224  9.391   1.00 13.08  ? 26  GLN A N   1 
ATOM   203  C CA  . GLN A 1 27  ? 6.854   -0.766  9.567   1.00 13.27  ? 26  GLN A CA  1 
ATOM   204  C C   . GLN A 1 27  ? 6.890   -2.224  9.140   1.00 13.53  ? 26  GLN A C   1 
ATOM   205  O O   . GLN A 1 27  ? 7.839   -2.665  8.490   1.00 14.47  ? 26  GLN A O   1 
ATOM   206  C CB  . GLN A 1 27  ? 7.285   -0.656  11.029  1.00 12.68  ? 26  GLN A CB  1 
ATOM   207  C CG  . GLN A 1 27  ? 7.588   0.761   11.488  1.00 15.25  ? 26  GLN A CG  1 
ATOM   208  C CD  . GLN A 1 27  ? 7.929   0.808   12.967  1.00 18.47  ? 26  GLN A CD  1 
ATOM   209  O OE1 . GLN A 1 27  ? 7.151   0.347   13.801  1.00 17.37  ? 26  GLN A OE1 1 
ATOM   210  N NE2 . GLN A 1 27  ? 9.097   1.355   13.298  1.00 14.55  ? 26  GLN A NE2 1 
ATOM   211  N N   . ASP A 1 28  ? 5.863   -2.980  9.515   1.00 12.92  ? 27  ASP A N   1 
ATOM   212  C CA  . ASP A 1 28  ? 5.804   -4.382  9.132   1.00 14.91  ? 27  ASP A CA  1 
ATOM   213  C C   . ASP A 1 28  ? 5.738   -4.484  7.618   1.00 14.53  ? 27  ASP A C   1 
ATOM   214  O O   . ASP A 1 28  ? 6.495   -5.230  7.002   1.00 18.43  ? 27  ASP A O   1 
ATOM   215  C CB  . ASP A 1 28  ? 4.566   -5.065  9.726   1.00 15.80  ? 27  ASP A CB  1 
ATOM   216  C CG  . ASP A 1 28  ? 4.669   -5.272  11.228  1.00 16.11  ? 27  ASP A CG  1 
ATOM   217  O OD1 . ASP A 1 28  ? 3.687   -5.747  11.824  1.00 19.20  ? 27  ASP A OD1 1 
ATOM   218  O OD2 . ASP A 1 28  ? 5.726   -4.974  11.807  1.00 17.05  ? 27  ASP A OD2 1 
ATOM   219  N N   . ILE A 1 29  ? 4.823   -3.723  7.028   1.00 12.91  ? 28  ILE A N   1 
ATOM   220  C CA  . ILE A 1 29  ? 4.630   -3.743  5.590   1.00 14.09  ? 28  ILE A CA  1 
ATOM   221  C C   . ILE A 1 29  ? 5.882   -3.321  4.826   1.00 14.75  ? 28  ILE A C   1 
ATOM   222  O O   . ILE A 1 29  ? 6.324   -4.030  3.926   1.00 17.80  ? 28  ILE A O   1 
ATOM   223  C CB  . ILE A 1 29  ? 3.427   -2.850  5.192   1.00 12.56  ? 28  ILE A CB  1 
ATOM   224  C CG1 . ILE A 1 29  ? 2.128   -3.473  5.713   1.00 12.30  ? 28  ILE A CG1 1 
ATOM   225  C CG2 . ILE A 1 29  ? 3.362   -2.680  3.683   1.00 9.56   ? 28  ILE A CG2 1 
ATOM   226  C CD1 . ILE A 1 29  ? 0.904   -2.577  5.528   1.00 15.14  ? 28  ILE A CD1 1 
ATOM   227  N N   . LEU A 1 30  ? 6.460   -2.178  5.181   1.00 14.37  ? 29  LEU A N   1 
ATOM   228  C CA  . LEU A 1 30  ? 7.657   -1.700  4.490   1.00 13.27  ? 29  LEU A CA  1 
ATOM   229  C C   . LEU A 1 30  ? 8.858   -2.640  4.609   1.00 13.54  ? 29  LEU A C   1 
ATOM   230  O O   . LEU A 1 30  ? 9.579   -2.849  3.631   1.00 13.91  ? 29  LEU A O   1 
ATOM   231  C CB  . LEU A 1 30  ? 8.043   -0.303  4.988   1.00 10.85  ? 29  LEU A CB  1 
ATOM   232  C CG  . LEU A 1 30  ? 7.134   0.826   4.495   1.00 10.65  ? 29  LEU A CG  1 
ATOM   233  C CD1 . LEU A 1 30  ? 7.617   2.152   5.045   1.00 7.44   ? 29  LEU A CD1 1 
ATOM   234  C CD2 . LEU A 1 30  ? 7.124   0.854   2.962   1.00 9.30   ? 29  LEU A CD2 1 
ATOM   235  N N   . ILE A 1 31  ? 9.071   -3.207  5.794   1.00 12.39  ? 30  ILE A N   1 
ATOM   236  C CA  . ILE A 1 31  ? 10.185  -4.129  6.006   1.00 14.59  ? 30  ILE A CA  1 
ATOM   237  C C   . ILE A 1 31  ? 9.978   -5.413  5.209   1.00 15.54  ? 30  ILE A C   1 
ATOM   238  O O   . ILE A 1 31  ? 10.916  -5.969  4.640   1.00 15.24  ? 30  ILE A O   1 
ATOM   239  C CB  . ILE A 1 31  ? 10.330  -4.484  7.498   1.00 17.42  ? 30  ILE A CB  1 
ATOM   240  C CG1 . ILE A 1 31  ? 10.773  -3.240  8.272   1.00 15.67  ? 30  ILE A CG1 1 
ATOM   241  C CG2 . ILE A 1 31  ? 11.316  -5.634  7.680   1.00 15.01  ? 30  ILE A CG2 1 
ATOM   242  C CD1 . ILE A 1 31  ? 10.807  -3.436  9.780   1.00 19.82  ? 30  ILE A CD1 1 
ATOM   243  N N   . ARG A 1 32  ? 8.738   -5.879  5.191   1.00 14.28  ? 31  ARG A N   1 
ATOM   244  C CA  . ARG A 1 32  ? 8.366   -7.077  4.459   1.00 14.88  ? 31  ARG A CA  1 
ATOM   245  C C   . ARG A 1 32  ? 8.700   -6.827  2.975   1.00 15.13  ? 31  ARG A C   1 
ATOM   246  O O   . ARG A 1 32  ? 9.243   -7.686  2.281   1.00 12.59  ? 31  ARG A O   1 
ATOM   247  C CB  . ARG A 1 32  ? 6.860   -7.307  4.642   1.00 17.17  ? 31  ARG A CB  1 
ATOM   248  C CG  . ARG A 1 32  ? 6.256   -8.366  3.743   1.00 20.02  ? 31  ARG A CG  1 
ATOM   249  C CD  . ARG A 1 32  ? 6.554   -9.748  4.245   1.00 18.85  ? 31  ARG A CD  1 
ATOM   250  N NE  . ARG A 1 32  ? 6.200   -10.746 3.246   1.00 22.16  ? 31  ARG A NE  1 
ATOM   251  C CZ  . ARG A 1 32  ? 6.277   -12.056 3.448   1.00 20.72  ? 31  ARG A CZ  1 
ATOM   252  N NH1 . ARG A 1 32  ? 5.943   -12.897 2.481   1.00 18.85  ? 31  ARG A NH1 1 
ATOM   253  N NH2 . ARG A 1 32  ? 6.677   -12.519 4.623   1.00 19.17  ? 31  ARG A NH2 1 
ATOM   254  N N   . LEU A 1 33  ? 8.372   -5.630  2.505   1.00 13.83  ? 32  LEU A N   1 
ATOM   255  C CA  . LEU A 1 33  ? 8.628   -5.242  1.124   1.00 13.91  ? 32  LEU A CA  1 
ATOM   256  C C   . LEU A 1 33  ? 10.119  -5.170  0.793   1.00 15.06  ? 32  LEU A C   1 
ATOM   257  O O   . LEU A 1 33  ? 10.557  -5.664  -0.254  1.00 14.09  ? 32  LEU A O   1 
ATOM   258  C CB  . LEU A 1 33  ? 7.995   -3.876  0.843   1.00 11.36  ? 32  LEU A CB  1 
ATOM   259  C CG  . LEU A 1 33  ? 8.429   -3.171  -0.448  1.00 12.79  ? 32  LEU A CG  1 
ATOM   260  C CD1 . LEU A 1 33  ? 7.911   -3.937  -1.659  1.00 9.94   ? 32  LEU A CD1 1 
ATOM   261  C CD2 . LEU A 1 33  ? 7.899   -1.731  -0.439  1.00 9.29   ? 32  LEU A CD2 1 
ATOM   262  N N   . PHE A 1 34  ? 10.897  -4.542  1.672   1.00 14.55  ? 33  PHE A N   1 
ATOM   263  C CA  . PHE A 1 34  ? 12.321  -4.404  1.424   1.00 15.46  ? 33  PHE A CA  1 
ATOM   264  C C   . PHE A 1 34  ? 13.070  -5.717  1.588   1.00 17.78  ? 33  PHE A C   1 
ATOM   265  O O   . PHE A 1 34  ? 14.128  -5.906  0.986   1.00 20.39  ? 33  PHE A O   1 
ATOM   266  C CB  . PHE A 1 34  ? 12.928  -3.332  2.337   1.00 17.95  ? 33  PHE A CB  1 
ATOM   267  C CG  . PHE A 1 34  ? 12.324  -1.962  2.160   1.00 15.79  ? 33  PHE A CG  1 
ATOM   268  C CD1 . PHE A 1 34  ? 12.015  -1.479  0.892   1.00 13.37  ? 33  PHE A CD1 1 
ATOM   269  C CD2 . PHE A 1 34  ? 12.082  -1.145  3.263   1.00 18.07  ? 33  PHE A CD2 1 
ATOM   270  C CE1 . PHE A 1 34  ? 11.476  -0.206  0.724   1.00 13.29  ? 33  PHE A CE1 1 
ATOM   271  C CE2 . PHE A 1 34  ? 11.543  0.138   3.107   1.00 14.28  ? 33  PHE A CE2 1 
ATOM   272  C CZ  . PHE A 1 34  ? 11.239  0.604   1.834   1.00 13.64  ? 33  PHE A CZ  1 
ATOM   273  N N   . LYS A 1 35  ? 12.527  -6.629  2.390   1.00 19.00  ? 34  LYS A N   1 
ATOM   274  C CA  . LYS A 1 35  ? 13.164  -7.929  2.589   1.00 21.94  ? 34  LYS A CA  1 
ATOM   275  C C   . LYS A 1 35  ? 12.864  -8.879  1.431   1.00 22.41  ? 34  LYS A C   1 
ATOM   276  O O   . LYS A 1 35  ? 13.695  -9.712  1.057   1.00 22.15  ? 34  LYS A O   1 
ATOM   277  C CB  . LYS A 1 35  ? 12.699  -8.559  3.901   1.00 22.05  ? 34  LYS A CB  1 
ATOM   278  C CG  . LYS A 1 35  ? 13.285  -7.907  5.144   1.00 24.13  ? 34  LYS A CG  1 
ATOM   279  C CD  . LYS A 1 35  ? 14.802  -7.988  5.133   1.00 28.85  ? 34  LYS A CD  1 
ATOM   280  C CE  . LYS A 1 35  ? 15.420  -7.387  6.386   1.00 29.65  ? 34  LYS A CE  1 
ATOM   281  N NZ  . LYS A 1 35  ? 16.900  -7.330  6.254   1.00 31.49  ? 34  LYS A NZ  1 
ATOM   282  N N   . SER A 1 36  ? 11.672  -8.739  0.863   1.00 22.40  ? 35  SER A N   1 
ATOM   283  C CA  . SER A 1 36  ? 11.235  -9.570  -0.252  1.00 21.81  ? 35  SER A CA  1 
ATOM   284  C C   . SER A 1 36  ? 11.797  -9.027  -1.571  1.00 21.80  ? 35  SER A C   1 
ATOM   285  O O   . SER A 1 36  ? 12.136  -9.790  -2.479  1.00 21.09  ? 35  SER A O   1 
ATOM   286  C CB  . SER A 1 36  ? 9.701   -9.580  -0.309  1.00 21.13  ? 35  SER A CB  1 
ATOM   287  O OG  . SER A 1 36  ? 9.140   -10.042 0.914   1.00 24.29  ? 35  SER A OG  1 
ATOM   288  N N   . HIS A 1 37  ? 11.899  -7.702  -1.664  1.00 21.13  ? 36  HIS A N   1 
ATOM   289  C CA  . HIS A 1 37  ? 12.390  -7.038  -2.872  1.00 21.61  ? 36  HIS A CA  1 
ATOM   290  C C   . HIS A 1 37  ? 13.349  -5.889  -2.542  1.00 21.22  ? 36  HIS A C   1 
ATOM   291  O O   . HIS A 1 37  ? 12.978  -4.721  -2.613  1.00 19.42  ? 36  HIS A O   1 
ATOM   292  C CB  . HIS A 1 37  ? 11.191  -6.516  -3.677  1.00 20.11  ? 36  HIS A CB  1 
ATOM   293  C CG  . HIS A 1 37  ? 10.206  -7.585  -4.042  1.00 21.22  ? 36  HIS A CG  1 
ATOM   294  N ND1 . HIS A 1 37  ? 10.453  -8.521  -5.024  1.00 22.14  ? 36  HIS A ND1 1 
ATOM   295  C CD2 . HIS A 1 37  ? 9.009   -7.919  -3.500  1.00 22.44  ? 36  HIS A CD2 1 
ATOM   296  C CE1 . HIS A 1 37  ? 9.455   -9.386  -5.068  1.00 19.77  ? 36  HIS A CE1 1 
ATOM   297  N NE2 . HIS A 1 37  ? 8.567   -9.044  -4.152  1.00 21.60  ? 36  HIS A NE2 1 
ATOM   298  N N   . PRO A 1 38  ? 14.606  -6.216  -2.202  1.00 22.85  ? 37  PRO A N   1 
ATOM   299  C CA  . PRO A 1 38  ? 15.633  -5.224  -1.851  1.00 24.30  ? 37  PRO A CA  1 
ATOM   300  C C   . PRO A 1 38  ? 15.880  -4.089  -2.847  1.00 25.22  ? 37  PRO A C   1 
ATOM   301  O O   . PRO A 1 38  ? 16.308  -3.007  -2.453  1.00 27.30  ? 37  PRO A O   1 
ATOM   302  C CB  . PRO A 1 38  ? 16.881  -6.080  -1.630  1.00 22.98  ? 37  PRO A CB  1 
ATOM   303  C CG  . PRO A 1 38  ? 16.328  -7.382  -1.155  1.00 24.39  ? 37  PRO A CG  1 
ATOM   304  C CD  . PRO A 1 38  ? 15.143  -7.583  -2.082  1.00 22.76  ? 37  PRO A CD  1 
ATOM   305  N N   . GLU A 1 39  ? 15.613  -4.323  -4.128  1.00 27.00  ? 38  GLU A N   1 
ATOM   306  C CA  . GLU A 1 39  ? 15.827  -3.287  -5.136  1.00 28.11  ? 38  GLU A CA  1 
ATOM   307  C C   . GLU A 1 39  ? 14.898  -2.109  -4.905  1.00 28.55  ? 38  GLU A C   1 
ATOM   308  O O   . GLU A 1 39  ? 15.220  -0.970  -5.247  1.00 30.56  ? 38  GLU A O   1 
ATOM   309  C CB  . GLU A 1 39  ? 15.580  -3.830  -6.546  1.00 29.59  ? 38  GLU A CB  1 
ATOM   310  C CG  . GLU A 1 39  ? 14.123  -4.145  -6.837  1.00 30.37  ? 38  GLU A CG  1 
ATOM   311  C CD  . GLU A 1 39  ? 13.729  -5.557  -6.456  1.00 29.82  ? 38  GLU A CD  1 
ATOM   312  O OE1 . GLU A 1 39  ? 14.274  -6.094  -5.464  1.00 27.82  ? 38  GLU A OE1 1 
ATOM   313  O OE2 . GLU A 1 39  ? 12.856  -6.124  -7.151  1.00 29.70  ? 38  GLU A OE2 1 
ATOM   314  N N   . THR A 1 40  ? 13.732  -2.385  -4.340  1.00 27.96  ? 39  THR A N   1 
ATOM   315  C CA  . THR A 1 40  ? 12.762  -1.336  -4.076  1.00 27.44  ? 39  THR A CA  1 
ATOM   316  C C   . THR A 1 40  ? 13.330  -0.312  -3.098  1.00 27.99  ? 39  THR A C   1 
ATOM   317  O O   . THR A 1 40  ? 12.949  0.852   -3.125  1.00 27.24  ? 39  THR A O   1 
ATOM   318  C CB  . THR A 1 40  ? 11.476  -1.924  -3.484  1.00 27.13  ? 39  THR A CB  1 
ATOM   319  O OG1 . THR A 1 40  ? 11.768  -2.543  -2.223  1.00 25.97  ? 39  THR A OG1 1 
ATOM   320  C CG2 . THR A 1 40  ? 10.890  -2.966  -4.435  1.00 27.91  ? 39  THR A CG2 1 
ATOM   321  N N   . LEU A 1 41  ? 14.250  -0.758  -2.248  1.00 30.47  ? 40  LEU A N   1 
ATOM   322  C CA  . LEU A 1 41  ? 14.878  0.098   -1.239  1.00 32.74  ? 40  LEU A CA  1 
ATOM   323  C C   . LEU A 1 41  ? 15.649  1.267   -1.862  1.00 34.04  ? 40  LEU A C   1 
ATOM   324  O O   . LEU A 1 41  ? 15.764  2.344   -1.270  1.00 33.57  ? 40  LEU A O   1 
ATOM   325  C CB  . LEU A 1 41  ? 15.822  -0.748  -0.371  1.00 33.59  ? 40  LEU A CB  1 
ATOM   326  C CG  . LEU A 1 41  ? 16.486  -0.095  0.839   1.00 32.47  ? 40  LEU A CG  1 
ATOM   327  C CD1 . LEU A 1 41  ? 15.420  0.375   1.821   1.00 33.30  ? 40  LEU A CD1 1 
ATOM   328  C CD2 . LEU A 1 41  ? 17.409  -1.098  1.507   1.00 34.14  ? 40  LEU A CD2 1 
ATOM   329  N N   . GLU A 1 42  ? 16.170  1.039   -3.060  1.00 35.63  ? 41  GLU A N   1 
ATOM   330  C CA  . GLU A 1 42  ? 16.939  2.038   -3.787  1.00 38.43  ? 41  GLU A CA  1 
ATOM   331  C C   . GLU A 1 42  ? 16.129  3.284   -4.125  1.00 39.82  ? 41  GLU A C   1 
ATOM   332  O O   . GLU A 1 42  ? 16.691  4.348   -4.376  1.00 39.04  ? 41  GLU A O   1 
ATOM   333  C CB  . GLU A 1 42  ? 17.466  1.430   -5.081  1.00 39.31  ? 41  GLU A CB  1 
ATOM   334  C CG  . GLU A 1 42  ? 18.144  0.085   -4.888  1.00 40.93  ? 41  GLU A CG  1 
ATOM   335  C CD  . GLU A 1 42  ? 18.471  -0.587  -6.203  1.00 41.99  ? 41  GLU A CD  1 
ATOM   336  O OE1 . GLU A 1 42  ? 18.916  -1.752  -6.184  1.00 43.37  ? 41  GLU A OE1 1 
ATOM   337  O OE2 . GLU A 1 42  ? 18.283  0.054   -7.258  1.00 43.20  ? 41  GLU A OE2 1 
ATOM   338  N N   . LYS A 1 43  ? 14.810  3.152   -4.136  1.00 40.77  ? 42  LYS A N   1 
ATOM   339  C CA  . LYS A 1 43  ? 13.943  4.273   -4.468  1.00 43.00  ? 42  LYS A CA  1 
ATOM   340  C C   . LYS A 1 43  ? 13.718  5.255   -3.311  1.00 43.08  ? 42  LYS A C   1 
ATOM   341  O O   . LYS A 1 43  ? 12.939  6.199   -3.445  1.00 43.32  ? 42  LYS A O   1 
ATOM   342  C CB  . LYS A 1 43  ? 12.590  3.745   -4.969  1.00 45.12  ? 42  LYS A CB  1 
ATOM   343  C CG  . LYS A 1 43  ? 12.591  3.208   -6.403  1.00 46.83  ? 42  LYS A CG  1 
ATOM   344  C CD  . LYS A 1 43  ? 12.561  4.351   -7.419  1.00 49.19  ? 42  LYS A CD  1 
ATOM   345  C CE  . LYS A 1 43  ? 12.357  3.850   -8.846  1.00 50.04  ? 42  LYS A CE  1 
ATOM   346  N NZ  . LYS A 1 43  ? 12.222  4.969   -9.830  1.00 48.51  ? 42  LYS A NZ  1 
ATOM   347  N N   . PHE A 1 44  ? 14.399  5.047   -2.188  1.00 42.29  ? 43  PHE A N   1 
ATOM   348  C CA  . PHE A 1 44  ? 14.219  5.926   -1.027  1.00 42.46  ? 43  PHE A CA  1 
ATOM   349  C C   . PHE A 1 44  ? 15.537  6.469   -0.473  1.00 42.78  ? 43  PHE A C   1 
ATOM   350  O O   . PHE A 1 44  ? 16.154  5.856   0.402   1.00 41.44  ? 43  PHE A O   1 
ATOM   351  C CB  . PHE A 1 44  ? 13.458  5.186   0.085   1.00 41.54  ? 43  PHE A CB  1 
ATOM   352  C CG  . PHE A 1 44  ? 12.136  4.605   -0.357  1.00 40.44  ? 43  PHE A CG  1 
ATOM   353  C CD1 . PHE A 1 44  ? 12.089  3.484   -1.182  1.00 39.12  ? 43  PHE A CD1 1 
ATOM   354  C CD2 . PHE A 1 44  ? 10.938  5.189   0.038   1.00 39.94  ? 43  PHE A CD2 1 
ATOM   355  C CE1 . PHE A 1 44  ? 10.870  2.953   -1.604  1.00 39.68  ? 43  PHE A CE1 1 
ATOM   356  C CE2 . PHE A 1 44  ? 9.715   4.660   -0.381  1.00 41.14  ? 43  PHE A CE2 1 
ATOM   357  C CZ  . PHE A 1 44  ? 9.683   3.544   -1.204  1.00 39.14  ? 43  PHE A CZ  1 
ATOM   358  N N   . ASP A 1 45  ? 15.944  7.634   -0.974  1.00 42.71  ? 44  ASP A N   1 
ATOM   359  C CA  . ASP A 1 45  ? 17.191  8.274   -0.562  1.00 43.71  ? 44  ASP A CA  1 
ATOM   360  C C   . ASP A 1 45  ? 17.349  8.543   0.928   1.00 42.79  ? 44  ASP A C   1 
ATOM   361  O O   . ASP A 1 45  ? 18.473  8.615   1.426   1.00 43.15  ? 44  ASP A O   1 
ATOM   362  C CB  . ASP A 1 45  ? 17.388  9.594   -1.316  1.00 45.75  ? 44  ASP A CB  1 
ATOM   363  C CG  . ASP A 1 45  ? 17.740  9.385   -2.771  1.00 47.86  ? 44  ASP A CG  1 
ATOM   364  O OD1 . ASP A 1 45  ? 18.086  10.373  -3.449  1.00 50.33  ? 44  ASP A OD1 1 
ATOM   365  O OD2 . ASP A 1 45  ? 17.671  8.232   -3.237  1.00 50.02  ? 44  ASP A OD2 1 
ATOM   366  N N   . ARG A 1 46  ? 16.238  8.697   1.642   1.00 41.41  ? 45  ARG A N   1 
ATOM   367  C CA  . ARG A 1 46  ? 16.312  8.979   3.071   1.00 41.16  ? 45  ARG A CA  1 
ATOM   368  C C   . ARG A 1 46  ? 16.628  7.773   3.945   1.00 41.83  ? 45  ARG A C   1 
ATOM   369  O O   . ARG A 1 46  ? 17.104  7.924   5.076   1.00 42.21  ? 45  ARG A O   1 
ATOM   370  C CB  . ARG A 1 46  ? 15.027  9.666   3.538   1.00 38.96  ? 45  ARG A CB  1 
ATOM   371  C CG  . ARG A 1 46  ? 14.966  11.107  3.077   1.00 35.10  ? 45  ARG A CG  1 
ATOM   372  C CD  . ARG A 1 46  ? 13.805  11.857  3.671   1.00 33.91  ? 45  ARG A CD  1 
ATOM   373  N NE  . ARG A 1 46  ? 13.966  13.290  3.449   1.00 33.50  ? 45  ARG A NE  1 
ATOM   374  C CZ  . ARG A 1 46  ? 13.144  14.216  3.924   1.00 34.84  ? 45  ARG A CZ  1 
ATOM   375  N NH1 . ARG A 1 46  ? 12.091  13.860  4.650   1.00 35.68  ? 45  ARG A NH1 1 
ATOM   376  N NH2 . ARG A 1 46  ? 13.387  15.498  3.694   1.00 34.68  ? 45  ARG A NH2 1 
ATOM   377  N N   . PHE A 1 47  ? 16.374  6.576   3.428   1.00 42.56  ? 46  PHE A N   1 
ATOM   378  C CA  . PHE A 1 47  ? 16.674  5.367   4.183   1.00 42.56  ? 46  PHE A CA  1 
ATOM   379  C C   . PHE A 1 47  ? 17.065  4.188   3.295   1.00 42.01  ? 46  PHE A C   1 
ATOM   380  O O   . PHE A 1 47  ? 16.830  3.034   3.645   1.00 43.74  ? 46  PHE A O   1 
ATOM   381  C CB  . PHE A 1 47  ? 15.498  4.984   5.097   1.00 40.56  ? 46  PHE A CB  1 
ATOM   382  C CG  . PHE A 1 47  ? 14.164  4.953   4.407   1.00 39.80  ? 46  PHE A CG  1 
ATOM   383  C CD1 . PHE A 1 47  ? 13.446  6.125   4.197   1.00 39.48  ? 46  PHE A CD1 1 
ATOM   384  C CD2 . PHE A 1 47  ? 13.617  3.749   3.974   1.00 38.64  ? 46  PHE A CD2 1 
ATOM   385  C CE1 . PHE A 1 47  ? 12.201  6.094   3.566   1.00 38.38  ? 46  PHE A CE1 1 
ATOM   386  C CE2 . PHE A 1 47  ? 12.376  3.712   3.343   1.00 37.06  ? 46  PHE A CE2 1 
ATOM   387  C CZ  . PHE A 1 47  ? 11.669  4.885   3.142   1.00 36.54  ? 46  PHE A CZ  1 
ATOM   388  N N   . LYS A 1 48  ? 17.676  4.477   2.151   1.00 41.42  ? 47  LYS A N   1 
ATOM   389  C CA  . LYS A 1 48  ? 18.107  3.419   1.248   1.00 42.07  ? 47  LYS A CA  1 
ATOM   390  C C   . LYS A 1 48  ? 19.397  2.797   1.770   1.00 42.13  ? 47  LYS A C   1 
ATOM   391  O O   . LYS A 1 48  ? 19.888  1.809   1.228   1.00 41.85  ? 47  LYS A O   1 
ATOM   392  C CB  . LYS A 1 48  ? 18.327  3.962   -0.166  1.00 43.30  ? 47  LYS A CB  1 
ATOM   393  C CG  . LYS A 1 48  ? 19.429  5.000   -0.301  1.00 43.70  ? 47  LYS A CG  1 
ATOM   394  C CD  . LYS A 1 48  ? 19.482  5.517   -1.732  1.00 44.46  ? 47  LYS A CD  1 
ATOM   395  C CE  . LYS A 1 48  ? 20.552  6.579   -1.923  1.00 44.38  ? 47  LYS A CE  1 
ATOM   396  N NZ  . LYS A 1 48  ? 20.583  7.061   -3.336  1.00 45.63  ? 47  LYS A NZ  1 
ATOM   397  N N   . HIS A 1 49  ? 19.943  3.387   2.829   1.00 42.53  ? 48  HIS A N   1 
ATOM   398  C CA  . HIS A 1 49  ? 21.166  2.880   3.433   1.00 41.67  ? 48  HIS A CA  1 
ATOM   399  C C   . HIS A 1 49  ? 20.861  1.953   4.606   1.00 40.54  ? 48  HIS A C   1 
ATOM   400  O O   . HIS A 1 49  ? 21.761  1.556   5.349   1.00 41.26  ? 48  HIS A O   1 
ATOM   401  C CB  . HIS A 1 49  ? 22.052  4.040   3.885   1.00 42.39  ? 48  HIS A CB  1 
ATOM   402  C CG  . HIS A 1 49  ? 22.834  4.663   2.770   1.00 43.99  ? 48  HIS A CG  1 
ATOM   403  N ND1 . HIS A 1 49  ? 23.797  3.975   2.063   1.00 43.49  ? 48  HIS A ND1 1 
ATOM   404  C CD2 . HIS A 1 49  ? 22.792  5.907   2.236   1.00 43.47  ? 48  HIS A CD2 1 
ATOM   405  C CE1 . HIS A 1 49  ? 24.313  4.768   1.141   1.00 44.19  ? 48  HIS A CE1 1 
ATOM   406  N NE2 . HIS A 1 49  ? 23.721  5.946   1.226   1.00 44.58  ? 48  HIS A NE2 1 
ATOM   407  N N   . LEU A 1 50  ? 19.586  1.615   4.765   1.00 38.93  ? 49  LEU A N   1 
ATOM   408  C CA  . LEU A 1 50  ? 19.161  0.708   5.825   1.00 38.82  ? 49  LEU A CA  1 
ATOM   409  C C   . LEU A 1 50  ? 19.363  -0.709  5.306   1.00 39.31  ? 49  LEU A C   1 
ATOM   410  O O   . LEU A 1 50  ? 18.914  -1.037  4.207   1.00 38.61  ? 49  LEU A O   1 
ATOM   411  C CB  . LEU A 1 50  ? 17.682  0.928   6.162   1.00 38.37  ? 49  LEU A CB  1 
ATOM   412  C CG  . LEU A 1 50  ? 17.306  2.286   6.755   1.00 37.17  ? 49  LEU A CG  1 
ATOM   413  C CD1 . LEU A 1 50  ? 15.816  2.333   7.008   1.00 36.43  ? 49  LEU A CD1 1 
ATOM   414  C CD2 . LEU A 1 50  ? 18.080  2.516   8.038   1.00 35.42  ? 49  LEU A CD2 1 
ATOM   415  N N   . LYS A 1 51  ? 20.042  -1.542  6.096   1.00 40.58  ? 50  LYS A N   1 
ATOM   416  C CA  . LYS A 1 51  ? 20.317  -2.923  5.705   1.00 41.06  ? 50  LYS A CA  1 
ATOM   417  C C   . LYS A 1 51  ? 19.632  -3.980  6.563   1.00 40.02  ? 50  LYS A C   1 
ATOM   418  O O   . LYS A 1 51  ? 19.050  -4.925  6.037   1.00 42.46  ? 50  LYS A O   1 
ATOM   419  C CB  . LYS A 1 51  ? 21.823  -3.176  5.714   1.00 43.55  ? 50  LYS A CB  1 
ATOM   420  C CG  . LYS A 1 51  ? 22.577  -2.457  4.612   1.00 47.45  ? 50  LYS A CG  1 
ATOM   421  C CD  . LYS A 1 51  ? 24.077  -2.684  4.726   1.00 50.29  ? 50  LYS A CD  1 
ATOM   422  C CE  . LYS A 1 51  ? 24.693  -1.855  5.848   1.00 52.67  ? 50  LYS A CE  1 
ATOM   423  N NZ  . LYS A 1 51  ? 24.115  -2.160  7.185   1.00 54.57  ? 50  LYS A NZ  1 
ATOM   424  N N   . THR A 1 52  ? 19.703  -3.831  7.880   1.00 37.30  ? 51  THR A N   1 
ATOM   425  C CA  . THR A 1 52  ? 19.086  -4.803  8.771   1.00 34.63  ? 51  THR A CA  1 
ATOM   426  C C   . THR A 1 52  ? 17.683  -4.428  9.207   1.00 32.29  ? 51  THR A C   1 
ATOM   427  O O   . THR A 1 52  ? 17.281  -3.264  9.151   1.00 28.91  ? 51  THR A O   1 
ATOM   428  C CB  . THR A 1 52  ? 19.910  -5.006  10.046  1.00 35.87  ? 51  THR A CB  1 
ATOM   429  O OG1 . THR A 1 52  ? 20.091  -3.741  10.693  1.00 37.30  ? 51  THR A OG1 1 
ATOM   430  C CG2 . THR A 1 52  ? 21.259  -5.621  9.721   1.00 36.48  ? 51  THR A CG2 1 
ATOM   431  N N   . GLU A 1 53  ? 16.945  -5.439  9.652   1.00 30.33  ? 52  GLU A N   1 
ATOM   432  C CA  . GLU A 1 53  ? 15.589  -5.244  10.116  1.00 29.55  ? 52  GLU A CA  1 
ATOM   433  C C   . GLU A 1 53  ? 15.664  -4.358  11.348  1.00 28.11  ? 52  GLU A C   1 
ATOM   434  O O   . GLU A 1 53  ? 14.766  -3.557  11.614  1.00 27.10  ? 52  GLU A O   1 
ATOM   435  C CB  . GLU A 1 53  ? 14.964  -6.589  10.462  1.00 29.64  ? 52  GLU A CB  1 
ATOM   436  C CG  . GLU A 1 53  ? 13.519  -6.512  10.901  1.00 32.25  ? 52  GLU A CG  1 
ATOM   437  C CD  . GLU A 1 53  ? 12.865  -7.879  10.941  1.00 33.44  ? 52  GLU A CD  1 
ATOM   438  O OE1 . GLU A 1 53  ? 11.692  -7.973  11.353  1.00 34.93  ? 52  GLU A OE1 1 
ATOM   439  O OE2 . GLU A 1 53  ? 13.532  -8.860  10.551  1.00 35.61  ? 52  GLU A OE2 1 
ATOM   440  N N   . ALA A 1 54  ? 16.751  -4.505  12.096  1.00 28.21  ? 53  ALA A N   1 
ATOM   441  C CA  . ALA A 1 54  ? 16.961  -3.704  13.296  1.00 27.50  ? 53  ALA A CA  1 
ATOM   442  C C   . ALA A 1 54  ? 17.078  -2.235  12.885  1.00 25.55  ? 53  ALA A C   1 
ATOM   443  O O   . ALA A 1 54  ? 16.420  -1.367  13.461  1.00 27.00  ? 53  ALA A O   1 
ATOM   444  C CB  . ALA A 1 54  ? 18.227  -4.161  14.023  1.00 26.96  ? 53  ALA A CB  1 
ATOM   445  N N   . GLU A 1 55  ? 17.919  -1.968  11.889  1.00 25.46  ? 54  GLU A N   1 
ATOM   446  C CA  . GLU A 1 55  ? 18.110  -0.613  11.379  1.00 26.34  ? 54  GLU A CA  1 
ATOM   447  C C   . GLU A 1 55  ? 16.797  -0.088  10.799  1.00 24.46  ? 54  GLU A C   1 
ATOM   448  O O   . GLU A 1 55  ? 16.524  1.110   10.835  1.00 22.71  ? 54  GLU A O   1 
ATOM   449  C CB  . GLU A 1 55  ? 19.165  -0.597  10.272  1.00 29.39  ? 54  GLU A CB  1 
ATOM   450  C CG  . GLU A 1 55  ? 20.577  -0.878  10.721  1.00 34.51  ? 54  GLU A CG  1 
ATOM   451  C CD  . GLU A 1 55  ? 21.558  -0.870  9.561   1.00 37.29  ? 54  GLU A CD  1 
ATOM   452  O OE1 . GLU A 1 55  ? 21.116  -0.709  8.405   1.00 38.94  ? 54  GLU A OE1 1 
ATOM   453  O OE2 . GLU A 1 55  ? 22.774  -1.033  9.801   1.00 41.27  ? 54  GLU A OE2 1 
ATOM   454  N N   . MET A 1 56  ? 15.996  -0.996  10.247  1.00 23.96  ? 55  MET A N   1 
ATOM   455  C CA  . MET A 1 56  ? 14.715  -0.632  9.656   1.00 21.62  ? 55  MET A CA  1 
ATOM   456  C C   . MET A 1 56  ? 13.686  -0.266  10.720  1.00 22.06  ? 55  MET A C   1 
ATOM   457  O O   . MET A 1 56  ? 12.937  0.707   10.567  1.00 20.00  ? 55  MET A O   1 
ATOM   458  C CB  . MET A 1 56  ? 14.197  -1.776  8.773   1.00 20.88  ? 55  MET A CB  1 
ATOM   459  C CG  . MET A 1 56  ? 14.941  -1.912  7.438   1.00 19.10  ? 55  MET A CG  1 
ATOM   460  S SD  . MET A 1 56  ? 14.303  -3.214  6.358   1.00 19.94  ? 55  MET A SD  1 
ATOM   461  C CE  . MET A 1 56  ? 15.762  -3.597  5.416   1.00 21.75  ? 55  MET A CE  1 
ATOM   462  N N   . LYS A 1 57  ? 13.659  -1.031  11.809  1.00 22.22  ? 56  LYS A N   1 
ATOM   463  C CA  . LYS A 1 57  ? 12.708  -0.774  12.888  1.00 22.97  ? 56  LYS A CA  1 
ATOM   464  C C   . LYS A 1 57  ? 13.058  0.492   13.650  1.00 22.19  ? 56  LYS A C   1 
ATOM   465  O O   . LYS A 1 57  ? 12.189  1.141   14.232  1.00 22.96  ? 56  LYS A O   1 
ATOM   466  C CB  . LYS A 1 57  ? 12.661  -1.960  13.855  1.00 25.37  ? 56  LYS A CB  1 
ATOM   467  C CG  . LYS A 1 57  ? 12.046  -3.211  13.259  1.00 28.14  ? 56  LYS A CG  1 
ATOM   468  C CD  . LYS A 1 57  ? 12.118  -4.389  14.215  1.00 31.80  ? 56  LYS A CD  1 
ATOM   469  C CE  . LYS A 1 57  ? 11.581  -5.658  13.567  1.00 34.56  ? 56  LYS A CE  1 
ATOM   470  N NZ  . LYS A 1 57  ? 11.697  -6.852  14.459  1.00 37.12  ? 56  LYS A NZ  1 
ATOM   471  N N   . ALA A 1 58  ? 14.335  0.850   13.633  1.00 22.56  ? 57  ALA A N   1 
ATOM   472  C CA  . ALA A 1 58  ? 14.797  2.041   14.335  1.00 23.13  ? 57  ALA A CA  1 
ATOM   473  C C   . ALA A 1 58  ? 14.715  3.293   13.471  1.00 22.16  ? 57  ALA A C   1 
ATOM   474  O O   . ALA A 1 58  ? 14.874  4.404   13.972  1.00 24.12  ? 57  ALA A O   1 
ATOM   475  C CB  . ALA A 1 58  ? 16.237  1.836   14.817  1.00 22.64  ? 57  ALA A CB  1 
ATOM   476  N N   . SER A 1 59  ? 14.463  3.115   12.177  1.00 20.13  ? 58  SER A N   1 
ATOM   477  C CA  . SER A 1 59  ? 14.382  4.241   11.254  1.00 19.86  ? 58  SER A CA  1 
ATOM   478  C C   . SER A 1 59  ? 13.120  5.091   11.423  1.00 20.02  ? 58  SER A C   1 
ATOM   479  O O   . SER A 1 59  ? 11.996  4.583   11.357  1.00 19.28  ? 58  SER A O   1 
ATOM   480  C CB  . SER A 1 59  ? 14.476  3.739   9.808   1.00 20.46  ? 58  SER A CB  1 
ATOM   481  O OG  . SER A 1 59  ? 14.439  4.819   8.887   1.00 19.18  ? 58  SER A OG  1 
ATOM   482  N N   . GLU A 1 60  ? 13.314  6.390   11.646  1.00 19.22  ? 59  GLU A N   1 
ATOM   483  C CA  . GLU A 1 60  ? 12.199  7.317   11.806  1.00 19.64  ? 59  GLU A CA  1 
ATOM   484  C C   . GLU A 1 60  ? 11.659  7.638   10.410  1.00 16.56  ? 59  GLU A C   1 
ATOM   485  O O   . GLU A 1 60  ? 10.460  7.841   10.225  1.00 14.89  ? 59  GLU A O   1 
ATOM   486  C CB  . GLU A 1 60  ? 12.675  8.589   12.512  1.00 22.52  ? 59  GLU A CB  1 
ATOM   487  C CG  . GLU A 1 60  ? 11.598  9.624   12.805  1.00 29.47  ? 59  GLU A CG  1 
ATOM   488  C CD  . GLU A 1 60  ? 10.481  9.095   13.689  1.00 35.26  ? 59  GLU A CD  1 
ATOM   489  O OE1 . GLU A 1 60  ? 10.767  8.311   14.621  1.00 36.12  ? 59  GLU A OE1 1 
ATOM   490  O OE2 . GLU A 1 60  ? 9.311   9.476   13.458  1.00 38.31  ? 59  GLU A OE2 1 
ATOM   491  N N   . ASP A 1 61  ? 12.549  7.672   9.427   1.00 15.36  ? 60  ASP A N   1 
ATOM   492  C CA  . ASP A 1 61  ? 12.133  7.944   8.050   1.00 15.88  ? 60  ASP A CA  1 
ATOM   493  C C   . ASP A 1 61  ? 11.194  6.858   7.518   1.00 12.74  ? 60  ASP A C   1 
ATOM   494  O O   . ASP A 1 61  ? 10.182  7.158   6.890   1.00 12.69  ? 60  ASP A O   1 
ATOM   495  C CB  . ASP A 1 61  ? 13.347  8.065   7.127   1.00 15.12  ? 60  ASP A CB  1 
ATOM   496  C CG  . ASP A 1 61  ? 14.009  9.437   7.206   1.00 19.03  ? 60  ASP A CG  1 
ATOM   497  O OD1 . ASP A 1 61  ? 13.299  10.449  7.024   1.00 21.62  ? 60  ASP A OD1 1 
ATOM   498  O OD2 . ASP A 1 61  ? 15.235  9.511   7.447   1.00 20.98  ? 60  ASP A OD2 1 
ATOM   499  N N   . LEU A 1 62  ? 11.537  5.602   7.773   1.00 12.81  ? 61  LEU A N   1 
ATOM   500  C CA  . LEU A 1 62  ? 10.724  4.479   7.319   1.00 12.61  ? 61  LEU A CA  1 
ATOM   501  C C   . LEU A 1 62  ? 9.394   4.494   8.064   1.00 11.56  ? 61  LEU A C   1 
ATOM   502  O O   . LEU A 1 62  ? 8.340   4.308   7.468   1.00 12.72  ? 61  LEU A O   1 
ATOM   503  C CB  . LEU A 1 62  ? 11.472  3.153   7.555   1.00 9.15   ? 61  LEU A CB  1 
ATOM   504  C CG  . LEU A 1 62  ? 10.861  1.842   7.029   1.00 11.10  ? 61  LEU A CG  1 
ATOM   505  C CD1 . LEU A 1 62  ? 11.974  0.838   6.760   1.00 11.13  ? 61  LEU A CD1 1 
ATOM   506  C CD2 . LEU A 1 62  ? 9.853   1.259   8.007   1.00 9.38   ? 61  LEU A CD2 1 
ATOM   507  N N   . LYS A 1 63  ? 9.444   4.724   9.371   1.00 14.08  ? 62  LYS A N   1 
ATOM   508  C CA  . LYS A 1 63  ? 8.224   4.760   10.165  1.00 14.98  ? 62  LYS A CA  1 
ATOM   509  C C   . LYS A 1 63  ? 7.284   5.829   9.631   1.00 15.03  ? 62  LYS A C   1 
ATOM   510  O O   . LYS A 1 63  ? 6.117   5.554   9.382   1.00 15.29  ? 62  LYS A O   1 
ATOM   511  C CB  . LYS A 1 63  ? 8.538   5.052   11.634  1.00 15.80  ? 62  LYS A CB  1 
ATOM   512  C CG  . LYS A 1 63  ? 7.361   4.782   12.586  1.00 20.49  ? 62  LYS A CG  1 
ATOM   513  C CD  . LYS A 1 63  ? 7.730   5.099   14.040  1.00 24.12  ? 62  LYS A CD  1 
ATOM   514  C CE  . LYS A 1 63  ? 6.637   4.646   15.005  1.00 30.68  ? 62  LYS A CE  1 
ATOM   515  N NZ  . LYS A 1 63  ? 6.936   4.977   16.439  1.00 35.74  ? 62  LYS A NZ  1 
ATOM   516  N N   . LYS A 1 64  ? 7.797   7.046   9.467   1.00 15.27  ? 63  LYS A N   1 
ATOM   517  C CA  . LYS A 1 64  ? 6.993   8.162   8.971   1.00 17.68  ? 63  LYS A CA  1 
ATOM   518  C C   . LYS A 1 64  ? 6.475   7.877   7.571   1.00 18.17  ? 63  LYS A C   1 
ATOM   519  O O   . LYS A 1 64  ? 5.340   8.223   7.231   1.00 19.87  ? 63  LYS A O   1 
ATOM   520  C CB  . LYS A 1 64  ? 7.817   9.451   8.953   1.00 20.14  ? 63  LYS A CB  1 
ATOM   521  C CG  . LYS A 1 64  ? 8.203   9.968   10.331  1.00 24.05  ? 63  LYS A CG  1 
ATOM   522  C CD  . LYS A 1 64  ? 9.096   11.196  10.213  1.00 30.45  ? 63  LYS A CD  1 
ATOM   523  C CE  . LYS A 1 64  ? 8.407   12.325  9.454   1.00 30.82  ? 63  LYS A CE  1 
ATOM   524  N NZ  . LYS A 1 64  ? 9.327   13.482  9.230   1.00 36.03  ? 63  LYS A NZ  1 
ATOM   525  N N   . HIS A 1 65  ? 7.312   7.252   6.754   1.00 17.16  ? 64  HIS A N   1 
ATOM   526  C CA  . HIS A 1 65  ? 6.907   6.931   5.397   1.00 17.45  ? 64  HIS A CA  1 
ATOM   527  C C   . HIS A 1 65  ? 5.767   5.926   5.424   1.00 15.86  ? 64  HIS A C   1 
ATOM   528  O O   . HIS A 1 65  ? 4.816   6.041   4.660   1.00 16.55  ? 64  HIS A O   1 
ATOM   529  C CB  . HIS A 1 65  ? 8.071   6.350   4.610   1.00 18.37  ? 64  HIS A CB  1 
ATOM   530  C CG  . HIS A 1 65  ? 7.727   6.040   3.191   1.00 20.73  ? 64  HIS A CG  1 
ATOM   531  N ND1 . HIS A 1 65  ? 7.473   7.021   2.257   1.00 22.19  ? 64  HIS A ND1 1 
ATOM   532  C CD2 . HIS A 1 65  ? 7.541   4.859   2.557   1.00 22.53  ? 64  HIS A CD2 1 
ATOM   533  C CE1 . HIS A 1 65  ? 7.143   6.457   1.109   1.00 22.52  ? 64  HIS A CE1 1 
ATOM   534  N NE2 . HIS A 1 65  ? 7.176   5.147   1.264   1.00 21.25  ? 64  HIS A NE2 1 
ATOM   535  N N   . GLY A 1 66  ? 5.872   4.931   6.296   1.00 13.55  ? 65  GLY A N   1 
ATOM   536  C CA  . GLY A 1 66  ? 4.820   3.935   6.391   1.00 15.87  ? 65  GLY A CA  1 
ATOM   537  C C   . GLY A 1 66  ? 3.489   4.577   6.761   1.00 16.46  ? 65  GLY A C   1 
ATOM   538  O O   . GLY A 1 66  ? 2.433   4.217   6.224   1.00 14.68  ? 65  GLY A O   1 
ATOM   539  N N   . VAL A 1 67  ? 3.540   5.540   7.676   1.00 13.39  ? 66  VAL A N   1 
ATOM   540  C CA  . VAL A 1 67  ? 2.340   6.227   8.114   1.00 14.43  ? 66  VAL A CA  1 
ATOM   541  C C   . VAL A 1 67  ? 1.736   7.044   6.979   1.00 16.65  ? 66  VAL A C   1 
ATOM   542  O O   . VAL A 1 67  ? 0.519   7.086   6.827   1.00 17.87  ? 66  VAL A O   1 
ATOM   543  C CB  . VAL A 1 67  ? 2.634   7.145   9.305   1.00 15.38  ? 66  VAL A CB  1 
ATOM   544  C CG1 . VAL A 1 67  ? 1.405   7.998   9.633   1.00 17.85  ? 66  VAL A CG1 1 
ATOM   545  C CG2 . VAL A 1 67  ? 3.023   6.301   10.508  1.00 12.18  ? 66  VAL A CG2 1 
ATOM   546  N N   . THR A 1 68  ? 2.579   7.688   6.177   1.00 15.95  ? 67  THR A N   1 
ATOM   547  C CA  . THR A 1 68  ? 2.076   8.482   5.068   1.00 18.51  ? 67  THR A CA  1 
ATOM   548  C C   . THR A 1 68  ? 1.440   7.597   3.995   1.00 18.36  ? 67  THR A C   1 
ATOM   549  O O   . THR A 1 68  ? 0.384   7.932   3.453   1.00 18.45  ? 67  THR A O   1 
ATOM   550  C CB  . THR A 1 68  ? 3.198   9.343   4.449   1.00 20.14  ? 67  THR A CB  1 
ATOM   551  O OG1 . THR A 1 68  ? 3.707   10.249  5.442   1.00 19.60  ? 67  THR A OG1 1 
ATOM   552  C CG2 . THR A 1 68  ? 2.662   10.147  3.285   1.00 20.99  ? 67  THR A CG2 1 
ATOM   553  N N   . VAL A 1 69  ? 2.072   6.462   3.703   1.00 16.76  ? 68  VAL A N   1 
ATOM   554  C CA  . VAL A 1 69  ? 1.567   5.524   2.700   1.00 18.33  ? 68  VAL A CA  1 
ATOM   555  C C   . VAL A 1 69  ? 0.207   4.939   3.093   1.00 16.88  ? 68  VAL A C   1 
ATOM   556  O O   . VAL A 1 69  ? -0.745  4.939   2.304   1.00 18.08  ? 68  VAL A O   1 
ATOM   557  C CB  . VAL A 1 69  ? 2.559   4.332   2.487   1.00 21.02  ? 68  VAL A CB  1 
ATOM   558  C CG1 . VAL A 1 69  ? 1.932   3.272   1.591   1.00 24.79  ? 68  VAL A CG1 1 
ATOM   559  C CG2 . VAL A 1 69  ? 3.850   4.826   1.866   1.00 23.40  ? 68  VAL A CG2 1 
ATOM   560  N N   . LEU A 1 70  ? 0.123   4.438   4.318   1.00 15.74  ? 69  LEU A N   1 
ATOM   561  C CA  . LEU A 1 70  ? -1.099  3.839   4.819   1.00 14.27  ? 69  LEU A CA  1 
ATOM   562  C C   . LEU A 1 70  ? -2.232  4.848   4.997   1.00 14.96  ? 69  LEU A C   1 
ATOM   563  O O   . LEU A 1 70  ? -3.394  4.526   4.776   1.00 14.56  ? 69  LEU A O   1 
ATOM   564  C CB  . LEU A 1 70  ? -0.816  3.113   6.141   1.00 15.46  ? 69  LEU A CB  1 
ATOM   565  C CG  . LEU A 1 70  ? 0.112   1.891   6.044   1.00 14.05  ? 69  LEU A CG  1 
ATOM   566  C CD1 . LEU A 1 70  ? 0.119   1.158   7.375   1.00 13.89  ? 69  LEU A CD1 1 
ATOM   567  C CD2 . LEU A 1 70  ? -0.370  0.953   4.939   1.00 14.06  ? 69  LEU A CD2 1 
ATOM   568  N N   . THR A 1 71  ? -1.893  6.069   5.393   1.00 16.06  ? 70  THR A N   1 
ATOM   569  C CA  . THR A 1 71  ? -2.890  7.113   5.575   1.00 16.97  ? 70  THR A CA  1 
ATOM   570  C C   . THR A 1 71  ? -3.534  7.444   4.222   1.00 18.17  ? 70  THR A C   1 
ATOM   571  O O   . THR A 1 71  ? -4.753  7.549   4.106   1.00 19.18  ? 70  THR A O   1 
ATOM   572  C CB  . THR A 1 71  ? -2.245  8.389   6.164   1.00 18.79  ? 70  THR A CB  1 
ATOM   573  O OG1 . THR A 1 71  ? -1.679  8.083   7.445   1.00 19.18  ? 70  THR A OG1 1 
ATOM   574  C CG2 . THR A 1 71  ? -3.279  9.495   6.325   1.00 17.72  ? 70  THR A CG2 1 
ATOM   575  N N   . ALA A 1 72  ? -2.704  7.601   3.199   1.00 17.64  ? 71  ALA A N   1 
ATOM   576  C CA  . ALA A 1 72  ? -3.192  7.912   1.858   1.00 18.53  ? 71  ALA A CA  1 
ATOM   577  C C   . ALA A 1 72  ? -4.012  6.744   1.296   1.00 19.70  ? 71  ALA A C   1 
ATOM   578  O O   . ALA A 1 72  ? -4.994  6.949   0.585   1.00 20.11  ? 71  ALA A O   1 
ATOM   579  C CB  . ALA A 1 72  ? -2.014  8.222   0.939   1.00 16.86  ? 71  ALA A CB  1 
ATOM   580  N N   . LEU A 1 73  ? -3.601  5.520   1.618   1.00 20.16  ? 72  LEU A N   1 
ATOM   581  C CA  . LEU A 1 73  ? -4.308  4.333   1.153   1.00 19.17  ? 72  LEU A CA  1 
ATOM   582  C C   . LEU A 1 73  ? -5.643  4.209   1.873   1.00 18.39  ? 72  LEU A C   1 
ATOM   583  O O   . LEU A 1 73  ? -6.671  3.940   1.253   1.00 17.19  ? 72  LEU A O   1 
ATOM   584  C CB  . LEU A 1 73  ? -3.470  3.081   1.414   1.00 20.66  ? 72  LEU A CB  1 
ATOM   585  C CG  . LEU A 1 73  ? -4.125  1.757   1.022   1.00 20.67  ? 72  LEU A CG  1 
ATOM   586  C CD1 . LEU A 1 73  ? -4.523  1.791   -0.448  1.00 22.01  ? 72  LEU A CD1 1 
ATOM   587  C CD2 . LEU A 1 73  ? -3.155  0.614   1.290   1.00 23.40  ? 72  LEU A CD2 1 
ATOM   588  N N   . GLY A 1 74  ? -5.613  4.396   3.188   1.00 19.33  ? 73  GLY A N   1 
ATOM   589  C CA  . GLY A 1 74  ? -6.828  4.323   3.975   1.00 20.17  ? 73  GLY A CA  1 
ATOM   590  C C   . GLY A 1 74  ? -7.878  5.301   3.484   1.00 20.83  ? 73  GLY A C   1 
ATOM   591  O O   . GLY A 1 74  ? -9.075  5.014   3.536   1.00 22.08  ? 73  GLY A O   1 
ATOM   592  N N   . ALA A 1 75  ? -7.433  6.453   2.996   1.00 20.88  ? 74  ALA A N   1 
ATOM   593  C CA  . ALA A 1 75  ? -8.352  7.469   2.499   1.00 22.93  ? 74  ALA A CA  1 
ATOM   594  C C   . ALA A 1 75  ? -8.976  7.061   1.167   1.00 22.16  ? 74  ALA A C   1 
ATOM   595  O O   . ALA A 1 75  ? -10.133 7.371   0.890   1.00 22.27  ? 74  ALA A O   1 
ATOM   596  C CB  . ALA A 1 75  ? -7.623  8.811   2.361   1.00 22.42  ? 74  ALA A CB  1 
ATOM   597  N N   . ILE A 1 76  ? -8.207  6.359   0.344   1.00 23.22  ? 75  ILE A N   1 
ATOM   598  C CA  . ILE A 1 76  ? -8.696  5.905   -0.950  1.00 22.15  ? 75  ILE A CA  1 
ATOM   599  C C   . ILE A 1 76  ? -9.657  4.721   -0.817  1.00 22.41  ? 75  ILE A C   1 
ATOM   600  O O   . ILE A 1 76  ? -10.643 4.622   -1.561  1.00 20.10  ? 75  ILE A O   1 
ATOM   601  C CB  . ILE A 1 76  ? -7.526  5.503   -1.870  1.00 24.60  ? 75  ILE A CB  1 
ATOM   602  C CG1 . ILE A 1 76  ? -6.766  6.759   -2.291  1.00 25.43  ? 75  ILE A CG1 1 
ATOM   603  C CG2 . ILE A 1 76  ? -8.036  4.738   -3.095  1.00 22.21  ? 75  ILE A CG2 1 
ATOM   604  C CD1 . ILE A 1 76  ? -5.574  6.474   -3.158  1.00 26.89  ? 75  ILE A CD1 1 
ATOM   605  N N   . LEU A 1 77  ? -9.372  3.833   0.134   1.00 20.50  ? 76  LEU A N   1 
ATOM   606  C CA  . LEU A 1 77  ? -10.201 2.658   0.362   1.00 20.35  ? 76  LEU A CA  1 
ATOM   607  C C   . LEU A 1 77  ? -11.576 3.041   0.886   1.00 20.60  ? 76  LEU A C   1 
ATOM   608  O O   . LEU A 1 77  ? -12.580 2.407   0.556   1.00 17.59  ? 76  LEU A O   1 
ATOM   609  C CB  . LEU A 1 77  ? -9.524  1.719   1.360   1.00 19.80  ? 76  LEU A CB  1 
ATOM   610  C CG  . LEU A 1 77  ? -8.220  1.063   0.899   1.00 22.45  ? 76  LEU A CG  1 
ATOM   611  C CD1 . LEU A 1 77  ? -7.625  0.232   2.031   1.00 18.26  ? 76  LEU A CD1 1 
ATOM   612  C CD2 . LEU A 1 77  ? -8.499  0.192   -0.325  1.00 23.47  ? 76  LEU A CD2 1 
ATOM   613  N N   . LYS A 1 78  ? -11.621 4.080   1.711   1.00 21.50  ? 77  LYS A N   1 
ATOM   614  C CA  . LYS A 1 78  ? -12.886 4.523   2.279   1.00 23.72  ? 77  LYS A CA  1 
ATOM   615  C C   . LYS A 1 78  ? -13.804 5.101   1.218   1.00 23.31  ? 77  LYS A C   1 
ATOM   616  O O   . LYS A 1 78  ? -14.989 5.288   1.466   1.00 25.00  ? 77  LYS A O   1 
ATOM   617  C CB  . LYS A 1 78  ? -12.639 5.540   3.405   1.00 21.00  ? 77  LYS A CB  1 
ATOM   618  C CG  . LYS A 1 78  ? -12.055 4.891   4.648   1.00 22.20  ? 77  LYS A CG  1 
ATOM   619  C CD  . LYS A 1 78  ? -11.558 5.896   5.671   1.00 22.40  ? 77  LYS A CD  1 
ATOM   620  C CE  . LYS A 1 78  ? -10.642 5.209   6.688   1.00 20.75  ? 77  LYS A CE  1 
ATOM   621  N NZ  . LYS A 1 78  ? -10.192 6.161   7.744   1.00 22.93  ? 77  LYS A NZ  1 
ATOM   622  N N   . LYS A 1 79  ? -13.256 5.367   0.036   1.00 24.43  ? 78  LYS A N   1 
ATOM   623  C CA  . LYS A 1 79  ? -14.045 5.907   -1.070  1.00 24.96  ? 78  LYS A CA  1 
ATOM   624  C C   . LYS A 1 79  ? -14.797 4.780   -1.760  1.00 24.72  ? 78  LYS A C   1 
ATOM   625  O O   . LYS A 1 79  ? -15.727 5.016   -2.539  1.00 23.99  ? 78  LYS A O   1 
ATOM   626  C CB  . LYS A 1 79  ? -13.144 6.629   -2.081  1.00 25.98  ? 78  LYS A CB  1 
ATOM   627  C CG  . LYS A 1 79  ? -12.538 7.931   -1.558  1.00 27.66  ? 78  LYS A CG  1 
ATOM   628  C CD  . LYS A 1 79  ? -13.595 8.812   -0.892  1.00 32.19  ? 78  LYS A CD  1 
ATOM   629  C CE  . LYS A 1 79  ? -14.744 9.173   -1.837  1.00 33.95  ? 78  LYS A CE  1 
ATOM   630  N NZ  . LYS A 1 79  ? -14.332 10.114  -2.917  1.00 38.03  ? 78  LYS A NZ  1 
ATOM   631  N N   . LYS A 1 80  ? -14.380 3.551   -1.471  1.00 23.80  ? 79  LYS A N   1 
ATOM   632  C CA  . LYS A 1 80  ? -15.011 2.368   -2.034  1.00 23.95  ? 79  LYS A CA  1 
ATOM   633  C C   . LYS A 1 80  ? -15.180 2.424   -3.546  1.00 24.81  ? 79  LYS A C   1 
ATOM   634  O O   . LYS A 1 80  ? -16.225 2.050   -4.071  1.00 25.65  ? 79  LYS A O   1 
ATOM   635  C CB  . LYS A 1 80  ? -16.373 2.149   -1.377  1.00 22.09  ? 79  LYS A CB  1 
ATOM   636  C CG  . LYS A 1 80  ? -16.288 1.955   0.130   1.00 23.64  ? 79  LYS A CG  1 
ATOM   637  C CD  . LYS A 1 80  ? -17.642 1.647   0.753   1.00 23.03  ? 79  LYS A CD  1 
ATOM   638  C CE  . LYS A 1 80  ? -18.539 2.867   0.769   1.00 25.30  ? 79  LYS A CE  1 
ATOM   639  N NZ  . LYS A 1 80  ? -19.809 2.592   1.507   1.00 26.29  ? 79  LYS A NZ  1 
ATOM   640  N N   . GLY A 1 81  ? -14.156 2.894   -4.249  1.00 25.70  ? 80  GLY A N   1 
ATOM   641  C CA  . GLY A 1 81  ? -14.252 2.950   -5.697  1.00 29.23  ? 80  GLY A CA  1 
ATOM   642  C C   . GLY A 1 81  ? -14.322 4.334   -6.311  1.00 30.29  ? 80  GLY A C   1 
ATOM   643  O O   . GLY A 1 81  ? -13.825 4.539   -7.413  1.00 31.12  ? 80  GLY A O   1 
ATOM   644  N N   . HIS A 1 82  ? -14.949 5.283   -5.623  1.00 32.27  ? 81  HIS A N   1 
ATOM   645  C CA  . HIS A 1 82  ? -15.045 6.647   -6.143  1.00 35.03  ? 81  HIS A CA  1 
ATOM   646  C C   . HIS A 1 82  ? -13.918 7.442   -5.505  1.00 34.94  ? 81  HIS A C   1 
ATOM   647  O O   . HIS A 1 82  ? -14.149 8.346   -4.709  1.00 35.25  ? 81  HIS A O   1 
ATOM   648  C CB  . HIS A 1 82  ? -16.397 7.256   -5.778  1.00 37.62  ? 81  HIS A CB  1 
ATOM   649  C CG  . HIS A 1 82  ? -17.556 6.358   -6.075  1.00 42.11  ? 81  HIS A CG  1 
ATOM   650  N ND1 . HIS A 1 82  ? -17.859 5.256   -5.306  1.00 43.30  ? 81  HIS A ND1 1 
ATOM   651  C CD2 . HIS A 1 82  ? -18.457 6.370   -7.087  1.00 44.37  ? 81  HIS A CD2 1 
ATOM   652  C CE1 . HIS A 1 82  ? -18.894 4.626   -5.830  1.00 44.35  ? 81  HIS A CE1 1 
ATOM   653  N NE2 . HIS A 1 82  ? -19.275 5.280   -6.912  1.00 45.65  ? 81  HIS A NE2 1 
ATOM   654  N N   . HIS A 1 83  ? -12.694 7.094   -5.876  1.00 36.26  ? 82  HIS A N   1 
ATOM   655  C CA  . HIS A 1 83  ? -11.501 7.712   -5.317  1.00 38.16  ? 82  HIS A CA  1 
ATOM   656  C C   . HIS A 1 83  ? -10.703 8.530   -6.322  1.00 40.15  ? 82  HIS A C   1 
ATOM   657  O O   . HIS A 1 83  ? -9.503  8.730   -6.147  1.00 40.00  ? 82  HIS A O   1 
ATOM   658  C CB  . HIS A 1 83  ? -10.615 6.608   -4.749  1.00 37.03  ? 82  HIS A CB  1 
ATOM   659  C CG  . HIS A 1 83  ? -10.321 5.516   -5.732  1.00 37.30  ? 82  HIS A CG  1 
ATOM   660  N ND1 . HIS A 1 83  ? -10.282 4.185   -5.379  1.00 37.88  ? 82  HIS A ND1 1 
ATOM   661  C CD2 . HIS A 1 83  ? -10.040 5.561   -7.056  1.00 37.14  ? 82  HIS A CD2 1 
ATOM   662  C CE1 . HIS A 1 83  ? -9.990  3.457   -6.442  1.00 38.03  ? 82  HIS A CE1 1 
ATOM   663  N NE2 . HIS A 1 83  ? -9.838  4.268   -7.473  1.00 37.36  ? 82  HIS A NE2 1 
ATOM   664  N N   . GLU A 1 84  ? -11.364 8.998   -7.371  1.00 42.08  ? 83  GLU A N   1 
ATOM   665  C CA  . GLU A 1 84  ? -10.683 9.772   -8.396  1.00 44.76  ? 83  GLU A CA  1 
ATOM   666  C C   . GLU A 1 84  ? -9.940  10.969  -7.795  1.00 44.89  ? 83  GLU A C   1 
ATOM   667  O O   . GLU A 1 84  ? -8.747  11.155  -8.040  1.00 45.07  ? 83  GLU A O   1 
ATOM   668  C CB  . GLU A 1 84  ? -11.698 10.227  -9.456  1.00 45.97  ? 83  GLU A CB  1 
ATOM   669  C CG  . GLU A 1 84  ? -11.131 10.342  -10.868 1.00 49.56  ? 83  GLU A CG  1 
ATOM   670  C CD  . GLU A 1 84  ? -10.539 11.707  -11.151 1.00 51.20  ? 83  GLU A CD  1 
ATOM   671  O OE1 . GLU A 1 84  ? -9.775  11.840  -12.134 1.00 50.59  ? 83  GLU A OE1 1 
ATOM   672  O OE2 . GLU A 1 84  ? -10.851 12.651  -10.394 1.00 52.87  ? 83  GLU A OE2 1 
ATOM   673  N N   . ALA A 1 85  ? -10.641 11.759  -6.989  1.00 45.67  ? 84  ALA A N   1 
ATOM   674  C CA  . ALA A 1 85  ? -10.057 12.943  -6.362  1.00 46.63  ? 84  ALA A CA  1 
ATOM   675  C C   . ALA A 1 85  ? -8.885  12.621  -5.442  1.00 47.36  ? 84  ALA A C   1 
ATOM   676  O O   . ALA A 1 85  ? -7.959  13.424  -5.308  1.00 48.43  ? 84  ALA A O   1 
ATOM   677  C CB  . ALA A 1 85  ? -11.131 13.704  -5.588  1.00 46.41  ? 84  ALA A CB  1 
ATOM   678  N N   . GLU A 1 86  ? -8.922  11.455  -4.804  1.00 46.49  ? 85  GLU A N   1 
ATOM   679  C CA  . GLU A 1 86  ? -7.849  11.051  -3.898  1.00 46.86  ? 85  GLU A CA  1 
ATOM   680  C C   . GLU A 1 86  ? -6.796  10.226  -4.633  1.00 47.58  ? 85  GLU A C   1 
ATOM   681  O O   . GLU A 1 86  ? -5.945  9.607   -4.003  1.00 47.57  ? 85  GLU A O   1 
ATOM   682  C CB  . GLU A 1 86  ? -8.391  10.211  -2.730  1.00 45.05  ? 85  GLU A CB  1 
ATOM   683  C CG  . GLU A 1 86  ? -9.381  10.911  -1.796  1.00 43.69  ? 85  GLU A CG  1 
ATOM   684  C CD  . GLU A 1 86  ? -10.786 11.014  -2.371  1.00 42.40  ? 85  GLU A CD  1 
ATOM   685  O OE1 . GLU A 1 86  ? -11.688 11.509  -1.663  1.00 41.49  ? 85  GLU A OE1 1 
ATOM   686  O OE2 . GLU A 1 86  ? -10.992 10.597  -3.530  1.00 41.67  ? 85  GLU A OE2 1 
ATOM   687  N N   . LEU A 1 87  ? -6.848  10.232  -5.962  1.00 49.15  ? 86  LEU A N   1 
ATOM   688  C CA  . LEU A 1 87  ? -5.905  9.463   -6.767  1.00 50.17  ? 86  LEU A CA  1 
ATOM   689  C C   . LEU A 1 87  ? -5.139  10.256  -7.828  1.00 51.54  ? 86  LEU A C   1 
ATOM   690  O O   . LEU A 1 87  ? -3.945  10.024  -8.035  1.00 51.41  ? 86  LEU A O   1 
ATOM   691  C CB  . LEU A 1 87  ? -6.654  8.274   -7.390  1.00 49.36  ? 86  LEU A CB  1 
ATOM   692  C CG  . LEU A 1 87  ? -5.866  7.188   -8.121  1.00 48.69  ? 86  LEU A CG  1 
ATOM   693  C CD1 . LEU A 1 87  ? -6.664  5.891   -8.140  1.00 48.04  ? 86  LEU A CD1 1 
ATOM   694  C CD2 . LEU A 1 87  ? -5.550  7.649   -9.529  1.00 49.22  ? 86  LEU A CD2 1 
ATOM   695  N N   . LYS A 1 88  ? -5.828  11.171  -8.509  1.00 52.85  ? 87  LYS A N   1 
ATOM   696  C CA  . LYS A 1 88  ? -5.191  12.007  -9.536  1.00 54.63  ? 87  LYS A CA  1 
ATOM   697  C C   . LYS A 1 88  ? -3.810  12.462  -9.044  1.00 55.63  ? 87  LYS A C   1 
ATOM   698  O O   . LYS A 1 88  ? -2.842  12.467  -9.805  1.00 55.75  ? 87  LYS A O   1 
ATOM   699  C CB  . LYS A 1 88  ? -6.046  13.245  -9.859  1.00 53.91  ? 87  LYS A CB  1 
ATOM   700  C CG  . LYS A 1 88  ? -5.419  14.194  -10.866 1.00 53.15  ? 87  LYS A CG  1 
ATOM   701  C CD  . LYS A 1 88  ? -6.330  15.384  -11.107 0.00 53.40  ? 87  LYS A CD  1 
ATOM   702  C CE  . LYS A 1 88  ? -5.777  16.341  -12.153 0.00 53.35  ? 87  LYS A CE  1 
ATOM   703  N NZ  . LYS A 1 88  ? -6.698  17.498  -12.361 0.00 53.30  ? 87  LYS A NZ  1 
ATOM   704  N N   . PRO A 1 89  ? -3.706  12.841  -7.756  1.00 56.41  ? 88  PRO A N   1 
ATOM   705  C CA  . PRO A 1 89  ? -2.465  13.297  -7.113  1.00 56.58  ? 88  PRO A CA  1 
ATOM   706  C C   . PRO A 1 89  ? -1.495  12.162  -6.727  1.00 57.10  ? 88  PRO A C   1 
ATOM   707  O O   . PRO A 1 89  ? -0.284  12.296  -6.933  1.00 56.74  ? 88  PRO A O   1 
ATOM   708  C CB  . PRO A 1 89  ? -2.980  14.073  -5.903  1.00 56.46  ? 88  PRO A CB  1 
ATOM   709  C CG  . PRO A 1 89  ? -4.271  13.360  -5.576  1.00 56.82  ? 88  PRO A CG  1 
ATOM   710  C CD  . PRO A 1 89  ? -4.872  13.214  -6.932  1.00 56.38  ? 88  PRO A CD  1 
ATOM   711  N N   . LEU A 1 90  ? -2.012  11.055  -6.183  1.00 57.26  ? 89  LEU A N   1 
ATOM   712  C CA  . LEU A 1 90  ? -1.160  9.917   -5.806  1.00 58.06  ? 89  LEU A CA  1 
ATOM   713  C C   . LEU A 1 90  ? -0.443  9.434   -7.071  1.00 58.57  ? 89  LEU A C   1 
ATOM   714  O O   . LEU A 1 90  ? 0.513   8.656   -7.002  1.00 58.23  ? 89  LEU A O   1 
ATOM   715  C CB  . LEU A 1 90  ? -2.005  8.772   -5.214  0.00 57.90  ? 89  LEU A CB  1 
ATOM   716  C CG  . LEU A 1 90  ? -1.312  7.562   -4.563  0.00 57.83  ? 89  LEU A CG  1 
ATOM   717  C CD1 . LEU A 1 90  ? -2.325  6.773   -3.751  0.00 57.77  ? 89  LEU A CD1 1 
ATOM   718  C CD2 . LEU A 1 90  ? -0.671  6.668   -5.614  0.00 57.77  ? 89  LEU A CD2 1 
ATOM   719  N N   . ALA A 1 91  ? -0.911  9.929   -8.216  1.00 58.92  ? 90  ALA A N   1 
ATOM   720  C CA  . ALA A 1 91  ? -0.369  9.581   -9.522  1.00 59.70  ? 90  ALA A CA  1 
ATOM   721  C C   . ALA A 1 91  ? 0.655   10.592  -10.022 1.00 60.99  ? 90  ALA A C   1 
ATOM   722  O O   . ALA A 1 91  ? 1.832   10.267  -10.155 1.00 60.94  ? 90  ALA A O   1 
ATOM   723  C CB  . ALA A 1 91  ? -1.505  9.447   -10.527 1.00 59.04  ? 90  ALA A CB  1 
ATOM   724  N N   . GLN A 1 92  ? 0.202   11.812  -10.307 1.00 62.13  ? 91  GLN A N   1 
ATOM   725  C CA  . GLN A 1 92  ? 1.084   12.871  -10.802 1.00 63.06  ? 91  GLN A CA  1 
ATOM   726  C C   . GLN A 1 92  ? 2.430   12.826  -10.091 1.00 64.41  ? 91  GLN A C   1 
ATOM   727  O O   . GLN A 1 92  ? 3.463   13.161  -10.674 1.00 65.24  ? 91  GLN A O   1 
ATOM   728  C CB  . GLN A 1 92  ? 0.441   14.244  -10.597 1.00 61.84  ? 91  GLN A CB  1 
ATOM   729  C CG  . GLN A 1 92  ? 1.379   15.420  -10.843 1.00 61.81  ? 91  GLN A CG  1 
ATOM   730  C CD  . GLN A 1 92  ? 1.957   15.460  -12.249 0.00 61.56  ? 91  GLN A CD  1 
ATOM   731  O OE1 . GLN A 1 92  ? 2.830   16.276  -12.544 0.00 61.48  ? 91  GLN A OE1 1 
ATOM   732  N NE2 . GLN A 1 92  ? 1.470   14.583  -13.121 0.00 61.48  ? 91  GLN A NE2 1 
ATOM   733  N N   . SER A 1 93  ? 2.401   12.406  -8.830  1.00 65.14  ? 92  SER A N   1 
ATOM   734  C CA  . SER A 1 93  ? 3.594   12.276  -8.002  1.00 66.07  ? 92  SER A CA  1 
ATOM   735  C C   . SER A 1 93  ? 4.538   11.180  -8.521  1.00 67.00  ? 92  SER A C   1 
ATOM   736  O O   . SER A 1 93  ? 5.465   11.449  -9.267  1.00 67.19  ? 92  SER A O   1 
ATOM   737  C CB  . SER A 1 93  ? 3.160   11.960  -6.559  1.00 66.41  ? 92  SER A CB  1 
ATOM   738  O OG  . SER A 1 93  ? 4.245   11.529  -5.754  1.00 67.03  ? 92  SER A OG  1 
ATOM   739  N N   . HIS A 1 94  ? 4.269   9.945   -8.097  1.00 67.86  ? 93  HIS A N   1 
ATOM   740  C CA  . HIS A 1 94  ? 5.031   8.727   -8.424  1.00 68.75  ? 93  HIS A CA  1 
ATOM   741  C C   . HIS A 1 94  ? 5.229   8.507   -9.908  1.00 68.77  ? 93  HIS A C   1 
ATOM   742  O O   . HIS A 1 94  ? 5.915   7.565   -10.337 1.00 68.96  ? 93  HIS A O   1 
ATOM   743  C CB  . HIS A 1 94  ? 4.351   7.539   -7.708  1.00 68.76  ? 93  HIS A CB  1 
ATOM   744  C CG  . HIS A 1 94  ? 4.231   7.781   -6.242  1.00 69.23  ? 93  HIS A CG  1 
ATOM   745  N ND1 . HIS A 1 94  ? 3.481   8.822   -5.740  1.00 69.62  ? 93  HIS A ND1 1 
ATOM   746  C CD2 . HIS A 1 94  ? 4.917   7.269   -5.194  1.00 69.15  ? 93  HIS A CD2 1 
ATOM   747  C CE1 . HIS A 1 94  ? 3.717   8.948   -4.447  1.00 69.66  ? 93  HIS A CE1 1 
ATOM   748  N NE2 . HIS A 1 94  ? 4.587   8.021   -4.092  1.00 68.44  ? 93  HIS A NE2 1 
ATOM   749  N N   . ALA A 1 95  ? 4.628   9.393   -10.686 1.00 68.91  ? 94  ALA A N   1 
ATOM   750  C CA  . ALA A 1 95  ? 4.765   9.318   -12.112 1.00 69.44  ? 94  ALA A CA  1 
ATOM   751  C C   . ALA A 1 95  ? 5.886   10.259  -12.541 1.00 69.72  ? 94  ALA A C   1 
ATOM   752  O O   . ALA A 1 95  ? 6.846   9.857   -13.203 1.00 69.94  ? 94  ALA A O   1 
ATOM   753  C CB  . ALA A 1 95  ? 3.456   9.709   -12.763 1.00 68.94  ? 94  ALA A CB  1 
ATOM   754  N N   . THR A 1 96  ? 5.750   11.520  -12.161 1.00 69.99  ? 95  THR A N   1 
ATOM   755  C CA  . THR A 1 96  ? 6.729   12.522  -12.540 1.00 69.91  ? 95  THR A CA  1 
ATOM   756  C C   . THR A 1 96  ? 7.787   12.826  -11.483 1.00 68.76  ? 95  THR A C   1 
ATOM   757  O O   . THR A 1 96  ? 8.867   13.306  -11.810 1.00 69.65  ? 95  THR A O   1 
ATOM   758  C CB  . THR A 1 96  ? 6.029   13.845  -12.908 1.00 71.08  ? 95  THR A CB  1 
ATOM   759  O OG1 . THR A 1 96  ? 5.486   14.447  -11.724 1.00 72.32  ? 95  THR A OG1 1 
ATOM   760  C CG2 . THR A 1 96  ? 4.899   13.587  -13.887 1.00 72.24  ? 95  THR A CG2 1 
ATOM   761  N N   . LYS A 1 97  ? 7.481   12.543  -10.224 1.00 67.59  ? 96  LYS A N   1 
ATOM   762  C CA  . LYS A 1 97  ? 8.399   12.829  -9.123  1.00 66.43  ? 96  LYS A CA  1 
ATOM   763  C C   . LYS A 1 97  ? 9.340   11.713  -8.662  1.00 64.70  ? 96  LYS A C   1 
ATOM   764  O O   . LYS A 1 97  ? 10.529  11.954  -8.451  1.00 64.62  ? 96  LYS A O   1 
ATOM   765  C CB  . LYS A 1 97  ? 7.590   13.346  -7.926  1.00 67.75  ? 96  LYS A CB  1 
ATOM   766  C CG  . LYS A 1 97  ? 8.427   13.720  -6.713  1.00 69.58  ? 96  LYS A CG  1 
ATOM   767  C CD  . LYS A 1 97  ? 7.564   14.294  -5.597  1.00 70.93  ? 96  LYS A CD  1 
ATOM   768  C CE  . LYS A 1 97  ? 7.051   15.685  -5.943  1.00 72.09  ? 96  LYS A CE  1 
ATOM   769  N NZ  . LYS A 1 97  ? 8.162   16.680  -6.058  1.00 72.87  ? 96  LYS A NZ  1 
ATOM   770  N N   . HIS A 1 98  ? 8.816   10.504  -8.495  1.00 62.43  ? 97  HIS A N   1 
ATOM   771  C CA  . HIS A 1 98  ? 9.637   9.390   -8.035  1.00 60.38  ? 97  HIS A CA  1 
ATOM   772  C C   . HIS A 1 98  ? 9.816   8.321   -9.103  1.00 58.66  ? 97  HIS A C   1 
ATOM   773  O O   . HIS A 1 98  ? 10.862  7.677   -9.167  1.00 58.10  ? 97  HIS A O   1 
ATOM   774  C CB  . HIS A 1 98  ? 9.013   8.762   -6.784  1.00 60.52  ? 97  HIS A CB  1 
ATOM   775  C CG  . HIS A 1 98  ? 8.527   9.767   -5.788  1.00 61.23  ? 97  HIS A CG  1 
ATOM   776  N ND1 . HIS A 1 98  ? 7.251   9.739   -5.266  1.00 61.09  ? 97  HIS A ND1 1 
ATOM   777  C CD2 . HIS A 1 98  ? 9.137   10.843  -5.238  1.00 61.12  ? 97  HIS A CD2 1 
ATOM   778  C CE1 . HIS A 1 98  ? 7.095   10.757  -4.439  1.00 61.16  ? 97  HIS A CE1 1 
ATOM   779  N NE2 . HIS A 1 98  ? 8.224   11.443  -4.404  1.00 62.09  ? 97  HIS A NE2 1 
ATOM   780  N N   . LYS A 1 99  ? 8.791   8.138   -9.932  1.00 56.49  ? 98  LYS A N   1 
ATOM   781  C CA  . LYS A 1 99  ? 8.829   7.141   -10.996 1.00 54.27  ? 98  LYS A CA  1 
ATOM   782  C C   . LYS A 1 99  ? 8.733   5.741   -10.381 1.00 52.61  ? 98  LYS A C   1 
ATOM   783  O O   . LYS A 1 99  ? 9.619   4.905   -10.578 1.00 52.96  ? 98  LYS A O   1 
ATOM   784  C CB  . LYS A 1 99  ? 10.131  7.278   -11.795 0.00 54.36  ? 98  LYS A CB  1 
ATOM   785  C CG  . LYS A 1 99  ? 10.441  8.705   -12.233 0.00 54.20  ? 98  LYS A CG  1 
ATOM   786  C CD  . LYS A 1 99  ? 11.856  8.828   -12.780 0.00 54.14  ? 98  LYS A CD  1 
ATOM   787  C CE  . LYS A 1 99  ? 12.189  10.266  -13.157 0.00 54.10  ? 98  LYS A CE  1 
ATOM   788  N NZ  . LYS A 1 99  ? 12.104  11.190  -11.992 0.00 54.02  ? 98  LYS A NZ  1 
ATOM   789  N N   . ILE A 1 100 ? 7.658   5.497   -9.630  1.00 49.49  ? 99  ILE A N   1 
ATOM   790  C CA  . ILE A 1 100 ? 7.422   4.200   -8.984  1.00 45.87  ? 99  ILE A CA  1 
ATOM   791  C C   . ILE A 1 100 ? 6.701   3.220   -9.923  1.00 42.90  ? 99  ILE A C   1 
ATOM   792  O O   . ILE A 1 100 ? 5.528   3.403   -10.260 1.00 43.10  ? 99  ILE A O   1 
ATOM   793  C CB  . ILE A 1 100 ? 6.592   4.371   -7.677  1.00 45.26  ? 99  ILE A CB  1 
ATOM   794  C CG1 . ILE A 1 100 ? 7.491   4.927   -6.569  1.00 46.05  ? 99  ILE A CG1 1 
ATOM   795  C CG2 . ILE A 1 100 ? 5.977   3.046   -7.249  1.00 43.73  ? 99  ILE A CG2 1 
ATOM   796  C CD1 . ILE A 1 100 ? 8.732   4.077   -6.294  1.00 45.86  ? 99  ILE A CD1 1 
ATOM   797  N N   . PRO A 1 101 ? 7.404   2.160   -10.352 1.00 38.84  ? 100 PRO A N   1 
ATOM   798  C CA  . PRO A 1 101 ? 6.860   1.139   -11.253 1.00 35.80  ? 100 PRO A CA  1 
ATOM   799  C C   . PRO A 1 101 ? 5.579   0.461   -10.759 1.00 33.86  ? 100 PRO A C   1 
ATOM   800  O O   . PRO A 1 101 ? 5.375   0.281   -9.555  1.00 31.45  ? 100 PRO A O   1 
ATOM   801  C CB  . PRO A 1 101 ? 8.012   0.145   -11.380 1.00 36.14  ? 100 PRO A CB  1 
ATOM   802  C CG  . PRO A 1 101 ? 9.225   1.001   -11.190 1.00 37.55  ? 100 PRO A CG  1 
ATOM   803  C CD  . PRO A 1 101 ? 8.818   1.886   -10.044 1.00 37.92  ? 100 PRO A CD  1 
ATOM   804  N N   . ILE A 1 102 ? 4.720   0.091   -11.705 1.00 31.07  ? 101 ILE A N   1 
ATOM   805  C CA  . ILE A 1 102 ? 3.474   -0.600  -11.397 1.00 28.49  ? 101 ILE A CA  1 
ATOM   806  C C   . ILE A 1 102 ? 3.807   -1.888  -10.663 1.00 25.19  ? 101 ILE A C   1 
ATOM   807  O O   . ILE A 1 102 ? 3.129   -2.255  -9.703  1.00 22.87  ? 101 ILE A O   1 
ATOM   808  C CB  . ILE A 1 102 ? 2.693   -0.976  -12.679 1.00 31.10  ? 101 ILE A CB  1 
ATOM   809  C CG1 . ILE A 1 102 ? 2.057   0.268   -13.284 1.00 32.52  ? 101 ILE A CG1 1 
ATOM   810  C CG2 . ILE A 1 102 ? 1.614   -2.022  -12.363 1.00 31.97  ? 101 ILE A CG2 1 
ATOM   811  C CD1 . ILE A 1 102 ? 1.400   -0.001  -14.622 1.00 35.77  ? 101 ILE A CD1 1 
ATOM   812  N N   . LYS A 1 103 ? 4.852   -2.575  -11.120 1.00 23.58  ? 102 LYS A N   1 
ATOM   813  C CA  . LYS A 1 103 ? 5.251   -3.826  -10.494 1.00 22.57  ? 102 LYS A CA  1 
ATOM   814  C C   . LYS A 1 103 ? 5.549   -3.661  -8.999  1.00 21.48  ? 102 LYS A C   1 
ATOM   815  O O   . LYS A 1 103 ? 5.275   -4.571  -8.211  1.00 20.34  ? 102 LYS A O   1 
ATOM   816  C CB  . LYS A 1 103 ? 6.462   -4.439  -11.218 1.00 24.37  ? 102 LYS A CB  1 
ATOM   817  C CG  . LYS A 1 103 ? 7.748   -3.626  -11.187 1.00 27.35  ? 102 LYS A CG  1 
ATOM   818  C CD  . LYS A 1 103 ? 8.897   -4.440  -11.777 1.00 31.87  ? 102 LYS A CD  1 
ATOM   819  C CE  . LYS A 1 103 ? 10.191  -3.639  -11.873 1.00 35.38  ? 102 LYS A CE  1 
ATOM   820  N NZ  . LYS A 1 103 ? 11.331  -4.479  -12.362 1.00 37.84  ? 102 LYS A NZ  1 
ATOM   821  N N   . TYR A 1 104 ? 6.097   -2.508  -8.611  1.00 18.97  ? 103 TYR A N   1 
ATOM   822  C CA  . TYR A 1 104 ? 6.408   -2.250  -7.203  1.00 19.36  ? 103 TYR A CA  1 
ATOM   823  C C   . TYR A 1 104 ? 5.120   -2.154  -6.395  1.00 18.15  ? 103 TYR A C   1 
ATOM   824  O O   . TYR A 1 104 ? 5.068   -2.602  -5.247  1.00 18.50  ? 103 TYR A O   1 
ATOM   825  C CB  . TYR A 1 104 ? 7.234   -0.962  -7.048  1.00 21.27  ? 103 TYR A CB  1 
ATOM   826  C CG  . TYR A 1 104 ? 8.720   -1.116  -7.376  1.00 24.21  ? 103 TYR A CG  1 
ATOM   827  C CD1 . TYR A 1 104 ? 9.193   -2.213  -8.101  1.00 26.91  ? 103 TYR A CD1 1 
ATOM   828  C CD2 . TYR A 1 104 ? 9.645   -0.143  -6.982  1.00 26.23  ? 103 TYR A CD2 1 
ATOM   829  C CE1 . TYR A 1 104 ? 10.552  -2.339  -8.425  1.00 27.87  ? 103 TYR A CE1 1 
ATOM   830  C CE2 . TYR A 1 104 ? 11.000  -0.257  -7.301  1.00 25.15  ? 103 TYR A CE2 1 
ATOM   831  C CZ  . TYR A 1 104 ? 11.445  -1.356  -8.022  1.00 27.52  ? 103 TYR A CZ  1 
ATOM   832  O OH  . TYR A 1 104 ? 12.781  -1.471  -8.342  1.00 29.27  ? 103 TYR A OH  1 
ATOM   833  N N   . LEU A 1 105 ? 4.083   -1.575  -6.994  1.00 18.39  ? 104 LEU A N   1 
ATOM   834  C CA  . LEU A 1 105 ? 2.783   -1.469  -6.336  1.00 20.52  ? 104 LEU A CA  1 
ATOM   835  C C   . LEU A 1 105 ? 2.245   -2.879  -6.102  1.00 21.54  ? 104 LEU A C   1 
ATOM   836  O O   . LEU A 1 105 ? 1.545   -3.132  -5.120  1.00 21.52  ? 104 LEU A O   1 
ATOM   837  C CB  . LEU A 1 105 ? 1.797   -0.682  -7.198  1.00 22.28  ? 104 LEU A CB  1 
ATOM   838  C CG  . LEU A 1 105 ? 2.042   0.818   -7.360  1.00 24.20  ? 104 LEU A CG  1 
ATOM   839  C CD1 . LEU A 1 105 ? 0.934   1.424   -8.220  1.00 25.64  ? 104 LEU A CD1 1 
ATOM   840  C CD2 . LEU A 1 105 ? 2.064   1.485   -5.990  1.00 24.98  ? 104 LEU A CD2 1 
ATOM   841  N N   . GLU A 1 106 ? 2.571   -3.794  -7.014  1.00 19.70  ? 105 GLU A N   1 
ATOM   842  C CA  . GLU A 1 106 ? 2.148   -5.178  -6.876  1.00 19.53  ? 105 GLU A CA  1 
ATOM   843  C C   . GLU A 1 106 ? 2.916   -5.806  -5.715  1.00 18.38  ? 105 GLU A C   1 
ATOM   844  O O   . GLU A 1 106 ? 2.390   -6.660  -4.996  1.00 16.85  ? 105 GLU A O   1 
ATOM   845  C CB  . GLU A 1 106 ? 2.414   -5.944  -8.171  1.00 19.90  ? 105 GLU A CB  1 
ATOM   846  C CG  . GLU A 1 106 ? 1.781   -5.264  -9.381  1.00 26.45  ? 105 GLU A CG  1 
ATOM   847  C CD  . GLU A 1 106 ? 1.995   -6.017  -10.683 1.00 28.47  ? 105 GLU A CD  1 
ATOM   848  O OE1 . GLU A 1 106 ? 3.057   -6.655  -10.844 1.00 27.54  ? 105 GLU A OE1 1 
ATOM   849  O OE2 . GLU A 1 106 ? 1.103   -5.950  -11.557 1.00 31.48  ? 105 GLU A OE2 1 
ATOM   850  N N   . PHE A 1 107 ? 4.157   -5.370  -5.529  1.00 16.54  ? 106 PHE A N   1 
ATOM   851  C CA  . PHE A 1 107 ? 4.985   -5.887  -4.440  1.00 15.81  ? 106 PHE A CA  1 
ATOM   852  C C   . PHE A 1 107 ? 4.458   -5.448  -3.082  1.00 14.46  ? 106 PHE A C   1 
ATOM   853  O O   . PHE A 1 107 ? 4.415   -6.248  -2.148  1.00 15.76  ? 106 PHE A O   1 
ATOM   854  C CB  . PHE A 1 107 ? 6.436   -5.412  -4.562  1.00 13.62  ? 106 PHE A CB  1 
ATOM   855  C CG  . PHE A 1 107 ? 7.170   -5.979  -5.740  1.00 15.51  ? 106 PHE A CG  1 
ATOM   856  C CD1 . PHE A 1 107 ? 6.801   -7.207  -6.288  1.00 17.22  ? 106 PHE A CD1 1 
ATOM   857  C CD2 . PHE A 1 107 ? 8.257   -5.302  -6.279  1.00 15.14  ? 106 PHE A CD2 1 
ATOM   858  C CE1 . PHE A 1 107 ? 7.512   -7.753  -7.365  1.00 19.15  ? 106 PHE A CE1 1 
ATOM   859  C CE2 . PHE A 1 107 ? 8.976   -5.833  -7.351  1.00 15.63  ? 106 PHE A CE2 1 
ATOM   860  C CZ  . PHE A 1 107 ? 8.605   -7.060  -7.896  1.00 16.22  ? 106 PHE A CZ  1 
ATOM   861  N N   . ILE A 1 108 ? 4.063   -4.181  -2.973  1.00 14.74  ? 107 ILE A N   1 
ATOM   862  C CA  . ILE A 1 108 ? 3.559   -3.661  -1.710  1.00 16.10  ? 107 ILE A CA  1 
ATOM   863  C C   . ILE A 1 108 ? 2.169   -4.187  -1.374  1.00 15.47  ? 107 ILE A C   1 
ATOM   864  O O   . ILE A 1 108 ? 1.792   -4.252  -0.200  1.00 13.40  ? 107 ILE A O   1 
ATOM   865  C CB  . ILE A 1 108 ? 3.562   -2.108  -1.677  1.00 19.45  ? 107 ILE A CB  1 
ATOM   866  C CG1 . ILE A 1 108 ? 3.189   -1.637  -0.262  1.00 23.21  ? 107 ILE A CG1 1 
ATOM   867  C CG2 . ILE A 1 108 ? 2.593   -1.553  -2.697  1.00 23.66  ? 107 ILE A CG2 1 
ATOM   868  C CD1 . ILE A 1 108 ? 3.498   -0.177  0.042   1.00 25.25  ? 107 ILE A CD1 1 
ATOM   869  N N   . SER A 1 109 ? 1.410   -4.560  -2.400  1.00 13.72  ? 108 SER A N   1 
ATOM   870  C CA  . SER A 1 109 ? 0.080   -5.124  -2.199  1.00 14.69  ? 108 SER A CA  1 
ATOM   871  C C   . SER A 1 109 ? 0.252   -6.480  -1.510  1.00 15.02  ? 108 SER A C   1 
ATOM   872  O O   . SER A 1 109 ? -0.486  -6.816  -0.584  1.00 14.84  ? 108 SER A O   1 
ATOM   873  C CB  . SER A 1 109 ? -0.641  -5.308  -3.541  1.00 15.69  ? 108 SER A CB  1 
ATOM   874  O OG  . SER A 1 109 ? -0.969  -4.061  -4.133  1.00 17.49  ? 108 SER A OG  1 
ATOM   875  N N   . GLU A 1 110 ? 1.238   -7.251  -1.965  1.00 16.27  ? 109 GLU A N   1 
ATOM   876  C CA  . GLU A 1 110 ? 1.524   -8.564  -1.385  1.00 16.90  ? 109 GLU A CA  1 
ATOM   877  C C   . GLU A 1 110 ? 1.965   -8.416  0.079   1.00 15.73  ? 109 GLU A C   1 
ATOM   878  O O   . GLU A 1 110 ? 1.597   -9.230  0.931   1.00 15.81  ? 109 GLU A O   1 
ATOM   879  C CB  . GLU A 1 110 ? 2.637   -9.250  -2.182  1.00 21.18  ? 109 GLU A CB  1 
ATOM   880  C CG  . GLU A 1 110 ? 2.884   -10.733 -1.843  1.00 27.77  ? 109 GLU A CG  1 
ATOM   881  C CD  . GLU A 1 110 ? 3.378   -11.001 -0.413  1.00 31.94  ? 109 GLU A CD  1 
ATOM   882  O OE1 . GLU A 1 110 ? 4.270   -10.272 0.089   1.00 31.79  ? 109 GLU A OE1 1 
ATOM   883  O OE2 . GLU A 1 110 ? 2.878   -11.974 0.203   1.00 36.03  ? 109 GLU A OE2 1 
ATOM   884  N N   . ALA A 1 111 ? 2.764   -7.388  0.363   1.00 13.64  ? 110 ALA A N   1 
ATOM   885  C CA  . ALA A 1 111 ? 3.243   -7.151  1.724   1.00 12.14  ? 110 ALA A CA  1 
ATOM   886  C C   . ALA A 1 111 ? 2.069   -6.772  2.624   1.00 12.76  ? 110 ALA A C   1 
ATOM   887  O O   . ALA A 1 111 ? 1.995   -7.211  3.762   1.00 12.08  ? 110 ALA A O   1 
ATOM   888  C CB  . ALA A 1 111 ? 4.298   -6.045  1.731   1.00 12.06  ? 110 ALA A CB  1 
ATOM   889  N N   . ILE A 1 112 ? 1.152   -5.957  2.098   1.00 12.54  ? 111 ILE A N   1 
ATOM   890  C CA  . ILE A 1 112 ? -0.026  -5.525  2.848   1.00 13.29  ? 111 ILE A CA  1 
ATOM   891  C C   . ILE A 1 112 ? -0.934  -6.703  3.228   1.00 13.08  ? 111 ILE A C   1 
ATOM   892  O O   . ILE A 1 112 ? -1.355  -6.826  4.376   1.00 15.37  ? 111 ILE A O   1 
ATOM   893  C CB  . ILE A 1 112 ? -0.864  -4.501  2.041   1.00 11.69  ? 111 ILE A CB  1 
ATOM   894  C CG1 . ILE A 1 112 ? -0.084  -3.187  1.892   1.00 10.66  ? 111 ILE A CG1 1 
ATOM   895  C CG2 . ILE A 1 112 ? -2.211  -4.258  2.746   1.00 10.89  ? 111 ILE A CG2 1 
ATOM   896  C CD1 . ILE A 1 112 ? -0.745  -2.163  0.977   1.00 13.35  ? 111 ILE A CD1 1 
ATOM   897  N N   . ILE A 1 113 ? -1.238  -7.558  2.259   1.00 14.43  ? 112 ILE A N   1 
ATOM   898  C CA  . ILE A 1 113 ? -2.087  -8.725  2.496   1.00 15.31  ? 112 ILE A CA  1 
ATOM   899  C C   . ILE A 1 113 ? -1.410  -9.655  3.493   1.00 15.60  ? 112 ILE A C   1 
ATOM   900  O O   . ILE A 1 113 ? -2.050  -10.167 4.413   1.00 15.24  ? 112 ILE A O   1 
ATOM   901  C CB  . ILE A 1 113 ? -2.344  -9.523  1.190   1.00 17.17  ? 112 ILE A CB  1 
ATOM   902  C CG1 . ILE A 1 113 ? -3.116  -8.665  0.193   1.00 17.33  ? 112 ILE A CG1 1 
ATOM   903  C CG2 . ILE A 1 113 ? -3.138  -10.796 1.491   1.00 18.91  ? 112 ILE A CG2 1 
ATOM   904  C CD1 . ILE A 1 113 ? -4.475  -8.263  0.676   1.00 20.23  ? 112 ILE A CD1 1 
ATOM   905  N N   . HIS A 1 114 ? -0.111  -9.878  3.307   1.00 15.77  ? 113 HIS A N   1 
ATOM   906  C CA  . HIS A 1 114 ? 0.626   -10.756 4.207   1.00 16.74  ? 113 HIS A CA  1 
ATOM   907  C C   . HIS A 1 114 ? 0.610   -10.235 5.633   1.00 17.87  ? 113 HIS A C   1 
ATOM   908  O O   . HIS A 1 114 ? 0.341   -10.992 6.562   1.00 17.30  ? 113 HIS A O   1 
ATOM   909  C CB  . HIS A 1 114 ? 2.080   -10.928 3.755   1.00 17.24  ? 113 HIS A CB  1 
ATOM   910  C CG  . HIS A 1 114 ? 2.901   -11.765 4.688   1.00 19.45  ? 113 HIS A CG  1 
ATOM   911  N ND1 . HIS A 1 114 ? 3.451   -11.261 5.848   1.00 21.73  ? 113 HIS A ND1 1 
ATOM   912  C CD2 . HIS A 1 114 ? 3.210   -13.083 4.670   1.00 20.44  ? 113 HIS A CD2 1 
ATOM   913  C CE1 . HIS A 1 114 ? 4.059   -12.233 6.504   1.00 20.32  ? 113 HIS A CE1 1 
ATOM   914  N NE2 . HIS A 1 114 ? 3.927   -13.350 5.813   1.00 23.07  ? 113 HIS A NE2 1 
ATOM   915  N N   . VAL A 1 115 ? 0.900   -8.945  5.799   1.00 17.32  ? 114 VAL A N   1 
ATOM   916  C CA  . VAL A 1 115 ? 0.926   -8.327  7.122   1.00 17.49  ? 114 VAL A CA  1 
ATOM   917  C C   . VAL A 1 115 ? -0.446  -8.303  7.795   1.00 17.29  ? 114 VAL A C   1 
ATOM   918  O O   . VAL A 1 115 ? -0.546  -8.518  8.998   1.00 18.76  ? 114 VAL A O   1 
ATOM   919  C CB  . VAL A 1 115 ? 1.495   -6.880  7.046   1.00 16.19  ? 114 VAL A CB  1 
ATOM   920  C CG1 . VAL A 1 115 ? 1.277   -6.147  8.373   1.00 15.91  ? 114 VAL A CG1 1 
ATOM   921  C CG2 . VAL A 1 115 ? 2.989   -6.931  6.712   1.00 14.54  ? 114 VAL A CG2 1 
ATOM   922  N N   . LEU A 1 116 ? -1.497  -8.038  7.023   1.00 17.40  ? 115 LEU A N   1 
ATOM   923  C CA  . LEU A 1 116 ? -2.849  -8.004  7.577   1.00 18.27  ? 115 LEU A CA  1 
ATOM   924  C C   . LEU A 1 116 ? -3.269  -9.388  8.041   1.00 18.26  ? 115 LEU A C   1 
ATOM   925  O O   . LEU A 1 116 ? -3.938  -9.541  9.059   1.00 17.85  ? 115 LEU A O   1 
ATOM   926  C CB  . LEU A 1 116 ? -3.856  -7.502  6.538   1.00 18.25  ? 115 LEU A CB  1 
ATOM   927  C CG  . LEU A 1 116 ? -3.845  -6.013  6.198   1.00 21.83  ? 115 LEU A CG  1 
ATOM   928  C CD1 . LEU A 1 116 ? -5.061  -5.666  5.337   1.00 20.87  ? 115 LEU A CD1 1 
ATOM   929  C CD2 . LEU A 1 116 ? -3.863  -5.214  7.476   1.00 20.33  ? 115 LEU A CD2 1 
ATOM   930  N N   . HIS A 1 117 ? -2.883  -10.395 7.267   1.00 18.79  ? 116 HIS A N   1 
ATOM   931  C CA  . HIS A 1 117 ? -3.215  -11.768 7.588   1.00 21.06  ? 116 HIS A CA  1 
ATOM   932  C C   . HIS A 1 117 ? -2.500  -12.180 8.861   1.00 21.37  ? 116 HIS A C   1 
ATOM   933  O O   . HIS A 1 117 ? -3.096  -12.783 9.747   1.00 19.74  ? 116 HIS A O   1 
ATOM   934  C CB  . HIS A 1 117 ? -2.800  -12.695 6.447   1.00 24.05  ? 116 HIS A CB  1 
ATOM   935  C CG  . HIS A 1 117 ? -3.034  -14.141 6.742   1.00 27.55  ? 116 HIS A CG  1 
ATOM   936  N ND1 . HIS A 1 117 ? -4.288  -14.653 6.995   1.00 31.02  ? 116 HIS A ND1 1 
ATOM   937  C CD2 . HIS A 1 117 ? -2.171  -15.181 6.854   1.00 29.62  ? 116 HIS A CD2 1 
ATOM   938  C CE1 . HIS A 1 117 ? -4.188  -15.946 7.251   1.00 32.46  ? 116 HIS A CE1 1 
ATOM   939  N NE2 . HIS A 1 117 ? -2.915  -16.291 7.173   1.00 30.49  ? 116 HIS A NE2 1 
ATOM   940  N N   . SER A 1 118 ? -1.218  -11.835 8.930   1.00 21.24  ? 117 SER A N   1 
ATOM   941  C CA  . SER A 1 118 ? -0.360  -12.146 10.069  1.00 23.60  ? 117 SER A CA  1 
ATOM   942  C C   . SER A 1 118 ? -0.797  -11.498 11.381  1.00 23.68  ? 117 SER A C   1 
ATOM   943  O O   . SER A 1 118 ? -0.730  -12.126 12.440  1.00 24.21  ? 117 SER A O   1 
ATOM   944  C CB  . SER A 1 118 ? 1.086   -11.726 9.753   1.00 24.23  ? 117 SER A CB  1 
ATOM   945  O OG  . SER A 1 118 ? 1.929   -11.837 10.891  1.00 27.29  ? 117 SER A OG  1 
ATOM   946  N N   . ARG A 1 119 ? -1.238  -10.247 11.314  1.00 22.31  ? 118 ARG A N   1 
ATOM   947  C CA  . ARG A 1 119 ? -1.644  -9.530  12.515  1.00 22.94  ? 118 ARG A CA  1 
ATOM   948  C C   . ARG A 1 119 ? -3.111  -9.690  12.897  1.00 23.65  ? 118 ARG A C   1 
ATOM   949  O O   . ARG A 1 119 ? -3.479  -9.449  14.045  1.00 23.57  ? 118 ARG A O   1 
ATOM   950  C CB  . ARG A 1 119 ? -1.289  -8.043  12.370  1.00 23.20  ? 118 ARG A CB  1 
ATOM   951  C CG  . ARG A 1 119 ? 0.222   -7.804  12.296  1.00 24.20  ? 118 ARG A CG  1 
ATOM   952  C CD  . ARG A 1 119 ? 0.624   -6.338  12.073  1.00 25.24  ? 118 ARG A CD  1 
ATOM   953  N NE  . ARG A 1 119 ? 0.129   -5.429  13.102  1.00 25.99  ? 118 ARG A NE  1 
ATOM   954  C CZ  . ARG A 1 119 ? 0.875   -4.526  13.738  1.00 22.46  ? 118 ARG A CZ  1 
ATOM   955  N NH1 . ARG A 1 119 ? 2.165   -4.405  13.467  1.00 20.22  ? 118 ARG A NH1 1 
ATOM   956  N NH2 . ARG A 1 119 ? 0.323   -3.728  14.639  1.00 20.86  ? 118 ARG A NH2 1 
ATOM   957  N N   . HIS A 1 120 ? -3.943  -10.107 11.945  1.00 23.20  ? 119 HIS A N   1 
ATOM   958  C CA  . HIS A 1 120 ? -5.376  -10.270 12.200  1.00 24.32  ? 119 HIS A CA  1 
ATOM   959  C C   . HIS A 1 120 ? -5.923  -11.515 11.514  1.00 25.99  ? 119 HIS A C   1 
ATOM   960  O O   . HIS A 1 120 ? -6.906  -11.441 10.770  1.00 25.34  ? 119 HIS A O   1 
ATOM   961  C CB  . HIS A 1 120 ? -6.126  -9.055  11.674  1.00 23.25  ? 119 HIS A CB  1 
ATOM   962  C CG  . HIS A 1 120 ? -5.472  -7.754  12.013  1.00 23.10  ? 119 HIS A CG  1 
ATOM   963  N ND1 . HIS A 1 120 ? -5.488  -7.221  13.284  1.00 21.28  ? 119 HIS A ND1 1 
ATOM   964  C CD2 . HIS A 1 120 ? -4.769  -6.888  11.246  1.00 20.82  ? 119 HIS A CD2 1 
ATOM   965  C CE1 . HIS A 1 120 ? -4.825  -6.078  13.283  1.00 21.69  ? 119 HIS A CE1 1 
ATOM   966  N NE2 . HIS A 1 120 ? -4.379  -5.854  12.059  1.00 18.95  ? 119 HIS A NE2 1 
ATOM   967  N N   . PRO A 1 121 ? -5.304  -12.679 11.767  1.00 27.82  ? 120 PRO A N   1 
ATOM   968  C CA  . PRO A 1 121 ? -5.723  -13.950 11.164  1.00 30.10  ? 120 PRO A CA  1 
ATOM   969  C C   . PRO A 1 121 ? -7.126  -14.428 11.520  1.00 31.33  ? 120 PRO A C   1 
ATOM   970  O O   . PRO A 1 121 ? -7.738  -15.169 10.765  1.00 33.17  ? 120 PRO A O   1 
ATOM   971  C CB  . PRO A 1 121 ? -4.648  -14.920 11.637  1.00 29.37  ? 120 PRO A CB  1 
ATOM   972  C CG  . PRO A 1 121 ? -4.281  -14.369 12.987  1.00 28.65  ? 120 PRO A CG  1 
ATOM   973  C CD  . PRO A 1 121 ? -4.198  -12.890 12.720  1.00 27.79  ? 120 PRO A CD  1 
ATOM   974  N N   . GLY A 1 122 ? -7.637  -13.998 12.667  1.00 33.75  ? 121 GLY A N   1 
ATOM   975  C CA  . GLY A 1 122 ? -8.959  -14.434 13.080  1.00 36.53  ? 121 GLY A CA  1 
ATOM   976  C C   . GLY A 1 122 ? -10.122 -13.841 12.311  1.00 36.20  ? 121 GLY A C   1 
ATOM   977  O O   . GLY A 1 122 ? -11.229 -14.385 12.327  1.00 38.03  ? 121 GLY A O   1 
ATOM   978  N N   . ASP A 1 123 ? -9.882  -12.729 11.630  1.00 35.57  ? 122 ASP A N   1 
ATOM   979  C CA  . ASP A 1 123 ? -10.940 -12.070 10.874  1.00 34.78  ? 122 ASP A CA  1 
ATOM   980  C C   . ASP A 1 123 ? -10.572 -11.872 9.407   1.00 33.54  ? 122 ASP A C   1 
ATOM   981  O O   . ASP A 1 123 ? -11.448 -11.839 8.542   1.00 35.19  ? 122 ASP A O   1 
ATOM   982  C CB  . ASP A 1 123 ? -11.244 -10.719 11.504  1.00 36.40  ? 122 ASP A CB  1 
ATOM   983  C CG  . ASP A 1 123 ? -9.987  -9.952  11.851  1.00 39.12  ? 122 ASP A CG  1 
ATOM   984  O OD1 . ASP A 1 123 ? -9.313  -10.324 12.840  1.00 41.96  ? 122 ASP A OD1 1 
ATOM   985  O OD2 . ASP A 1 123 ? -9.666  -8.988  11.125  1.00 39.01  ? 122 ASP A OD2 1 
ATOM   986  N N   . PHE A 1 124 ? -9.278  -11.734 9.136   1.00 30.07  ? 123 PHE A N   1 
ATOM   987  C CA  . PHE A 1 124 ? -8.791  -11.536 7.774   1.00 26.39  ? 123 PHE A CA  1 
ATOM   988  C C   . PHE A 1 124 ? -8.659  -12.911 7.118   1.00 25.38  ? 123 PHE A C   1 
ATOM   989  O O   . PHE A 1 124 ? -7.555  -13.440 6.974   1.00 25.33  ? 123 PHE A O   1 
ATOM   990  C CB  . PHE A 1 124 ? -7.434  -10.806 7.802   1.00 23.25  ? 123 PHE A CB  1 
ATOM   991  C CG  . PHE A 1 124 ? -7.038  -10.186 6.484   1.00 20.10  ? 123 PHE A CG  1 
ATOM   992  C CD1 . PHE A 1 124 ? -7.839  -9.212  5.882   1.00 19.70  ? 123 PHE A CD1 1 
ATOM   993  C CD2 . PHE A 1 124 ? -5.863  -10.567 5.845   1.00 18.06  ? 123 PHE A CD2 1 
ATOM   994  C CE1 . PHE A 1 124 ? -7.471  -8.628  4.665   1.00 16.13  ? 123 PHE A CE1 1 
ATOM   995  C CE2 . PHE A 1 124 ? -5.489  -9.989  4.628   1.00 17.36  ? 123 PHE A CE2 1 
ATOM   996  C CZ  . PHE A 1 124 ? -6.299  -9.017  4.038   1.00 15.28  ? 123 PHE A CZ  1 
ATOM   997  N N   . GLY A 1 125 ? -9.805  -13.480 6.739   1.00 25.29  ? 124 GLY A N   1 
ATOM   998  C CA  . GLY A 1 125 ? -9.844  -14.792 6.114   1.00 21.04  ? 124 GLY A CA  1 
ATOM   999  C C   . GLY A 1 125 ? -9.829  -14.727 4.603   1.00 20.84  ? 124 GLY A C   1 
ATOM   1000 O O   . GLY A 1 125 ? -9.444  -13.714 4.029   1.00 19.81  ? 124 GLY A O   1 
ATOM   1001 N N   . ALA A 1 126 ? -10.240 -15.811 3.951   1.00 19.34  ? 125 ALA A N   1 
ATOM   1002 C CA  . ALA A 1 126 ? -10.255 -15.842 2.491   1.00 20.72  ? 125 ALA A CA  1 
ATOM   1003 C C   . ALA A 1 126 ? -11.148 -14.746 1.908   1.00 19.44  ? 125 ALA A C   1 
ATOM   1004 O O   . ALA A 1 126 ? -10.773 -14.088 0.939   1.00 19.88  ? 125 ALA A O   1 
ATOM   1005 C CB  . ALA A 1 126 ? -10.701 -17.218 1.992   1.00 20.00  ? 125 ALA A CB  1 
ATOM   1006 N N   . ASP A 1 127 ? -12.325 -14.546 2.496   1.00 20.24  ? 126 ASP A N   1 
ATOM   1007 C CA  . ASP A 1 127 ? -13.254 -13.515 2.020   1.00 19.63  ? 126 ASP A CA  1 
ATOM   1008 C C   . ASP A 1 127 ? -12.629 -12.117 2.106   1.00 18.84  ? 126 ASP A C   1 
ATOM   1009 O O   . ASP A 1 127 ? -12.633 -11.353 1.137   1.00 18.23  ? 126 ASP A O   1 
ATOM   1010 C CB  . ASP A 1 127 ? -14.551 -13.535 2.843   1.00 21.30  ? 126 ASP A CB  1 
ATOM   1011 C CG  . ASP A 1 127 ? -15.374 -14.805 2.630   1.00 22.86  ? 126 ASP A CG  1 
ATOM   1012 O OD1 . ASP A 1 127 ? -14.926 -15.708 1.897   1.00 22.95  ? 126 ASP A OD1 1 
ATOM   1013 O OD2 . ASP A 1 127 ? -16.480 -14.896 3.203   1.00 24.15  ? 126 ASP A OD2 1 
ATOM   1014 N N   . ALA A 1 128 ? -12.103 -11.786 3.279   1.00 18.43  ? 127 ALA A N   1 
ATOM   1015 C CA  . ALA A 1 128 ? -11.473 -10.486 3.501   1.00 16.99  ? 127 ALA A CA  1 
ATOM   1016 C C   . ALA A 1 128 ? -10.254 -10.276 2.604   1.00 17.92  ? 127 ALA A C   1 
ATOM   1017 O O   . ALA A 1 128 ? -10.048 -9.175  2.080   1.00 18.37  ? 127 ALA A O   1 
ATOM   1018 C CB  . ALA A 1 128 ? -11.074 -10.353 4.955   1.00 17.81  ? 127 ALA A CB  1 
ATOM   1019 N N   . GLN A 1 129 ? -9.449  -11.324 2.435   1.00 17.35  ? 128 GLN A N   1 
ATOM   1020 C CA  . GLN A 1 129 ? -8.255  -11.248 1.595   1.00 19.24  ? 128 GLN A CA  1 
ATOM   1021 C C   . GLN A 1 129 ? -8.622  -11.072 0.132   1.00 17.56  ? 128 GLN A C   1 
ATOM   1022 O O   . GLN A 1 129 ? -7.928  -10.380 -0.612  1.00 16.77  ? 128 GLN A O   1 
ATOM   1023 C CB  . GLN A 1 129 ? -7.412  -12.521 1.731   1.00 20.97  ? 128 GLN A CB  1 
ATOM   1024 C CG  . GLN A 1 129 ? -6.820  -12.753 3.099   1.00 28.46  ? 128 GLN A CG  1 
ATOM   1025 C CD  . GLN A 1 129 ? -6.163  -14.117 3.210   1.00 31.77  ? 128 GLN A CD  1 
ATOM   1026 O OE1 . GLN A 1 129 ? -5.921  -14.620 4.313   1.00 33.81  ? 128 GLN A OE1 1 
ATOM   1027 N NE2 . GLN A 1 129 ? -5.870  -14.724 2.066   1.00 29.99  ? 128 GLN A NE2 1 
ATOM   1028 N N   . GLY A 1 130 ? -9.705  -11.729 -0.276  1.00 15.84  ? 129 GLY A N   1 
ATOM   1029 C CA  . GLY A 1 130 ? -10.152 -11.639 -1.652  1.00 16.22  ? 129 GLY A CA  1 
ATOM   1030 C C   . GLY A 1 130 ? -10.645 -10.243 -1.970  1.00 17.04  ? 129 GLY A C   1 
ATOM   1031 O O   . GLY A 1 130 ? -10.371 -9.710  -3.049  1.00 16.00  ? 129 GLY A O   1 
ATOM   1032 N N   . ALA A 1 131 ? -11.379 -9.653  -1.025  1.00 15.89  ? 130 ALA A N   1 
ATOM   1033 C CA  . ALA A 1 131 ? -11.907 -8.303  -1.190  1.00 15.52  ? 130 ALA A CA  1 
ATOM   1034 C C   . ALA A 1 131 ? -10.761 -7.282  -1.194  1.00 15.57  ? 130 ALA A C   1 
ATOM   1035 O O   . ALA A 1 131 ? -10.746 -6.370  -2.017  1.00 16.66  ? 130 ALA A O   1 
ATOM   1036 C CB  . ALA A 1 131 ? -12.899 -7.983  -0.071  1.00 14.63  ? 130 ALA A CB  1 
ATOM   1037 N N   . MET A 1 132 ? -9.799  -7.441  -0.282  1.00 15.74  ? 131 MET A N   1 
ATOM   1038 C CA  . MET A 1 132 ? -8.669  -6.522  -0.215  1.00 15.65  ? 131 MET A CA  1 
ATOM   1039 C C   . MET A 1 132 ? -7.865  -6.624  -1.496  1.00 15.84  ? 131 MET A C   1 
ATOM   1040 O O   . MET A 1 132 ? -7.424  -5.614  -2.042  1.00 15.58  ? 131 MET A O   1 
ATOM   1041 C CB  . MET A 1 132 ? -7.767  -6.837  0.983   1.00 17.70  ? 131 MET A CB  1 
ATOM   1042 C CG  . MET A 1 132 ? -6.559  -5.890  1.131   1.00 19.80  ? 131 MET A CG  1 
ATOM   1043 S SD  . MET A 1 132 ? -7.001  -4.133  1.331   1.00 20.94  ? 131 MET A SD  1 
ATOM   1044 C CE  . MET A 1 132 ? -7.547  -4.110  3.060   1.00 17.93  ? 131 MET A CE  1 
ATOM   1045 N N   . ASN A 1 133 ? -7.670  -7.847  -1.981  1.00 17.66  ? 132 ASN A N   1 
ATOM   1046 C CA  . ASN A 1 133 ? -6.924  -8.028  -3.220  1.00 19.11  ? 132 ASN A CA  1 
ATOM   1047 C C   . ASN A 1 133 ? -7.616  -7.291  -4.361  1.00 17.43  ? 132 ASN A C   1 
ATOM   1048 O O   . ASN A 1 133 ? -6.969  -6.612  -5.155  1.00 17.38  ? 132 ASN A O   1 
ATOM   1049 C CB  . ASN A 1 133 ? -6.818  -9.502  -3.586  1.00 22.75  ? 132 ASN A CB  1 
ATOM   1050 C CG  . ASN A 1 133 ? -6.124  -9.708  -4.920  1.00 29.98  ? 132 ASN A CG  1 
ATOM   1051 O OD1 . ASN A 1 133 ? -4.896  -9.745  -4.996  1.00 35.00  ? 132 ASN A OD1 1 
ATOM   1052 N ND2 . ASN A 1 133 ? -6.912  -9.816  -5.987  1.00 32.24  ? 132 ASN A ND2 1 
ATOM   1053 N N   . LYS A 1 134 ? -8.934  -7.437  -4.446  1.00 17.21  ? 133 LYS A N   1 
ATOM   1054 C CA  . LYS A 1 134 ? -9.701  -6.765  -5.491  1.00 18.55  ? 133 LYS A CA  1 
ATOM   1055 C C   . LYS A 1 134 ? -9.578  -5.257  -5.331  1.00 17.11  ? 133 LYS A C   1 
ATOM   1056 O O   . LYS A 1 134 ? -9.463  -4.522  -6.312  1.00 18.32  ? 133 LYS A O   1 
ATOM   1057 C CB  . LYS A 1 134 ? -11.178 -7.158  -5.417  1.00 19.07  ? 133 LYS A CB  1 
ATOM   1058 C CG  . LYS A 1 134 ? -11.482 -8.556  -5.905  1.00 24.63  ? 133 LYS A CG  1 
ATOM   1059 C CD  . LYS A 1 134 ? -12.976 -8.840  -5.832  1.00 29.23  ? 133 LYS A CD  1 
ATOM   1060 C CE  . LYS A 1 134 ? -13.284 -10.304 -6.141  1.00 31.96  ? 133 LYS A CE  1 
ATOM   1061 N NZ  . LYS A 1 134 ? -14.735 -10.610 -5.945  1.00 33.67  ? 133 LYS A NZ  1 
ATOM   1062 N N   . ALA A 1 135 ? -9.612  -4.797  -4.087  1.00 15.75  ? 134 ALA A N   1 
ATOM   1063 C CA  . ALA A 1 135 ? -9.496  -3.372  -3.813  1.00 15.19  ? 134 ALA A CA  1 
ATOM   1064 C C   . ALA A 1 135 ? -8.139  -2.831  -4.274  1.00 15.26  ? 134 ALA A C   1 
ATOM   1065 O O   . ALA A 1 135 ? -8.075  -1.802  -4.945  1.00 17.98  ? 134 ALA A O   1 
ATOM   1066 C CB  . ALA A 1 135 ? -9.701  -3.109  -2.324  1.00 13.50  ? 134 ALA A CB  1 
ATOM   1067 N N   . LEU A 1 136 ? -7.063  -3.530  -3.932  1.00 13.91  ? 135 LEU A N   1 
ATOM   1068 C CA  . LEU A 1 136 ? -5.726  -3.085  -4.323  1.00 14.42  ? 135 LEU A CA  1 
ATOM   1069 C C   . LEU A 1 136 ? -5.486  -3.232  -5.822  1.00 15.29  ? 135 LEU A C   1 
ATOM   1070 O O   . LEU A 1 136 ? -4.698  -2.489  -6.402  1.00 15.25  ? 135 LEU A O   1 
ATOM   1071 C CB  . LEU A 1 136 ? -4.654  -3.849  -3.525  1.00 11.12  ? 135 LEU A CB  1 
ATOM   1072 C CG  . LEU A 1 136 ? -4.703  -3.560  -2.012  1.00 13.11  ? 135 LEU A CG  1 
ATOM   1073 C CD1 . LEU A 1 136 ? -3.660  -4.393  -1.262  1.00 12.78  ? 135 LEU A CD1 1 
ATOM   1074 C CD2 . LEU A 1 136 ? -4.471  -2.066  -1.770  1.00 9.86   ? 135 LEU A CD2 1 
ATOM   1075 N N   . GLU A 1 137 ? -6.172  -4.184  -6.449  1.00 16.63  ? 136 GLU A N   1 
ATOM   1076 C CA  . GLU A 1 137 ? -6.025  -4.396  -7.882  1.00 17.71  ? 136 GLU A CA  1 
ATOM   1077 C C   . GLU A 1 137 ? -6.724  -3.254  -8.606  1.00 16.43  ? 136 GLU A C   1 
ATOM   1078 O O   . GLU A 1 137 ? -6.209  -2.719  -9.584  1.00 17.05  ? 136 GLU A O   1 
ATOM   1079 C CB  . GLU A 1 137 ? -6.641  -5.731  -8.302  1.00 19.88  ? 136 GLU A CB  1 
ATOM   1080 C CG  . GLU A 1 137 ? -6.247  -6.159  -9.700  1.00 25.11  ? 136 GLU A CG  1 
ATOM   1081 C CD  . GLU A 1 137 ? -7.047  -7.342  -10.199 1.00 29.44  ? 136 GLU A CD  1 
ATOM   1082 O OE1 . GLU A 1 137 ? -7.213  -8.315  -9.434  1.00 32.08  ? 136 GLU A OE1 1 
ATOM   1083 O OE2 . GLU A 1 137 ? -7.506  -7.302  -11.360 1.00 33.90  ? 136 GLU A OE2 1 
ATOM   1084 N N   . LEU A 1 138 ? -7.904  -2.885  -8.120  1.00 16.78  ? 137 LEU A N   1 
ATOM   1085 C CA  . LEU A 1 138 ? -8.653  -1.775  -8.701  1.00 18.25  ? 137 LEU A CA  1 
ATOM   1086 C C   . LEU A 1 138 ? -7.752  -0.544  -8.606  1.00 19.44  ? 137 LEU A C   1 
ATOM   1087 O O   . LEU A 1 138 ? -7.597  0.217   -9.559  1.00 20.92  ? 137 LEU A O   1 
ATOM   1088 C CB  . LEU A 1 138 ? -9.945  -1.539  -7.906  1.00 18.62  ? 137 LEU A CB  1 
ATOM   1089 C CG  . LEU A 1 138 ? -10.762 -0.271  -8.194  1.00 22.06  ? 137 LEU A CG  1 
ATOM   1090 C CD1 . LEU A 1 138 ? -11.291 -0.296  -9.623  1.00 21.60  ? 137 LEU A CD1 1 
ATOM   1091 C CD2 . LEU A 1 138 ? -11.913 -0.171  -7.196  1.00 19.05  ? 137 LEU A CD2 1 
ATOM   1092 N N   . PHE A 1 139 ? -7.151  -0.382  -7.433  1.00 18.70  ? 138 PHE A N   1 
ATOM   1093 C CA  . PHE A 1 139 ? -6.256  0.722   -7.133  1.00 20.07  ? 138 PHE A CA  1 
ATOM   1094 C C   . PHE A 1 139 ? -5.061  0.778   -8.090  1.00 20.37  ? 138 PHE A C   1 
ATOM   1095 O O   . PHE A 1 139 ? -4.693  1.845   -8.573  1.00 18.92  ? 138 PHE A O   1 
ATOM   1096 C CB  . PHE A 1 139 ? -5.798  0.574   -5.680  1.00 21.23  ? 138 PHE A CB  1 
ATOM   1097 C CG  . PHE A 1 139 ? -4.617  1.417   -5.314  1.00 26.79  ? 138 PHE A CG  1 
ATOM   1098 C CD1 . PHE A 1 139 ? -4.710  2.803   -5.286  1.00 27.42  ? 138 PHE A CD1 1 
ATOM   1099 C CD2 . PHE A 1 139 ? -3.411  0.815   -4.956  1.00 29.28  ? 138 PHE A CD2 1 
ATOM   1100 C CE1 . PHE A 1 139 ? -3.623  3.577   -4.899  1.00 31.59  ? 138 PHE A CE1 1 
ATOM   1101 C CE2 . PHE A 1 139 ? -2.315  1.577   -4.571  1.00 30.31  ? 138 PHE A CE2 1 
ATOM   1102 C CZ  . PHE A 1 139 ? -2.416  2.960   -4.540  1.00 32.00  ? 138 PHE A CZ  1 
ATOM   1103 N N   . ARG A 1 140 ? -4.460  -0.370  -8.380  1.00 20.47  ? 139 ARG A N   1 
ATOM   1104 C CA  . ARG A 1 140 ? -3.318  -0.369  -9.276  1.00 21.30  ? 139 ARG A CA  1 
ATOM   1105 C C   . ARG A 1 140 ? -3.728  0.005   -10.696 1.00 23.00  ? 139 ARG A C   1 
ATOM   1106 O O   . ARG A 1 140 ? -3.040  0.784   -11.361 1.00 23.93  ? 139 ARG A O   1 
ATOM   1107 C CB  . ARG A 1 140 ? -2.619  -1.732  -9.262  1.00 19.78  ? 139 ARG A CB  1 
ATOM   1108 C CG  . ARG A 1 140 ? -1.995  -2.102  -7.918  1.00 18.38  ? 139 ARG A CG  1 
ATOM   1109 C CD  . ARG A 1 140 ? -1.068  -3.306  -8.047  1.00 18.42  ? 139 ARG A CD  1 
ATOM   1110 N NE  . ARG A 1 140 ? -1.748  -4.521  -8.491  1.00 18.40  ? 139 ARG A NE  1 
ATOM   1111 C CZ  . ARG A 1 140 ? -2.398  -5.363  -7.689  1.00 18.85  ? 139 ARG A CZ  1 
ATOM   1112 N NH1 . ARG A 1 140 ? -2.462  -5.132  -6.382  1.00 17.19  ? 139 ARG A NH1 1 
ATOM   1113 N NH2 . ARG A 1 140 ? -2.980  -6.446  -8.193  1.00 18.46  ? 139 ARG A NH2 1 
ATOM   1114 N N   . LYS A 1 141 ? -4.859  -0.527  -11.152 1.00 25.18  ? 140 LYS A N   1 
ATOM   1115 C CA  . LYS A 1 141 ? -5.343  -0.246  -12.502 1.00 26.59  ? 140 LYS A CA  1 
ATOM   1116 C C   . LYS A 1 141 ? -5.635  1.230   -12.719 1.00 26.44  ? 140 LYS A C   1 
ATOM   1117 O O   . LYS A 1 141 ? -5.265  1.794   -13.750 1.00 25.41  ? 140 LYS A O   1 
ATOM   1118 C CB  . LYS A 1 141 ? -6.601  -1.065  -12.809 1.00 27.76  ? 140 LYS A CB  1 
ATOM   1119 C CG  . LYS A 1 141 ? -6.335  -2.560  -12.937 1.00 33.31  ? 140 LYS A CG  1 
ATOM   1120 C CD  . LYS A 1 141 ? -7.586  -3.330  -13.351 1.00 36.19  ? 140 LYS A CD  1 
ATOM   1121 C CE  . LYS A 1 141 ? -7.300  -4.823  -13.453 1.00 38.07  ? 140 LYS A CE  1 
ATOM   1122 N NZ  . LYS A 1 141 ? -8.489  -5.587  -13.926 1.00 41.98  ? 140 LYS A NZ  1 
ATOM   1123 N N   . ASP A 1 142 ? -6.301  1.856   -11.754 1.00 25.74  ? 141 ASP A N   1 
ATOM   1124 C CA  . ASP A 1 142 ? -6.623  3.273   -11.881 1.00 26.50  ? 141 ASP A CA  1 
ATOM   1125 C C   . ASP A 1 142 ? -5.358  4.123   -11.903 1.00 26.54  ? 141 ASP A C   1 
ATOM   1126 O O   . ASP A 1 142 ? -5.273  5.101   -12.647 1.00 27.29  ? 141 ASP A O   1 
ATOM   1127 C CB  . ASP A 1 142 ? -7.557  3.711   -10.750 1.00 27.08  ? 141 ASP A CB  1 
ATOM   1128 C CG  . ASP A 1 142 ? -8.977  3.197   -10.938 1.00 28.38  ? 141 ASP A CG  1 
ATOM   1129 O OD1 . ASP A 1 142 ? -9.195  2.380   -11.858 1.00 29.00  ? 141 ASP A OD1 1 
ATOM   1130 O OD2 . ASP A 1 142 ? -9.876  3.599   -10.169 1.00 30.57  ? 141 ASP A OD2 1 
ATOM   1131 N N   . ILE A 1 143 ? -4.375  3.742   -11.095 1.00 27.69  ? 142 ILE A N   1 
ATOM   1132 C CA  . ILE A 1 143 ? -3.103  4.460   -11.048 1.00 29.90  ? 142 ILE A CA  1 
ATOM   1133 C C   . ILE A 1 143 ? -2.369  4.307   -12.377 1.00 30.51  ? 142 ILE A C   1 
ATOM   1134 O O   . ILE A 1 143 ? -1.756  5.249   -12.865 1.00 31.21  ? 142 ILE A O   1 
ATOM   1135 C CB  . ILE A 1 143 ? -2.207  3.926   -9.913  1.00 31.38  ? 142 ILE A CB  1 
ATOM   1136 C CG1 . ILE A 1 143 ? -2.621  4.571   -8.595  1.00 30.41  ? 142 ILE A CG1 1 
ATOM   1137 C CG2 . ILE A 1 143 ? -0.731  4.181   -10.224 1.00 30.70  ? 142 ILE A CG2 1 
ATOM   1138 C CD1 . ILE A 1 143 ? -1.788  4.123   -7.448  1.00 33.89  ? 142 ILE A CD1 1 
ATOM   1139 N N   . ALA A 1 144 ? -2.430  3.110   -12.951 1.00 31.71  ? 143 ALA A N   1 
ATOM   1140 C CA  . ALA A 1 144 ? -1.782  2.837   -14.231 1.00 33.24  ? 143 ALA A CA  1 
ATOM   1141 C C   . ALA A 1 144 ? -2.489  3.620   -15.332 1.00 34.20  ? 143 ALA A C   1 
ATOM   1142 O O   . ALA A 1 144 ? -1.871  4.014   -16.318 1.00 35.47  ? 143 ALA A O   1 
ATOM   1143 C CB  . ALA A 1 144 ? -1.829  1.348   -14.534 1.00 31.79  ? 143 ALA A CB  1 
ATOM   1144 N N   . ALA A 1 145 ? -3.789  3.836   -15.158 1.00 35.19  ? 144 ALA A N   1 
ATOM   1145 C CA  . ALA A 1 145 ? -4.579  4.592   -16.124 1.00 35.57  ? 144 ALA A CA  1 
ATOM   1146 C C   . ALA A 1 145 ? -4.122  6.050   -16.121 1.00 36.83  ? 144 ALA A C   1 
ATOM   1147 O O   . ALA A 1 145 ? -3.977  6.671   -17.178 1.00 36.69  ? 144 ALA A O   1 
ATOM   1148 C CB  . ALA A 1 145 ? -6.052  4.509   -15.766 1.00 35.59  ? 144 ALA A CB  1 
ATOM   1149 N N   . LYS A 1 146 ? -3.907  6.594   -14.927 1.00 37.51  ? 145 LYS A N   1 
ATOM   1150 C CA  . LYS A 1 146 ? -3.452  7.970   -14.796 1.00 39.00  ? 145 LYS A CA  1 
ATOM   1151 C C   . LYS A 1 146 ? -2.049  8.096   -15.382 1.00 40.30  ? 145 LYS A C   1 
ATOM   1152 O O   . LYS A 1 146 ? -1.734  9.085   -16.038 1.00 39.25  ? 145 LYS A O   1 
ATOM   1153 C CB  . LYS A 1 146 ? -3.453  8.397   -13.330 1.00 40.65  ? 145 LYS A CB  1 
ATOM   1154 C CG  . LYS A 1 146 ? -4.843  8.617   -12.751 1.00 44.29  ? 145 LYS A CG  1 
ATOM   1155 C CD  . LYS A 1 146 ? -5.539  9.801   -13.417 1.00 47.11  ? 145 LYS A CD  1 
ATOM   1156 C CE  . LYS A 1 146 ? -6.881  10.106  -12.756 1.00 47.51  ? 145 LYS A CE  1 
ATOM   1157 N NZ  . LYS A 1 146 ? -7.543  11.299  -13.359 1.00 48.84  ? 145 LYS A NZ  1 
ATOM   1158 N N   . TYR A 1 147 ? -1.208  7.095   -15.143 1.00 41.08  ? 146 TYR A N   1 
ATOM   1159 C CA  . TYR A 1 147 ? 0.150   7.099   -15.681 1.00 42.07  ? 146 TYR A CA  1 
ATOM   1160 C C   . TYR A 1 147 ? 0.054   7.199   -17.205 1.00 43.56  ? 146 TYR A C   1 
ATOM   1161 O O   . TYR A 1 147 ? 0.467   8.191   -17.801 1.00 40.97  ? 146 TYR A O   1 
ATOM   1162 C CB  . TYR A 1 147 ? 0.877   5.800   -15.315 1.00 42.83  ? 146 TYR A CB  1 
ATOM   1163 C CG  . TYR A 1 147 ? 1.470   5.735   -13.921 1.00 42.83  ? 146 TYR A CG  1 
ATOM   1164 C CD1 . TYR A 1 147 ? 1.355   6.800   -13.029 1.00 42.59  ? 146 TYR A CD1 1 
ATOM   1165 C CD2 . TYR A 1 147 ? 2.171   4.602   -13.506 1.00 43.92  ? 146 TYR A CD2 1 
ATOM   1166 C CE1 . TYR A 1 147 ? 1.929   6.741   -11.756 1.00 42.52  ? 146 TYR A CE1 1 
ATOM   1167 C CE2 . TYR A 1 147 ? 2.749   4.530   -12.236 1.00 43.37  ? 146 TYR A CE2 1 
ATOM   1168 C CZ  . TYR A 1 147 ? 2.626   5.602   -11.368 1.00 43.13  ? 146 TYR A CZ  1 
ATOM   1169 O OH  . TYR A 1 147 ? 3.203   5.527   -10.117 1.00 42.68  ? 146 TYR A OH  1 
ATOM   1170 N N   . LYS A 1 148 ? -0.491  6.148   -17.813 1.00 46.60  ? 147 LYS A N   1 
ATOM   1171 C CA  . LYS A 1 148 ? -0.676  6.070   -19.257 1.00 50.46  ? 147 LYS A CA  1 
ATOM   1172 C C   . LYS A 1 148 ? -1.283  7.365   -19.779 1.00 52.28  ? 147 LYS A C   1 
ATOM   1173 O O   . LYS A 1 148 ? -0.810  7.932   -20.762 1.00 52.83  ? 147 LYS A O   1 
ATOM   1174 C CB  . LYS A 1 148 ? -1.590  4.890   -19.600 1.00 50.88  ? 147 LYS A CB  1 
ATOM   1175 C CG  . LYS A 1 148 ? -0.989  3.529   -19.263 1.00 53.75  ? 147 LYS A CG  1 
ATOM   1176 C CD  . LYS A 1 148 ? -2.063  2.471   -19.025 1.00 54.67  ? 147 LYS A CD  1 
ATOM   1177 C CE  . LYS A 1 148 ? -2.897  2.203   -20.269 1.00 54.78  ? 147 LYS A CE  1 
ATOM   1178 N NZ  . LYS A 1 148 ? -3.951  1.188   -19.993 1.00 54.01  ? 147 LYS A NZ  1 
ATOM   1179 N N   . GLU A 1 149 ? -2.330  7.831   -19.108 1.00 54.69  ? 148 GLU A N   1 
ATOM   1180 C CA  . GLU A 1 149 ? -2.990  9.068   -19.499 1.00 56.74  ? 148 GLU A CA  1 
ATOM   1181 C C   . GLU A 1 149 ? -2.001  10.233  -19.456 1.00 57.29  ? 148 GLU A C   1 
ATOM   1182 O O   . GLU A 1 149 ? -2.271  11.301  -20.005 1.00 58.14  ? 148 GLU A O   1 
ATOM   1183 C CB  . GLU A 1 149 ? -4.164  9.358   -18.561 1.00 57.77  ? 148 GLU A CB  1 
ATOM   1184 C CG  . GLU A 1 149 ? -4.987  10.561  -18.967 1.00 60.26  ? 148 GLU A CG  1 
ATOM   1185 C CD  . GLU A 1 149 ? -5.975  10.979  -17.900 1.00 61.60  ? 148 GLU A CD  1 
ATOM   1186 O OE1 . GLU A 1 149 ? -6.791  10.133  -17.472 1.00 61.99  ? 148 GLU A OE1 1 
ATOM   1187 O OE2 . GLU A 1 149 ? -5.938  12.159  -17.492 1.00 64.07  ? 148 GLU A OE2 1 
ATOM   1188 N N   . LEU A 1 150 ? -0.853  10.019  -18.814 1.00 57.74  ? 149 LEU A N   1 
ATOM   1189 C CA  . LEU A 1 150 ? 0.173   11.056  -18.692 1.00 58.23  ? 149 LEU A CA  1 
ATOM   1190 C C   . LEU A 1 150 ? 1.509   10.726  -19.368 1.00 58.15  ? 149 LEU A C   1 
ATOM   1191 O O   . LEU A 1 150 ? 2.522   11.369  -19.088 1.00 58.57  ? 149 LEU A O   1 
ATOM   1192 C CB  . LEU A 1 150 ? 0.431   11.369  -17.215 1.00 58.89  ? 149 LEU A CB  1 
ATOM   1193 C CG  . LEU A 1 150 ? -0.589  12.251  -16.475 1.00 60.88  ? 149 LEU A CG  1 
ATOM   1194 C CD1 . LEU A 1 150 ? -1.982  11.618  -16.479 1.00 61.23  ? 149 LEU A CD1 1 
ATOM   1195 C CD2 . LEU A 1 150 ? -0.079  12.487  -15.050 1.00 61.05  ? 149 LEU A CD2 1 
ATOM   1196 N N   . GLY A 1 151 ? 1.522   9.725   -20.243 1.00 57.69  ? 150 GLY A N   1 
ATOM   1197 C CA  . GLY A 1 151 ? 2.751   9.377   -20.938 1.00 57.61  ? 150 GLY A CA  1 
ATOM   1198 C C   . GLY A 1 151 ? 3.702   8.452   -20.201 1.00 57.55  ? 150 GLY A C   1 
ATOM   1199 O O   . GLY A 1 151 ? 4.520   7.785   -20.837 1.00 58.37  ? 150 GLY A O   1 
ATOM   1200 N N   . TYR A 1 152 ? 3.616   8.407   -18.872 1.00 56.67  ? 151 TYR A N   1 
ATOM   1201 C CA  . TYR A 1 152 ? 4.493   7.533   -18.093 1.00 55.60  ? 151 TYR A CA  1 
ATOM   1202 C C   . TYR A 1 152 ? 4.085   6.074   -18.277 1.00 55.55  ? 151 TYR A C   1 
ATOM   1203 O O   . TYR A 1 152 ? 2.904   5.732   -18.194 1.00 55.14  ? 151 TYR A O   1 
ATOM   1204 C CB  . TYR A 1 152 ? 4.435   7.895   -16.601 1.00 55.68  ? 151 TYR A CB  1 
ATOM   1205 C CG  . TYR A 1 152 ? 5.285   7.002   -15.704 1.00 55.89  ? 151 TYR A CG  1 
ATOM   1206 C CD1 . TYR A 1 152 ? 5.001   6.878   -14.339 1.00 56.04  ? 151 TYR A CD1 1 
ATOM   1207 C CD2 . TYR A 1 152 ? 6.358   6.271   -16.218 1.00 55.34  ? 151 TYR A CD2 1 
ATOM   1208 C CE1 . TYR A 1 152 ? 5.764   6.044   -13.514 1.00 55.47  ? 151 TYR A CE1 1 
ATOM   1209 C CE2 . TYR A 1 152 ? 7.123   5.437   -15.404 1.00 55.17  ? 151 TYR A CE2 1 
ATOM   1210 C CZ  . TYR A 1 152 ? 6.820   5.325   -14.056 1.00 55.56  ? 151 TYR A CZ  1 
ATOM   1211 O OH  . TYR A 1 152 ? 7.560   4.476   -13.264 1.00 54.73  ? 151 TYR A OH  1 
ATOM   1212 N N   . GLN A 1 153 ? 5.070   5.219   -18.535 1.00 55.42  ? 152 GLN A N   1 
ATOM   1213 C CA  . GLN A 1 153 ? 4.828   3.791   -18.723 1.00 56.32  ? 152 GLN A CA  1 
ATOM   1214 C C   . GLN A 1 153 ? 5.359   3.043   -17.502 1.00 56.81  ? 152 GLN A C   1 
ATOM   1215 O O   . GLN A 1 153 ? 6.259   2.211   -17.621 1.00 57.68  ? 152 GLN A O   1 
ATOM   1216 C CB  . GLN A 1 153 ? 5.544   3.295   -19.982 1.00 56.47  ? 152 GLN A CB  1 
ATOM   1217 C CG  . GLN A 1 153 ? 5.168   4.056   -21.241 1.00 57.45  ? 152 GLN A CG  1 
ATOM   1218 C CD  . GLN A 1 153 ? 3.672   4.043   -21.496 1.00 58.16  ? 152 GLN A CD  1 
ATOM   1219 O OE1 . GLN A 1 153 ? 3.066   2.980   -21.648 1.00 58.05  ? 152 GLN A OE1 1 
ATOM   1220 N NE2 . GLN A 1 153 ? 3.066   5.227   -21.538 1.00 56.70  ? 152 GLN A NE2 1 
ATOM   1221 N N   . GLY A 1 154 ? 4.788   3.346   -16.337 1.00 55.83  ? 153 GLY A N   1 
ATOM   1222 C CA  . GLY A 1 154 ? 5.214   2.731   -15.090 1.00 54.63  ? 153 GLY A CA  1 
ATOM   1223 C C   . GLY A 1 154 ? 5.425   1.231   -15.087 1.00 54.06  ? 153 GLY A C   1 
ATOM   1224 O O   . GLY A 1 154 ? 4.904   0.562   -14.175 1.00 52.96  ? 153 GLY A O   1 
ATOM   1225 O OXT . GLY A 1 154 ? 6.127   0.718   -15.979 1.00 54.50  ? 153 GLY A OXT 1 
HETATM 1226 P P   . PO4 B 2 .   ? -16.936 5.860   -11.398 1.00 96.02  ? 155 PO4 A P   1 
HETATM 1227 O O1  . PO4 B 2 .   ? -16.133 6.795   -10.549 1.00 95.55  ? 155 PO4 A O1  1 
HETATM 1228 O O2  . PO4 B 2 .   ? -17.254 4.630   -10.605 1.00 95.08  ? 155 PO4 A O2  1 
HETATM 1229 O O3  . PO4 B 2 .   ? -16.154 5.489   -12.617 1.00 95.22  ? 155 PO4 A O3  1 
HETATM 1230 O O4  . PO4 B 2 .   ? -18.205 6.526   -11.821 1.00 94.96  ? 155 PO4 A O4  1 
HETATM 1231 P P   . PO4 C 2 .   ? 5.547   -13.280 9.594   1.00 68.95  ? 156 PO4 A P   1 
HETATM 1232 O O1  . PO4 C 2 .   ? 5.428   -11.881 9.115   1.00 69.50  ? 156 PO4 A O1  1 
HETATM 1233 O O2  . PO4 C 2 .   ? 6.518   -13.336 10.715  1.00 70.54  ? 156 PO4 A O2  1 
HETATM 1234 O O3  . PO4 C 2 .   ? 6.022   -14.143 8.484   1.00 70.48  ? 156 PO4 A O3  1 
HETATM 1235 O O4  . PO4 C 2 .   ? 4.223   -13.757 10.063  1.00 69.50  ? 156 PO4 A O4  1 
HETATM 1236 P P   . PO4 D 2 .   ? -7.248  -8.403  15.863  1.00 57.50  ? 157 PO4 A P   1 
HETATM 1237 O O1  . PO4 D 2 .   ? -6.433  -7.167  15.829  1.00 57.94  ? 157 PO4 A O1  1 
HETATM 1238 O O2  . PO4 D 2 .   ? -6.573  -9.412  16.716  1.00 57.84  ? 157 PO4 A O2  1 
HETATM 1239 O O3  . PO4 D 2 .   ? -7.399  -8.935  14.485  1.00 58.08  ? 157 PO4 A O3  1 
HETATM 1240 O O4  . PO4 D 2 .   ? -8.588  -8.097  16.424  1.00 59.22  ? 157 PO4 A O4  1 
HETATM 1241 P P   . PO4 E 2 .   ? -13.963 -7.736  15.517  1.00 101.11 ? 158 PO4 A P   1 
HETATM 1242 O O1  . PO4 E 2 .   ? -15.330 -8.077  15.981  1.00 101.00 ? 158 PO4 A O1  1 
HETATM 1243 O O2  . PO4 E 2 .   ? -13.917 -6.304  15.121  1.00 101.09 ? 158 PO4 A O2  1 
HETATM 1244 O O3  . PO4 E 2 .   ? -13.610 -8.586  14.349  1.00 101.10 ? 158 PO4 A O3  1 
HETATM 1245 O O4  . PO4 E 2 .   ? -12.993 -7.977  16.617  1.00 101.21 ? 158 PO4 A O4  1 
HETATM 1246 P P   . PO4 F 2 .   ? 10.239  16.696  5.325   1.00 85.01  ? 159 PO4 A P   1 
HETATM 1247 O O1  . PO4 F 2 .   ? 10.189  17.667  6.449   1.00 85.11  ? 159 PO4 A O1  1 
HETATM 1248 O O2  . PO4 F 2 .   ? 10.338  15.316  5.868   1.00 84.76  ? 159 PO4 A O2  1 
HETATM 1249 O O3  . PO4 F 2 .   ? 11.422  16.982  4.477   1.00 84.70  ? 159 PO4 A O3  1 
HETATM 1250 O O4  . PO4 F 2 .   ? 9.006   16.820  4.507   1.00 85.00  ? 159 PO4 A O4  1 
HETATM 1251 P P   . PO4 G 2 .   ? 18.420  -8.841  9.348   1.00 91.30  ? 160 PO4 A P   1 
HETATM 1252 O O1  . PO4 G 2 .   ? 18.893  -8.158  10.588  1.00 91.23  ? 160 PO4 A O1  1 
HETATM 1253 O O2  . PO4 G 2 .   ? 19.293  -10.019 9.074   1.00 91.64  ? 160 PO4 A O2  1 
HETATM 1254 O O3  . PO4 G 2 .   ? 18.484  -7.896  8.197   1.00 90.75  ? 160 PO4 A O3  1 
HETATM 1255 O O4  . PO4 G 2 .   ? 17.012  -9.294  9.538   1.00 91.55  ? 160 PO4 A O4  1 
HETATM 1256 O O   . HOH H 3 .   ? 10.774  2.199   11.503  1.00 9.76   ? 200 HOH A O   1 
HETATM 1257 O O   . HOH H 3 .   ? 6.032   -7.818  -0.902  1.00 19.19  ? 201 HOH A O   1 
HETATM 1258 O O   . HOH H 3 .   ? 4.623   -1.116  -16.958 1.00 16.66  ? 202 HOH A O   1 
HETATM 1259 O O   . HOH H 3 .   ? -20.442 -2.038  -3.935  1.00 17.85  ? 203 HOH A O   1 
HETATM 1260 O O   . HOH H 3 .   ? 6.092   3.972   -0.430  1.00 50.22  ? 204 HOH A O   1 
HETATM 1261 O O   . HOH H 3 .   ? -1.457  3.634   17.869  1.00 15.35  ? 205 HOH A O   1 
HETATM 1262 O O   . HOH H 3 .   ? 18.902  -2.223  -1.879  1.00 25.87  ? 206 HOH A O   1 
HETATM 1263 O O   . HOH H 3 .   ? 5.899   1.604   16.052  1.00 22.38  ? 207 HOH A O   1 
HETATM 1264 O O   . HOH H 3 .   ? -11.326 2.817   -3.282  1.00 22.59  ? 208 HOH A O   1 
HETATM 1265 O O   . HOH H 3 .   ? 5.168   3.106   9.359   1.00 11.14  ? 209 HOH A O   1 
HETATM 1266 O O   . HOH H 3 .   ? -4.107  -3.310  15.296  1.00 23.77  ? 210 HOH A O   1 
HETATM 1267 O O   . HOH H 3 .   ? 17.634  10.932  6.787   1.00 21.55  ? 211 HOH A O   1 
HETATM 1268 O O   . HOH H 3 .   ? 0.511   -13.733 6.997   1.00 35.31  ? 212 HOH A O   1 
HETATM 1269 O O   . HOH H 3 .   ? 0.806   3.222   16.815  1.00 25.38  ? 213 HOH A O   1 
HETATM 1270 O O   . HOH H 3 .   ? -2.073  -5.341  14.964  1.00 26.50  ? 215 HOH A O   1 
HETATM 1271 O O   . HOH H 3 .   ? -12.593 -8.057  7.698   1.00 19.06  ? 216 HOH A O   1 
HETATM 1272 O O   . HOH H 3 .   ? 10.055  9.178   5.097   1.00 32.66  ? 217 HOH A O   1 
HETATM 1273 O O   . HOH H 3 .   ? 11.052  9.514   2.574   1.00 65.27  ? 218 HOH A O   1 
HETATM 1274 O O   . HOH H 3 .   ? -22.921 -7.101  -0.440  1.00 32.90  ? 219 HOH A O   1 
HETATM 1275 O O   . HOH H 3 .   ? 2.974   15.409  -8.310  1.00 68.35  ? 220 HOH A O   1 
HETATM 1276 O O   . HOH H 3 .   ? -5.463  0.150   -15.919 1.00 25.21  ? 221 HOH A O   1 
HETATM 1277 O O   . HOH H 3 .   ? -19.311 -7.326  5.287   1.00 23.76  ? 222 HOH A O   1 
HETATM 1278 O O   . HOH H 3 .   ? -6.068  4.848   7.280   1.00 25.98  ? 223 HOH A O   1 
HETATM 1279 O O   . HOH H 3 .   ? -7.158  19.290  -10.472 1.00 41.23  ? 224 HOH A O   1 
HETATM 1280 O O   . HOH H 3 .   ? -12.810 -3.413  12.594  1.00 29.43  ? 225 HOH A O   1 
HETATM 1281 O O   . HOH H 3 .   ? -1.180  -4.752  -11.322 1.00 21.79  ? 226 HOH A O   1 
HETATM 1282 O O   . HOH H 3 .   ? -11.636 8.944   2.500   1.00 19.65  ? 227 HOH A O   1 
HETATM 1283 O O   . HOH H 3 .   ? 15.778  -1.652  15.993  1.00 33.46  ? 228 HOH A O   1 
HETATM 1284 O O   . HOH H 3 .   ? -7.298  -12.045 14.664  1.00 47.94  ? 229 HOH A O   1 
HETATM 1285 O O   . HOH H 3 .   ? 9.230   -9.098  7.058   1.00 16.23  ? 230 HOH A O   1 
HETATM 1286 O O   . HOH H 3 .   ? 4.238   -6.216  -13.169 1.00 38.66  ? 231 HOH A O   1 
HETATM 1287 O O   . HOH H 3 .   ? 12.040  -8.512  -6.863  1.00 32.69  ? 232 HOH A O   1 
HETATM 1288 O O   . HOH H 3 .   ? -17.226 -1.461  -6.142  1.00 30.40  ? 233 HOH A O   1 
HETATM 1289 O O   . HOH H 3 .   ? 4.513   -9.538  -8.503  1.00 33.90  ? 234 HOH A O   1 
HETATM 1290 O O   . HOH H 3 .   ? 19.945  5.162   6.130   1.00 22.48  ? 235 HOH A O   1 
HETATM 1291 O O   . HOH H 3 .   ? 13.791  8.856   0.361   1.00 42.23  ? 236 HOH A O   1 
HETATM 1292 O O   . HOH H 3 .   ? 7.513   -7.298  8.356   1.00 18.73  ? 237 HOH A O   1 
HETATM 1293 O O   . HOH H 3 .   ? 20.074  -2.370  -4.098  1.00 34.61  ? 238 HOH A O   1 
HETATM 1294 O O   . HOH H 3 .   ? -11.486 3.345   9.988   1.00 19.72  ? 239 HOH A O   1 
HETATM 1295 O O   . HOH H 3 .   ? -11.584 -16.909 12.813  1.00 32.37  ? 240 HOH A O   1 
HETATM 1296 O O   . HOH H 3 .   ? -4.107  -7.154  -5.149  1.00 20.56  ? 241 HOH A O   1 
HETATM 1297 O O   . HOH H 3 .   ? 18.185  6.364   7.248   1.00 30.82  ? 242 HOH A O   1 
HETATM 1298 O O   . HOH H 3 .   ? -3.389  -6.137  -11.008 1.00 50.16  ? 243 HOH A O   1 
HETATM 1299 O O   . HOH H 3 .   ? -13.733 -11.518 7.427   1.00 46.71  ? 244 HOH A O   1 
HETATM 1300 O O   . HOH H 3 .   ? 5.703   -9.183  8.199   1.00 41.80  ? 245 HOH A O   1 
HETATM 1301 O O   . HOH H 3 .   ? 14.224  0.640   -7.746  1.00 39.60  ? 247 HOH A O   1 
HETATM 1302 O O   . HOH H 3 .   ? 3.377   -8.297  10.628  1.00 38.85  ? 249 HOH A O   1 
HETATM 1303 O O   . HOH H 3 .   ? 17.921  3.071   11.814  1.00 26.77  ? 251 HOH A O   1 
HETATM 1304 O O   . HOH H 3 .   ? -17.648 6.784   -1.886  1.00 56.42  ? 252 HOH A O   1 
HETATM 1305 O O   . HOH H 3 .   ? 0.216   -11.733 0.145   1.00 28.96  ? 254 HOH A O   1 
HETATM 1306 O O   . HOH H 3 .   ? 16.178  -9.635  1.849   1.00 25.49  ? 257 HOH A O   1 
HETATM 1307 O O   . HOH H 3 .   ? -12.009 1.562   8.076   1.00 33.66  ? 258 HOH A O   1 
HETATM 1308 O O   . HOH H 3 .   ? -9.716  0.917   -5.086  1.00 35.00  ? 259 HOH A O   1 
HETATM 1309 O O   . HOH H 3 .   ? -14.256 -11.706 -1.286  1.00 25.77  ? 261 HOH A O   1 
HETATM 1310 O O   . HOH H 3 .   ? -14.048 8.947   -8.158  1.00 44.69  ? 262 HOH A O   1 
HETATM 1311 O O   . HOH H 3 .   ? 9.418   2.299   16.553  1.00 42.89  ? 265 HOH A O   1 
HETATM 1312 O O   . HOH H 3 .   ? -6.660  7.524   5.896   1.00 26.24  ? 266 HOH A O   1 
HETATM 1313 O O   . HOH H 3 .   ? -12.951 11.138  -5.039  1.00 37.36  ? 267 HOH A O   1 
HETATM 1314 O O   . HOH H 3 .   ? -9.235  14.702  -10.705 1.00 34.85  ? 269 HOH A O   1 
HETATM 1315 O O   . HOH H 3 .   ? 11.423  3.459   14.865  1.00 51.69  ? 270 HOH A O   1 
HETATM 1316 O O   . HOH H 3 .   ? 11.075  11.729  6.771   1.00 37.89  ? 271 HOH A O   1 
HETATM 1317 O O   . HOH H 3 .   ? -9.652  -11.733 -5.330  1.00 32.32  ? 272 HOH A O   1 
HETATM 1318 O O   . HOH H 3 .   ? 2.298   11.699  -3.844  1.00 44.89  ? 273 HOH A O   1 
HETATM 1319 O O   . HOH H 3 .   ? -4.105  -9.080  -7.817  1.00 30.91  ? 275 HOH A O   1 
HETATM 1320 O O   . HOH H 3 .   ? 18.764  6.208   13.308  1.00 34.67  ? 276 HOH A O   1 
HETATM 1321 O O   . HOH H 3 .   ? 7.924   -0.570  -16.980 1.00 15.47  ? 278 HOH A O   1 
HETATM 1322 O O   . HOH H 3 .   ? 3.877   -9.987  -5.188  1.00 52.54  ? 279 HOH A O   1 
HETATM 1323 O O   . HOH H 3 .   ? 7.119   10.763  5.075   1.00 36.03  ? 281 HOH A O   1 
HETATM 1324 O O   . HOH H 3 .   ? 11.151  -4.788  -15.072 1.00 22.49  ? 282 HOH A O   1 
HETATM 1325 O O   . HOH H 3 .   ? -10.275 10.018  4.660   1.00 30.96  ? 284 HOH A O   1 
HETATM 1326 O O   . HOH H 3 .   ? 6.216   -9.794  -2.507  1.00 36.23  ? 285 HOH A O   1 
HETATM 1327 O O   . HOH H 3 .   ? -9.280  8.368   6.139   1.00 39.88  ? 286 HOH A O   1 
HETATM 1328 O O   . HOH H 3 .   ? 0.830   12.191  5.393   1.00 51.18  ? 287 HOH A O   1 
HETATM 1329 O O   . HOH H 3 .   ? -20.722 0.044   -2.170  1.00 29.91  ? 288 HOH A O   1 
HETATM 1330 O O   . HOH H 3 .   ? -17.961 -12.845 1.453   1.00 36.92  ? 289 HOH A O   1 
HETATM 1331 O O   . HOH H 3 .   ? 1.255   -14.396 13.039  1.00 53.92  ? 290 HOH A O   1 
HETATM 1332 O O   . HOH H 3 .   ? -8.914  -15.198 -1.148  1.00 42.59  ? 291 HOH A O   1 
HETATM 1333 O O   . HOH H 3 .   ? 17.407  6.824   -5.114  1.00 38.72  ? 295 HOH A O   1 
HETATM 1334 O O   . HOH H 3 .   ? -22.594 -1.065  4.707   1.00 44.58  ? 296 HOH A O   1 
HETATM 1335 O O   . HOH H 3 .   ? -7.146  -4.814  16.496  1.00 41.26  ? 299 HOH A O   1 
HETATM 1336 O O   . HOH H 3 .   ? 12.450  -4.759  -9.534  1.00 34.31  ? 300 HOH A O   1 
HETATM 1337 O O   . HOH H 3 .   ? 16.183  7.096   13.634  1.00 43.06  ? 301 HOH A O   1 
HETATM 1338 O O   . HOH H 3 .   ? 10.379  -10.027 -9.102  1.00 36.82  ? 302 HOH A O   1 
HETATM 1339 O O   . HOH H 3 .   ? -6.376  6.206   13.426  1.00 38.24  ? 305 HOH A O   1 
HETATM 1340 O O   . HOH H 3 .   ? 4.326   -6.904  14.195  1.00 29.65  ? 306 HOH A O   1 
HETATM 1341 O O   . HOH H 3 .   ? -14.568 8.457   7.001   1.00 49.12  ? 308 HOH A O   1 
HETATM 1342 O O   . HOH H 3 .   ? 5.155   16.849  -10.713 1.00 41.68  ? 309 HOH A O   1 
HETATM 1343 O O   . HOH H 3 .   ? -0.694  10.691  3.707   1.00 22.50  ? 310 HOH A O   1 
HETATM 1344 O O   . HOH H 3 .   ? 14.009  8.538   -3.350  1.00 50.96  ? 311 HOH A O   1 
HETATM 1345 O O   . HOH H 3 .   ? 3.913   -2.758  16.472  1.00 38.95  ? 312 HOH A O   1 
HETATM 1346 O O   . HOH H 3 .   ? 8.429   -12.906 -0.597  1.00 34.77  ? 318 HOH A O   1 
HETATM 1347 O O   . HOH H 3 .   ? -17.493 -7.186  15.154  1.00 43.62  ? 323 HOH A O   1 
HETATM 1348 O O   . HOH H 3 .   ? -19.136 2.173   -3.387  1.00 31.25  ? 325 HOH A O   1 
HETATM 1349 O O   . HOH H 3 .   ? 15.198  -4.011  -13.226 1.00 60.68  ? 332 HOH A O   1 
HETATM 1350 O O   . HOH H 3 .   ? -19.877 5.960   2.374   1.00 47.38  ? 333 HOH A O   1 
HETATM 1351 O O   . HOH H 3 .   ? -15.864 -8.034  8.826   1.00 39.22  ? 334 HOH A O   1 
HETATM 1352 O O   . HOH H 3 .   ? -5.116  9.544   -0.369  1.00 27.68  ? 401 HOH A O   1 
HETATM 1353 O O   . HOH H 3 .   ? -19.947 1.945   -5.927  1.00 39.84  ? 403 HOH A O   1 
HETATM 1354 O O   . HOH H 3 .   ? -1.978  -1.803  22.245  1.00 34.55  ? 404 HOH A O   1 
HETATM 1355 O O   . HOH H 3 .   ? 19.260  -3.631  0.392   1.00 44.55  ? 405 HOH A O   1 
HETATM 1356 O O   . HOH H 3 .   ? 16.439  -5.964  2.467   1.00 35.71  ? 406 HOH A O   1 
HETATM 1357 O O   . HOH H 3 .   ? 11.731  10.487  -4.055  1.00 44.88  ? 407 HOH A O   1 
HETATM 1358 O O   . HOH H 3 .   ? -18.604 -10.183 2.164   1.00 24.41  ? 409 HOH A O   1 
HETATM 1359 O O   . HOH H 3 .   ? -23.332 -6.226  10.222  1.00 46.86  ? 411 HOH A O   1 
HETATM 1360 O O   . HOH H 3 .   ? 6.776   -15.121 13.521  1.00 52.68  ? 412 HOH A O   1 
HETATM 1361 O O   . HOH H 3 .   ? -14.278 8.961   3.155   1.00 39.39  ? 413 HOH A O   1 
HETATM 1362 O O   . HOH H 3 .   ? -0.253  -12.519 15.200  1.00 39.40  ? 415 HOH A O   1 
HETATM 1363 O O   . HOH H 3 .   ? -21.912 4.018   0.223   1.00 40.22  ? 417 HOH A O   1 
HETATM 1364 O O   . HOH H 3 .   ? -5.181  -11.461 -2.124  1.00 41.72  ? 420 HOH A O   1 
HETATM 1365 O O   . HOH H 3 .   ? -1.369  -9.188  -4.301  1.00 37.94  ? 421 HOH A O   1 
HETATM 1366 O O   . HOH H 3 .   ? 9.176   7.744   16.622  1.00 61.05  ? 422 HOH A O   1 
HETATM 1367 O O   . HOH H 3 .   ? -15.312 -5.181  -14.072 1.00 45.39  ? 423 HOH A O   1 
HETATM 1368 O O   . HOH H 3 .   ? -13.119 6.701   8.922   1.00 33.47  ? 424 HOH A O   1 
HETATM 1369 O O   . HOH H 3 .   ? -11.825 -3.571  15.333  1.00 47.73  ? 431 HOH A O   1 
HETATM 1370 O O   . HOH H 3 .   ? 5.508   -16.587 6.709   1.00 38.68  ? 435 HOH A O   1 
HETATM 1371 O O   . HOH H 3 .   ? -11.860 -5.997  -14.687 1.00 54.50  ? 436 HOH A O   1 
HETATM 1372 O O   . HOH H 3 .   ? 13.715  -1.284  -12.278 1.00 40.70  ? 438 HOH A O   1 
HETATM 1373 O O   . HOH H 3 .   ? -10.354 -9.275  8.361   1.00 36.59  ? 439 HOH A O   1 
HETATM 1374 O O   . HOH H 3 .   ? 11.544  -9.602  8.562   1.00 37.49  ? 440 HOH A O   1 
HETATM 1375 O O   . HOH H 3 .   ? 0.844   11.024  13.099  1.00 45.92  ? 443 HOH A O   1 
HETATM 1376 O O   . HOH H 3 .   ? -16.214 4.660   3.487   1.00 31.87  ? 445 HOH A O   1 
HETATM 1377 O O   . HOH H 3 .   ? -17.399 8.602   -8.686  1.00 31.03  ? 446 HOH A O   1 
HETATM 1378 O O   . HOH H 3 .   ? -19.829 5.241   -1.698  1.00 50.37  ? 447 HOH A O   1 
HETATM 1379 O O   . HOH H 3 .   ? -4.301  -13.734 -0.005  1.00 38.58  ? 449 HOH A O   1 
HETATM 1380 O O   . HOH H 3 .   ? -7.755  6.852   -13.193 1.00 39.36  ? 451 HOH A O   1 
HETATM 1381 O O   . HOH H 3 .   ? -0.106  -7.960  -6.417  1.00 48.26  ? 452 HOH A O   1 
HETATM 1382 O O   . HOH H 3 .   ? -2.097  -16.419 4.254   1.00 42.00  ? 453 HOH A O   1 
HETATM 1383 O O   . HOH H 3 .   ? -16.072 -1.465  9.982   1.00 39.70  ? 464 HOH A O   1 
HETATM 1384 O O   . HOH H 3 .   ? -12.937 3.312   -10.207 1.00 40.72  ? 465 HOH A O   1 
HETATM 1385 O O   . HOH H 3 .   ? -6.951  -13.605 -2.167  1.00 40.89  ? 467 HOH A O   1 
HETATM 1386 O O   . HOH H 3 .   ? 1.920   -5.595  17.588  1.00 50.33  ? 468 HOH A O   1 
HETATM 1387 O O   . HOH H 3 .   ? -18.933 2.961   4.323   1.00 52.00  ? 470 HOH A O   1 
HETATM 1388 O O   . HOH H 3 .   ? -16.834 10.069  -6.716  1.00 62.70  ? 471 HOH A O   1 
HETATM 1389 O O   . HOH H 3 .   ? -21.113 -9.962  -0.380  1.00 34.71  ? 478 HOH A O   1 
HETATM 1390 O O   . HOH H 3 .   ? -18.508 -9.868  -5.196  1.00 34.62  ? 479 HOH A O   1 
HETATM 1391 O O   . HOH H 3 .   ? 19.061  0.717   -1.852  1.00 42.82  ? 480 HOH A O   1 
HETATM 1392 O O   . HOH H 3 .   ? -15.117 -1.998  13.072  1.00 46.36  ? 484 HOH A O   1 
HETATM 1393 O O   . HOH H 3 .   ? 2.545   -10.349 13.108  1.00 37.80  ? 485 HOH A O   1 
HETATM 1394 O O   . HOH H 3 .   ? 5.996   -9.886  13.776  1.00 45.48  ? 486 HOH A O   1 
HETATM 1395 O O   . HOH H 3 .   ? -16.870 -5.326  -16.265 1.00 46.30  ? 487 HOH A O   1 
HETATM 1396 O O   . HOH H 3 .   ? -17.626 -6.928  7.328   1.00 40.72  ? 488 HOH A O   1 
HETATM 1397 O O   . HOH H 3 .   ? -14.510 3.146   7.596   1.00 29.88  ? 490 HOH A O   1 
HETATM 1398 O O   . HOH H 3 .   ? -16.493 11.688  1.922   1.00 53.07  ? 491 HOH A O   1 
HETATM 1399 O O   . HOH H 3 .   ? -2.432  -7.719  15.745  1.00 27.40  ? 493 HOH A O   1 
HETATM 1400 O O   . HOH H 3 .   ? -9.001  -9.010  -12.656 1.00 49.26  ? 494 HOH A O   1 
HETATM 1401 O O   . HOH H 3 .   ? -11.336 6.194   -10.305 1.00 42.12  ? 497 HOH A O   1 
HETATM 1402 O O   . HOH H 3 .   ? 2.652   2.418   -17.574 1.00 46.20  ? 501 HOH A O   1 
HETATM 1403 O O   . HOH H 3 .   ? -1.652  -18.920 7.928   1.00 50.67  ? 515 HOH A O   1 
HETATM 1404 O O   . HOH H 3 .   ? -4.601  -11.074 16.403  1.00 35.98  ? 516 HOH A O   1 
HETATM 1405 O O   . HOH H 3 .   ? 17.993  -2.513  -12.995 1.00 56.99  ? 518 HOH A O   1 
HETATM 1406 O O   . HOH H 3 .   ? 8.910   2.696   -17.919 1.00 53.40  ? 519 HOH A O   1 
HETATM 1407 O O   . HOH H 3 .   ? -8.646  3.569   15.947  1.00 35.45  ? 520 HOH A O   1 
HETATM 1408 O O   . HOH H 3 .   ? 19.875  6.844   3.766   1.00 47.33  ? 521 HOH A O   1 
HETATM 1409 O O   . HOH H 3 .   ? 1.598   -7.941  20.408  1.00 39.89  ? 522 HOH A O   1 
HETATM 1410 O O   . HOH H 3 .   ? 7.586   11.943  17.513  1.00 52.99  ? 523 HOH A O   1 
HETATM 1411 O O   . HOH H 3 .   ? -19.820 14.018  -0.119  1.00 52.03  ? 524 HOH A O   1 
# 
loop_
_pdbx_poly_seq_scheme.asym_id 
_pdbx_poly_seq_scheme.entity_id 
_pdbx_poly_seq_scheme.seq_id 
_pdbx_poly_seq_scheme.mon_id 
_pdbx_poly_seq_scheme.ndb_seq_num 
_pdbx_poly_seq_scheme.pdb_seq_num 
_pdbx_poly_seq_scheme.auth_seq_num 
_pdbx_poly_seq_scheme.pdb_mon_id 
_pdbx_poly_seq_scheme.auth_mon_id 
_pdbx_poly_seq_scheme.pdb_strand_id 
_pdbx_poly_seq_scheme.pdb_ins_code 
_pdbx_poly_seq_scheme.hetero 
A 1 1   MET 1   0   0   MET MET A . n 
A 1 2   VAL 2   1   1   VAL VAL A . n 
A 1 3   LEU 3   2   2   LEU LEU A . n 
A 1 4   SER 4   3   3   SER SER A . n 
A 1 5   GLU 5   4   4   GLU GLU A . n 
A 1 6   GLY 6   5   5   GLY GLY A . n 
A 1 7   GLU 7   6   6   GLU GLU A . n 
A 1 8   TRP 8   7   7   TRP TRP A . n 
A 1 9   GLN 9   8   8   GLN GLN A . n 
A 1 10  LEU 10  9   9   LEU LEU A . n 
A 1 11  VAL 11  10  10  VAL VAL A . n 
A 1 12  LEU 12  11  11  LEU LEU A . n 
A 1 13  HIS 13  12  12  HIS HIS A . n 
A 1 14  VAL 14  13  13  VAL VAL A . n 
A 1 15  TRP 15  14  14  TRP TRP A . n 
A 1 16  ALA 16  15  15  ALA ALA A . n 
A 1 17  LYS 17  16  16  LYS LYS A . n 
A 1 18  VAL 18  17  17  VAL VAL A . n 
A 1 19  GLU 19  18  18  GLU GLU A . n 
A 1 20  ALA 20  19  19  ALA ALA A . n 
A 1 21  ASP 21  20  20  ASP ASP A . n 
A 1 22  VAL 22  21  21  VAL VAL A . n 
A 1 23  ALA 23  22  22  ALA ALA A . n 
A 1 24  GLY 24  23  23  GLY GLY A . n 
A 1 25  HIS 25  24  24  HIS HIS A . n 
A 1 26  GLY 26  25  25  GLY GLY A . n 
A 1 27  GLN 27  26  26  GLN GLN A . n 
A 1 28  ASP 28  27  27  ASP ASP A . n 
A 1 29  ILE 29  28  28  ILE ILE A . n 
A 1 30  LEU 30  29  29  LEU LEU A . n 
A 1 31  ILE 31  30  30  ILE ILE A . n 
A 1 32  ARG 32  31  31  ARG ARG A . n 
A 1 33  LEU 33  32  32  LEU LEU A . n 
A 1 34  PHE 34  33  33  PHE PHE A . n 
A 1 35  LYS 35  34  34  LYS LYS A . n 
A 1 36  SER 36  35  35  SER SER A . n 
A 1 37  HIS 37  36  36  HIS HIS A . n 
A 1 38  PRO 38  37  37  PRO PRO A . n 
A 1 39  GLU 39  38  38  GLU GLU A . n 
A 1 40  THR 40  39  39  THR THR A . n 
A 1 41  LEU 41  40  40  LEU LEU A . n 
A 1 42  GLU 42  41  41  GLU GLU A . n 
A 1 43  LYS 43  42  42  LYS LYS A . n 
A 1 44  PHE 44  43  43  PHE PHE A . n 
A 1 45  ASP 45  44  44  ASP ASP A . n 
A 1 46  ARG 46  45  45  ARG ARG A . n 
A 1 47  PHE 47  46  46  PHE PHE A . n 
A 1 48  LYS 48  47  47  LYS LYS A . n 
A 1 49  HIS 49  48  48  HIS HIS A . n 
A 1 50  LEU 50  49  49  LEU LEU A . n 
A 1 51  LYS 51  50  50  LYS LYS A . n 
A 1 52  THR 52  51  51  THR THR A . n 
A 1 53  GLU 53  52  52  GLU GLU A . n 
A 1 54  ALA 54  53  53  ALA ALA A . n 
A 1 55  GLU 55  54  54  GLU GLU A . n 
A 1 56  MET 56  55  55  MET MET A . n 
A 1 57  LYS 57  56  56  LYS LYS A . n 
A 1 58  ALA 58  57  57  ALA ALA A . n 
A 1 59  SER 59  58  58  SER SER A . n 
A 1 60  GLU 60  59  59  GLU GLU A . n 
A 1 61  ASP 61  60  60  ASP ASP A . n 
A 1 62  LEU 62  61  61  LEU LEU A . n 
A 1 63  LYS 63  62  62  LYS LYS A . n 
A 1 64  LYS 64  63  63  LYS LYS A . n 
A 1 65  HIS 65  64  64  HIS HIS A . n 
A 1 66  GLY 66  65  65  GLY GLY A . n 
A 1 67  VAL 67  66  66  VAL VAL A . n 
A 1 68  THR 68  67  67  THR THR A . n 
A 1 69  VAL 69  68  68  VAL VAL A . n 
A 1 70  LEU 70  69  69  LEU LEU A . n 
A 1 71  THR 71  70  70  THR THR A . n 
A 1 72  ALA 72  71  71  ALA ALA A . n 
A 1 73  LEU 73  72  72  LEU LEU A . n 
A 1 74  GLY 74  73  73  GLY GLY A . n 
A 1 75  ALA 75  74  74  ALA ALA A . n 
A 1 76  ILE 76  75  75  ILE ILE A . n 
A 1 77  LEU 77  76  76  LEU LEU A . n 
A 1 78  LYS 78  77  77  LYS LYS A . n 
A 1 79  LYS 79  78  78  LYS LYS A . n 
A 1 80  LYS 80  79  79  LYS LYS A . n 
A 1 81  GLY 81  80  80  GLY GLY A . n 
A 1 82  HIS 82  81  81  HIS HIS A . n 
A 1 83  HIS 83  82  82  HIS HIS A . n 
A 1 84  GLU 84  83  83  GLU GLU A . n 
A 1 85  ALA 85  84  84  ALA ALA A . n 
A 1 86  GLU 86  85  85  GLU GLU A . n 
A 1 87  LEU 87  86  86  LEU LEU A . n 
A 1 88  LYS 88  87  87  LYS LYS A . n 
A 1 89  PRO 89  88  88  PRO PRO A . n 
A 1 90  LEU 90  89  89  LEU LEU A . n 
A 1 91  ALA 91  90  90  ALA ALA A . n 
A 1 92  GLN 92  91  91  GLN GLN A . n 
A 1 93  SER 93  92  92  SER SER A . n 
A 1 94  HIS 94  93  93  HIS HIS A . n 
A 1 95  ALA 95  94  94  ALA ALA A . n 
A 1 96  THR 96  95  95  THR THR A . n 
A 1 97  LYS 97  96  96  LYS LYS A . n 
A 1 98  HIS 98  97  97  HIS HIS A . n 
A 1 99  LYS 99  98  98  LYS LYS A . n 
A 1 100 ILE 100 99  99  ILE ILE A . n 
A 1 101 PRO 101 100 100 PRO PRO A . n 
A 1 102 ILE 102 101 101 ILE ILE A . n 
A 1 103 LYS 103 102 102 LYS LYS A . n 
A 1 104 TYR 104 103 103 TYR TYR A . n 
A 1 105 LEU 105 104 104 LEU LEU A . n 
A 1 106 GLU 106 105 105 GLU GLU A . n 
A 1 107 PHE 107 106 106 PHE PHE A . n 
A 1 108 ILE 108 107 107 ILE ILE A . n 
A 1 109 SER 109 108 108 SER SER A . n 
A 1 110 GLU 110 109 109 GLU GLU A . n 
A 1 111 ALA 111 110 110 ALA ALA A . n 
A 1 112 ILE 112 111 111 ILE ILE A . n 
A 1 113 ILE 113 112 112 ILE ILE A . n 
A 1 114 HIS 114 113 113 HIS HIS A . n 
A 1 115 VAL 115 114 114 VAL VAL A . n 
A 1 116 LEU 116 115 115 LEU LEU A . n 
A 1 117 HIS 117 116 116 HIS HIS A . n 
A 1 118 SER 118 117 117 SER SER A . n 
A 1 119 ARG 119 118 118 ARG ARG A . n 
A 1 120 HIS 120 119 119 HIS HIS A . n 
A 1 121 PRO 121 120 120 PRO PRO A . n 
A 1 122 GLY 122 121 121 GLY GLY A . n 
A 1 123 ASP 123 122 122 ASP ASP A . n 
A 1 124 PHE 124 123 123 PHE PHE A . n 
A 1 125 GLY 125 124 124 GLY GLY A . n 
A 1 126 ALA 126 125 125 ALA ALA A . n 
A 1 127 ASP 127 126 126 ASP ASP A . n 
A 1 128 ALA 128 127 127 ALA ALA A . n 
A 1 129 GLN 129 128 128 GLN GLN A . n 
A 1 130 GLY 130 129 129 GLY GLY A . n 
A 1 131 ALA 131 130 130 ALA ALA A . n 
A 1 132 MET 132 131 131 MET MET A . n 
A 1 133 ASN 133 132 132 ASN ASN A . n 
A 1 134 LYS 134 133 133 LYS LYS A . n 
A 1 135 ALA 135 134 134 ALA ALA A . n 
A 1 136 LEU 136 135 135 LEU LEU A . n 
A 1 137 GLU 137 136 136 GLU GLU A . n 
A 1 138 LEU 138 137 137 LEU LEU A . n 
A 1 139 PHE 139 138 138 PHE PHE A . n 
A 1 140 ARG 140 139 139 ARG ARG A . n 
A 1 141 LYS 141 140 140 LYS LYS A . n 
A 1 142 ASP 142 141 141 ASP ASP A . n 
A 1 143 ILE 143 142 142 ILE ILE A . n 
A 1 144 ALA 144 143 143 ALA ALA A . n 
A 1 145 ALA 145 144 144 ALA ALA A . n 
A 1 146 LYS 146 145 145 LYS LYS A . n 
A 1 147 TYR 147 146 146 TYR TYR A . n 
A 1 148 LYS 148 147 147 LYS LYS A . n 
A 1 149 GLU 149 148 148 GLU GLU A . n 
A 1 150 LEU 150 149 149 LEU LEU A . n 
A 1 151 GLY 151 150 150 GLY GLY A . n 
A 1 152 TYR 152 151 151 TYR TYR A . n 
A 1 153 GLN 153 152 152 GLN GLN A . n 
A 1 154 GLY 154 153 153 GLY GLY A . n 
# 
loop_
_pdbx_nonpoly_scheme.asym_id 
_pdbx_nonpoly_scheme.entity_id 
_pdbx_nonpoly_scheme.mon_id 
_pdbx_nonpoly_scheme.ndb_seq_num 
_pdbx_nonpoly_scheme.pdb_seq_num 
_pdbx_nonpoly_scheme.auth_seq_num 
_pdbx_nonpoly_scheme.pdb_mon_id 
_pdbx_nonpoly_scheme.auth_mon_id 
_pdbx_nonpoly_scheme.pdb_strand_id 
_pdbx_nonpoly_scheme.pdb_ins_code 
B 2 PO4 1   155 155 PO4 PO4 A . 
C 2 PO4 1   156 156 PO4 PO4 A . 
D 2 PO4 1   157 157 PO4 PO4 A . 
E 2 PO4 1   158 158 PO4 PO4 A . 
F 2 PO4 1   159 159 PO4 PO4 A . 
G 2 PO4 1   160 160 PO4 PO4 A . 
H 3 HOH 1   200 200 HOH WAT A . 
H 3 HOH 2   201 201 HOH WAT A . 
H 3 HOH 3   202 202 HOH WAT A . 
H 3 HOH 4   203 203 HOH WAT A . 
H 3 HOH 5   204 204 HOH WAT A . 
H 3 HOH 6   205 205 HOH WAT A . 
H 3 HOH 7   206 206 HOH WAT A . 
H 3 HOH 8   207 207 HOH WAT A . 
H 3 HOH 9   208 208 HOH WAT A . 
H 3 HOH 10  209 209 HOH WAT A . 
H 3 HOH 11  210 210 HOH WAT A . 
H 3 HOH 12  211 211 HOH WAT A . 
H 3 HOH 13  212 212 HOH WAT A . 
H 3 HOH 14  213 213 HOH WAT A . 
H 3 HOH 15  215 215 HOH WAT A . 
H 3 HOH 16  216 216 HOH WAT A . 
H 3 HOH 17  217 217 HOH WAT A . 
H 3 HOH 18  218 218 HOH WAT A . 
H 3 HOH 19  219 219 HOH WAT A . 
H 3 HOH 20  220 220 HOH WAT A . 
H 3 HOH 21  221 221 HOH WAT A . 
H 3 HOH 22  222 222 HOH WAT A . 
H 3 HOH 23  223 223 HOH WAT A . 
H 3 HOH 24  224 224 HOH WAT A . 
H 3 HOH 25  225 225 HOH WAT A . 
H 3 HOH 26  226 226 HOH WAT A . 
H 3 HOH 27  227 227 HOH WAT A . 
H 3 HOH 28  228 228 HOH WAT A . 
H 3 HOH 29  229 229 HOH WAT A . 
H 3 HOH 30  230 230 HOH WAT A . 
H 3 HOH 31  231 231 HOH WAT A . 
H 3 HOH 32  232 232 HOH WAT A . 
H 3 HOH 33  233 233 HOH WAT A . 
H 3 HOH 34  234 234 HOH WAT A . 
H 3 HOH 35  235 235 HOH WAT A . 
H 3 HOH 36  236 236 HOH WAT A . 
H 3 HOH 37  237 237 HOH WAT A . 
H 3 HOH 38  238 238 HOH WAT A . 
H 3 HOH 39  239 239 HOH WAT A . 
H 3 HOH 40  240 240 HOH WAT A . 
H 3 HOH 41  241 241 HOH WAT A . 
H 3 HOH 42  242 242 HOH WAT A . 
H 3 HOH 43  243 243 HOH WAT A . 
H 3 HOH 44  244 244 HOH WAT A . 
H 3 HOH 45  245 245 HOH WAT A . 
H 3 HOH 46  247 247 HOH WAT A . 
H 3 HOH 47  249 249 HOH WAT A . 
H 3 HOH 48  251 251 HOH WAT A . 
H 3 HOH 49  252 252 HOH WAT A . 
H 3 HOH 50  254 254 HOH WAT A . 
H 3 HOH 51  257 257 HOH WAT A . 
H 3 HOH 52  258 258 HOH WAT A . 
H 3 HOH 53  259 259 HOH WAT A . 
H 3 HOH 54  261 261 HOH WAT A . 
H 3 HOH 55  262 262 HOH WAT A . 
H 3 HOH 56  265 265 HOH WAT A . 
H 3 HOH 57  266 266 HOH WAT A . 
H 3 HOH 58  267 267 HOH WAT A . 
H 3 HOH 59  269 269 HOH WAT A . 
H 3 HOH 60  270 270 HOH WAT A . 
H 3 HOH 61  271 271 HOH WAT A . 
H 3 HOH 62  272 272 HOH WAT A . 
H 3 HOH 63  273 273 HOH WAT A . 
H 3 HOH 64  275 275 HOH WAT A . 
H 3 HOH 65  276 276 HOH WAT A . 
H 3 HOH 66  278 278 HOH WAT A . 
H 3 HOH 67  279 279 HOH WAT A . 
H 3 HOH 68  281 281 HOH WAT A . 
H 3 HOH 69  282 282 HOH WAT A . 
H 3 HOH 70  284 284 HOH WAT A . 
H 3 HOH 71  285 285 HOH WAT A . 
H 3 HOH 72  286 286 HOH WAT A . 
H 3 HOH 73  287 287 HOH WAT A . 
H 3 HOH 74  288 288 HOH WAT A . 
H 3 HOH 75  289 289 HOH WAT A . 
H 3 HOH 76  290 290 HOH WAT A . 
H 3 HOH 77  291 291 HOH WAT A . 
H 3 HOH 78  295 295 HOH WAT A . 
H 3 HOH 79  296 296 HOH WAT A . 
H 3 HOH 80  299 299 HOH WAT A . 
H 3 HOH 81  300 300 HOH WAT A . 
H 3 HOH 82  301 301 HOH WAT A . 
H 3 HOH 83  302 302 HOH WAT A . 
H 3 HOH 84  305 305 HOH WAT A . 
H 3 HOH 85  306 306 HOH WAT A . 
H 3 HOH 86  308 308 HOH WAT A . 
H 3 HOH 87  309 309 HOH WAT A . 
H 3 HOH 88  310 310 HOH WAT A . 
H 3 HOH 89  311 311 HOH WAT A . 
H 3 HOH 90  312 312 HOH WAT A . 
H 3 HOH 91  318 318 HOH WAT A . 
H 3 HOH 92  323 323 HOH WAT A . 
H 3 HOH 93  325 325 HOH WAT A . 
H 3 HOH 94  332 332 HOH WAT A . 
H 3 HOH 95  333 333 HOH WAT A . 
H 3 HOH 96  334 334 HOH WAT A . 
H 3 HOH 97  401 401 HOH WAT A . 
H 3 HOH 98  403 403 HOH WAT A . 
H 3 HOH 99  404 404 HOH WAT A . 
H 3 HOH 100 405 405 HOH WAT A . 
H 3 HOH 101 406 406 HOH WAT A . 
H 3 HOH 102 407 407 HOH WAT A . 
H 3 HOH 103 409 409 HOH WAT A . 
H 3 HOH 104 411 411 HOH WAT A . 
H 3 HOH 105 412 412 HOH WAT A . 
H 3 HOH 106 413 413 HOH WAT A . 
H 3 HOH 107 415 415 HOH WAT A . 
H 3 HOH 108 417 417 HOH WAT A . 
H 3 HOH 109 420 420 HOH WAT A . 
H 3 HOH 110 421 421 HOH WAT A . 
H 3 HOH 111 422 422 HOH WAT A . 
H 3 HOH 112 423 423 HOH WAT A . 
H 3 HOH 113 424 424 HOH WAT A . 
H 3 HOH 114 431 431 HOH WAT A . 
H 3 HOH 115 435 435 HOH WAT A . 
H 3 HOH 116 436 436 HOH WAT A . 
H 3 HOH 117 438 438 HOH WAT A . 
H 3 HOH 118 439 439 HOH WAT A . 
H 3 HOH 119 440 440 HOH WAT A . 
H 3 HOH 120 443 443 HOH WAT A . 
H 3 HOH 121 445 445 HOH WAT A . 
H 3 HOH 122 446 446 HOH WAT A . 
H 3 HOH 123 447 447 HOH WAT A . 
H 3 HOH 124 449 449 HOH WAT A . 
H 3 HOH 125 451 451 HOH WAT A . 
H 3 HOH 126 452 452 HOH WAT A . 
H 3 HOH 127 453 453 HOH WAT A . 
H 3 HOH 128 464 464 HOH WAT A . 
H 3 HOH 129 465 465 HOH WAT A . 
H 3 HOH 130 467 467 HOH WAT A . 
H 3 HOH 131 468 468 HOH WAT A . 
H 3 HOH 132 470 470 HOH WAT A . 
H 3 HOH 133 471 471 HOH WAT A . 
H 3 HOH 134 478 478 HOH WAT A . 
H 3 HOH 135 479 479 HOH WAT A . 
H 3 HOH 136 480 480 HOH WAT A . 
H 3 HOH 137 484 484 HOH WAT A . 
H 3 HOH 138 485 485 HOH WAT A . 
H 3 HOH 139 486 486 HOH WAT A . 
H 3 HOH 140 487 487 HOH WAT A . 
H 3 HOH 141 488 488 HOH WAT A . 
H 3 HOH 142 490 490 HOH WAT A . 
H 3 HOH 143 491 491 HOH WAT A . 
H 3 HOH 144 493 493 HOH WAT A . 
H 3 HOH 145 494 494 HOH WAT A . 
H 3 HOH 146 497 497 HOH WAT A . 
H 3 HOH 147 501 501 HOH WAT A . 
H 3 HOH 148 515 515 HOH WAT A . 
H 3 HOH 149 516 516 HOH WAT A . 
H 3 HOH 150 518 518 HOH WAT A . 
H 3 HOH 151 519 519 HOH WAT A . 
H 3 HOH 152 520 520 HOH WAT A . 
H 3 HOH 153 521 521 HOH WAT A . 
H 3 HOH 154 522 522 HOH WAT A . 
H 3 HOH 155 523 523 HOH WAT A . 
H 3 HOH 156 524 524 HOH WAT A . 
# 
_pdbx_struct_assembly.id                   1 
_pdbx_struct_assembly.details              author_defined_assembly 
_pdbx_struct_assembly.method_details       ? 
_pdbx_struct_assembly.oligomeric_details   monomeric 
_pdbx_struct_assembly.oligomeric_count     1 
# 
_pdbx_struct_assembly_gen.assembly_id       1 
_pdbx_struct_assembly_gen.oper_expression   1 
_pdbx_struct_assembly_gen.asym_id_list      A,B,C,D,E,F,G,H 
# 
_pdbx_struct_oper_list.id                   1 
_pdbx_struct_oper_list.type                 'identity operation' 
_pdbx_struct_oper_list.name                 1_555 
_pdbx_struct_oper_list.symmetry_operation   x,y,z 
_pdbx_struct_oper_list.matrix[1][1]         1.0000000000 
_pdbx_struct_oper_list.matrix[1][2]         0.0000000000 
_pdbx_struct_oper_list.matrix[1][3]         0.0000000000 
_pdbx_struct_oper_list.vector[1]            0.0000000000 
_pdbx_struct_oper_list.matrix[2][1]         0.0000000000 
_pdbx_struct_oper_list.matrix[2][2]         1.0000000000 
_pdbx_struct_oper_list.matrix[2][3]         0.0000000000 
_pdbx_struct_oper_list.vector[2]            0.0000000000 
_pdbx_struct_oper_list.matrix[3][1]         0.0000000000 
_pdbx_struct_oper_list.matrix[3][2]         0.0000000000 
_pdbx_struct_oper_list.matrix[3][3]         1.0000000000 
_pdbx_struct_oper_list.vector[3]            0.0000000000 
# 
loop_
_pdbx_audit_revision_history.ordinal 
_pdbx_audit_revision_history.data_content_type 
_pdbx_audit_revision_history.major_revision 
_pdbx_audit_revision_history.minor_revision 
_pdbx_audit_revision_history.revision_date 
1 'Structure model' 1 0 2004-05-18 
2 'Structure model' 1 1 2008-04-27 
3 'Structure model' 1 2 2011-07-13 
4 'Structure model' 1 3 2022-12-21 
5 'Structure model' 1 4 2023-11-08 
# 
_pdbx_audit_revision_details.ordinal             1 
_pdbx_audit_revision_details.revision_ordinal    1 
_pdbx_audit_revision_details.data_content_type   'Structure model' 
_pdbx_audit_revision_details.provider            repository 
_pdbx_audit_revision_details.type                'Initial release' 
_pdbx_audit_revision_details.description         ? 
_pdbx_audit_revision_details.details             ? 
# 
loop_
_pdbx_audit_revision_group.ordinal 
_pdbx_audit_revision_group.revision_ordinal 
_pdbx_audit_revision_group.data_content_type 
_pdbx_audit_revision_group.group 
1 2 'Structure model' 'Version format compliance' 
2 3 'Structure model' 'Version format compliance' 
3 4 'Structure model' 'Database references'       
4 4 'Structure model' 'Derived calculations'      
5 5 'Structure model' 'Data collection'           
6 5 'Structure model' 'Refinement description'    
# 
loop_
_pdbx_audit_revision_category.ordinal 
_pdbx_audit_revision_category.revision_ordinal 
_pdbx_audit_revision_category.data_content_type 
_pdbx_audit_revision_category.category 
1 4 'Structure model' database_2                    
2 4 'Structure model' struct_ref_seq_dif            
3 4 'Structure model' struct_site                   
4 5 'Structure model' chem_comp_atom                
5 5 'Structure model' chem_comp_bond                
6 5 'Structure model' pdbx_initial_refinement_model 
# 
loop_
_pdbx_audit_revision_item.ordinal 
_pdbx_audit_revision_item.revision_ordinal 
_pdbx_audit_revision_item.data_content_type 
_pdbx_audit_revision_item.item 
1 4 'Structure model' '_database_2.pdbx_DOI'                
2 4 'Structure model' '_database_2.pdbx_database_accession' 
3 4 'Structure model' '_struct_ref_seq_dif.details'         
4 4 'Structure model' '_struct_site.pdbx_auth_asym_id'      
5 4 'Structure model' '_struct_site.pdbx_auth_comp_id'      
6 4 'Structure model' '_struct_site.pdbx_auth_seq_id'       
# 
loop_
_software.name 
_software.classification 
_software.version 
_software.citation_id 
_software.pdbx_ordinal 
CNS       refinement       1.0 ? 1 
DENZO     'data reduction' .   ? 2 
SCALEPACK 'data scaling'   .   ? 3 
CNS       phasing          .   ? 4 
# 
loop_
_pdbx_validate_torsion.id 
_pdbx_validate_torsion.PDB_model_num 
_pdbx_validate_torsion.auth_comp_id 
_pdbx_validate_torsion.auth_asym_id 
_pdbx_validate_torsion.auth_seq_id 
_pdbx_validate_torsion.PDB_ins_code 
_pdbx_validate_torsion.label_alt_id 
_pdbx_validate_torsion.phi 
_pdbx_validate_torsion.psi 
1 1 ASP A 20  ? ? -168.25 65.17  
2 1 PHE A 46  ? ? -148.28 30.36  
3 1 ALA A 90  ? ? -95.98  -66.57 
4 1 GLN A 91  ? ? -39.24  -32.03 
5 1 SER A 92  ? ? -66.06  -85.78 
6 1 HIS A 93  ? ? -52.99  -3.68  
7 1 LYS A 98  ? ? 71.84   57.55  
8 1 HIS A 119 ? ? -140.46 53.82  
9 1 GLN A 152 ? ? -107.98 61.70  
# 
loop_
_pdbx_unobs_or_zero_occ_atoms.id 
_pdbx_unobs_or_zero_occ_atoms.PDB_model_num 
_pdbx_unobs_or_zero_occ_atoms.polymer_flag 
_pdbx_unobs_or_zero_occ_atoms.occupancy_flag 
_pdbx_unobs_or_zero_occ_atoms.auth_asym_id 
_pdbx_unobs_or_zero_occ_atoms.auth_comp_id 
_pdbx_unobs_or_zero_occ_atoms.auth_seq_id 
_pdbx_unobs_or_zero_occ_atoms.PDB_ins_code 
_pdbx_unobs_or_zero_occ_atoms.auth_atom_id 
_pdbx_unobs_or_zero_occ_atoms.label_alt_id 
_pdbx_unobs_or_zero_occ_atoms.label_asym_id 
_pdbx_unobs_or_zero_occ_atoms.label_comp_id 
_pdbx_unobs_or_zero_occ_atoms.label_seq_id 
_pdbx_unobs_or_zero_occ_atoms.label_atom_id 
1  1 Y 0 A LYS 87 ? CD  ? A LYS 88 CD  
2  1 Y 0 A LYS 87 ? CE  ? A LYS 88 CE  
3  1 Y 0 A LYS 87 ? NZ  ? A LYS 88 NZ  
4  1 Y 0 A LEU 89 ? CB  ? A LEU 90 CB  
5  1 Y 0 A LEU 89 ? CG  ? A LEU 90 CG  
6  1 Y 0 A LEU 89 ? CD1 ? A LEU 90 CD1 
7  1 Y 0 A LEU 89 ? CD2 ? A LEU 90 CD2 
8  1 Y 0 A GLN 91 ? CD  ? A GLN 92 CD  
9  1 Y 0 A GLN 91 ? OE1 ? A GLN 92 OE1 
10 1 Y 0 A GLN 91 ? NE2 ? A GLN 92 NE2 
11 1 Y 0 A LYS 98 ? CB  ? A LYS 99 CB  
12 1 Y 0 A LYS 98 ? CG  ? A LYS 99 CG  
13 1 Y 0 A LYS 98 ? CD  ? A LYS 99 CD  
14 1 Y 0 A LYS 98 ? CE  ? A LYS 99 CE  
15 1 Y 0 A LYS 98 ? NZ  ? A LYS 99 NZ  
# 
loop_
_chem_comp_atom.comp_id 
_chem_comp_atom.atom_id 
_chem_comp_atom.type_symbol 
_chem_comp_atom.pdbx_aromatic_flag 
_chem_comp_atom.pdbx_stereo_config 
_chem_comp_atom.pdbx_ordinal 
ALA N    N N N 1   
ALA CA   C N S 2   
ALA C    C N N 3   
ALA O    O N N 4   
ALA CB   C N N 5   
ALA OXT  O N N 6   
ALA H    H N N 7   
ALA H2   H N N 8   
ALA HA   H N N 9   
ALA HB1  H N N 10  
ALA HB2  H N N 11  
ALA HB3  H N N 12  
ALA HXT  H N N 13  
ARG N    N N N 14  
ARG CA   C N S 15  
ARG C    C N N 16  
ARG O    O N N 17  
ARG CB   C N N 18  
ARG CG   C N N 19  
ARG CD   C N N 20  
ARG NE   N N N 21  
ARG CZ   C N N 22  
ARG NH1  N N N 23  
ARG NH2  N N N 24  
ARG OXT  O N N 25  
ARG H    H N N 26  
ARG H2   H N N 27  
ARG HA   H N N 28  
ARG HB2  H N N 29  
ARG HB3  H N N 30  
ARG HG2  H N N 31  
ARG HG3  H N N 32  
ARG HD2  H N N 33  
ARG HD3  H N N 34  
ARG HE   H N N 35  
ARG HH11 H N N 36  
ARG HH12 H N N 37  
ARG HH21 H N N 38  
ARG HH22 H N N 39  
ARG HXT  H N N 40  
ASN N    N N N 41  
ASN CA   C N S 42  
ASN C    C N N 43  
ASN O    O N N 44  
ASN CB   C N N 45  
ASN CG   C N N 46  
ASN OD1  O N N 47  
ASN ND2  N N N 48  
ASN OXT  O N N 49  
ASN H    H N N 50  
ASN H2   H N N 51  
ASN HA   H N N 52  
ASN HB2  H N N 53  
ASN HB3  H N N 54  
ASN HD21 H N N 55  
ASN HD22 H N N 56  
ASN HXT  H N N 57  
ASP N    N N N 58  
ASP CA   C N S 59  
ASP C    C N N 60  
ASP O    O N N 61  
ASP CB   C N N 62  
ASP CG   C N N 63  
ASP OD1  O N N 64  
ASP OD2  O N N 65  
ASP OXT  O N N 66  
ASP H    H N N 67  
ASP H2   H N N 68  
ASP HA   H N N 69  
ASP HB2  H N N 70  
ASP HB3  H N N 71  
ASP HD2  H N N 72  
ASP HXT  H N N 73  
GLN N    N N N 74  
GLN CA   C N S 75  
GLN C    C N N 76  
GLN O    O N N 77  
GLN CB   C N N 78  
GLN CG   C N N 79  
GLN CD   C N N 80  
GLN OE1  O N N 81  
GLN NE2  N N N 82  
GLN OXT  O N N 83  
GLN H    H N N 84  
GLN H2   H N N 85  
GLN HA   H N N 86  
GLN HB2  H N N 87  
GLN HB3  H N N 88  
GLN HG2  H N N 89  
GLN HG3  H N N 90  
GLN HE21 H N N 91  
GLN HE22 H N N 92  
GLN HXT  H N N 93  
GLU N    N N N 94  
GLU CA   C N S 95  
GLU C    C N N 96  
GLU O    O N N 97  
GLU CB   C N N 98  
GLU CG   C N N 99  
GLU CD   C N N 100 
GLU OE1  O N N 101 
GLU OE2  O N N 102 
GLU OXT  O N N 103 
GLU H    H N N 104 
GLU H2   H N N 105 
GLU HA   H N N 106 
GLU HB2  H N N 107 
GLU HB3  H N N 108 
GLU HG2  H N N 109 
GLU HG3  H N N 110 
GLU HE2  H N N 111 
GLU HXT  H N N 112 
GLY N    N N N 113 
GLY CA   C N N 114 
GLY C    C N N 115 
GLY O    O N N 116 
GLY OXT  O N N 117 
GLY H    H N N 118 
GLY H2   H N N 119 
GLY HA2  H N N 120 
GLY HA3  H N N 121 
GLY HXT  H N N 122 
HIS N    N N N 123 
HIS CA   C N S 124 
HIS C    C N N 125 
HIS O    O N N 126 
HIS CB   C N N 127 
HIS CG   C Y N 128 
HIS ND1  N Y N 129 
HIS CD2  C Y N 130 
HIS CE1  C Y N 131 
HIS NE2  N Y N 132 
HIS OXT  O N N 133 
HIS H    H N N 134 
HIS H2   H N N 135 
HIS HA   H N N 136 
HIS HB2  H N N 137 
HIS HB3  H N N 138 
HIS HD1  H N N 139 
HIS HD2  H N N 140 
HIS HE1  H N N 141 
HIS HE2  H N N 142 
HIS HXT  H N N 143 
HOH O    O N N 144 
HOH H1   H N N 145 
HOH H2   H N N 146 
ILE N    N N N 147 
ILE CA   C N S 148 
ILE C    C N N 149 
ILE O    O N N 150 
ILE CB   C N S 151 
ILE CG1  C N N 152 
ILE CG2  C N N 153 
ILE CD1  C N N 154 
ILE OXT  O N N 155 
ILE H    H N N 156 
ILE H2   H N N 157 
ILE HA   H N N 158 
ILE HB   H N N 159 
ILE HG12 H N N 160 
ILE HG13 H N N 161 
ILE HG21 H N N 162 
ILE HG22 H N N 163 
ILE HG23 H N N 164 
ILE HD11 H N N 165 
ILE HD12 H N N 166 
ILE HD13 H N N 167 
ILE HXT  H N N 168 
LEU N    N N N 169 
LEU CA   C N S 170 
LEU C    C N N 171 
LEU O    O N N 172 
LEU CB   C N N 173 
LEU CG   C N N 174 
LEU CD1  C N N 175 
LEU CD2  C N N 176 
LEU OXT  O N N 177 
LEU H    H N N 178 
LEU H2   H N N 179 
LEU HA   H N N 180 
LEU HB2  H N N 181 
LEU HB3  H N N 182 
LEU HG   H N N 183 
LEU HD11 H N N 184 
LEU HD12 H N N 185 
LEU HD13 H N N 186 
LEU HD21 H N N 187 
LEU HD22 H N N 188 
LEU HD23 H N N 189 
LEU HXT  H N N 190 
LYS N    N N N 191 
LYS CA   C N S 192 
LYS C    C N N 193 
LYS O    O N N 194 
LYS CB   C N N 195 
LYS CG   C N N 196 
LYS CD   C N N 197 
LYS CE   C N N 198 
LYS NZ   N N N 199 
LYS OXT  O N N 200 
LYS H    H N N 201 
LYS H2   H N N 202 
LYS HA   H N N 203 
LYS HB2  H N N 204 
LYS HB3  H N N 205 
LYS HG2  H N N 206 
LYS HG3  H N N 207 
LYS HD2  H N N 208 
LYS HD3  H N N 209 
LYS HE2  H N N 210 
LYS HE3  H N N 211 
LYS HZ1  H N N 212 
LYS HZ2  H N N 213 
LYS HZ3  H N N 214 
LYS HXT  H N N 215 
MET N    N N N 216 
MET CA   C N S 217 
MET C    C N N 218 
MET O    O N N 219 
MET CB   C N N 220 
MET CG   C N N 221 
MET SD   S N N 222 
MET CE   C N N 223 
MET OXT  O N N 224 
MET H    H N N 225 
MET H2   H N N 226 
MET HA   H N N 227 
MET HB2  H N N 228 
MET HB3  H N N 229 
MET HG2  H N N 230 
MET HG3  H N N 231 
MET HE1  H N N 232 
MET HE2  H N N 233 
MET HE3  H N N 234 
MET HXT  H N N 235 
PHE N    N N N 236 
PHE CA   C N S 237 
PHE C    C N N 238 
PHE O    O N N 239 
PHE CB   C N N 240 
PHE CG   C Y N 241 
PHE CD1  C Y N 242 
PHE CD2  C Y N 243 
PHE CE1  C Y N 244 
PHE CE2  C Y N 245 
PHE CZ   C Y N 246 
PHE OXT  O N N 247 
PHE H    H N N 248 
PHE H2   H N N 249 
PHE HA   H N N 250 
PHE HB2  H N N 251 
PHE HB3  H N N 252 
PHE HD1  H N N 253 
PHE HD2  H N N 254 
PHE HE1  H N N 255 
PHE HE2  H N N 256 
PHE HZ   H N N 257 
PHE HXT  H N N 258 
PO4 P    P N N 259 
PO4 O1   O N N 260 
PO4 O2   O N N 261 
PO4 O3   O N N 262 
PO4 O4   O N N 263 
PRO N    N N N 264 
PRO CA   C N S 265 
PRO C    C N N 266 
PRO O    O N N 267 
PRO CB   C N N 268 
PRO CG   C N N 269 
PRO CD   C N N 270 
PRO OXT  O N N 271 
PRO H    H N N 272 
PRO HA   H N N 273 
PRO HB2  H N N 274 
PRO HB3  H N N 275 
PRO HG2  H N N 276 
PRO HG3  H N N 277 
PRO HD2  H N N 278 
PRO HD3  H N N 279 
PRO HXT  H N N 280 
SER N    N N N 281 
SER CA   C N S 282 
SER C    C N N 283 
SER O    O N N 284 
SER CB   C N N 285 
SER OG   O N N 286 
SER OXT  O N N 287 
SER H    H N N 288 
SER H2   H N N 289 
SER HA   H N N 290 
SER HB2  H N N 291 
SER HB3  H N N 292 
SER HG   H N N 293 
SER HXT  H N N 294 
THR N    N N N 295 
THR CA   C N S 296 
THR C    C N N 297 
THR O    O N N 298 
THR CB   C N R 299 
THR OG1  O N N 300 
THR CG2  C N N 301 
THR OXT  O N N 302 
THR H    H N N 303 
THR H2   H N N 304 
THR HA   H N N 305 
THR HB   H N N 306 
THR HG1  H N N 307 
THR HG21 H N N 308 
THR HG22 H N N 309 
THR HG23 H N N 310 
THR HXT  H N N 311 
TRP N    N N N 312 
TRP CA   C N S 313 
TRP C    C N N 314 
TRP O    O N N 315 
TRP CB   C N N 316 
TRP CG   C Y N 317 
TRP CD1  C Y N 318 
TRP CD2  C Y N 319 
TRP NE1  N Y N 320 
TRP CE2  C Y N 321 
TRP CE3  C Y N 322 
TRP CZ2  C Y N 323 
TRP CZ3  C Y N 324 
TRP CH2  C Y N 325 
TRP OXT  O N N 326 
TRP H    H N N 327 
TRP H2   H N N 328 
TRP HA   H N N 329 
TRP HB2  H N N 330 
TRP HB3  H N N 331 
TRP HD1  H N N 332 
TRP HE1  H N N 333 
TRP HE3  H N N 334 
TRP HZ2  H N N 335 
TRP HZ3  H N N 336 
TRP HH2  H N N 337 
TRP HXT  H N N 338 
TYR N    N N N 339 
TYR CA   C N S 340 
TYR C    C N N 341 
TYR O    O N N 342 
TYR CB   C N N 343 
TYR CG   C Y N 344 
TYR CD1  C Y N 345 
TYR CD2  C Y N 346 
TYR CE1  C Y N 347 
TYR CE2  C Y N 348 
TYR CZ   C Y N 349 
TYR OH   O N N 350 
TYR OXT  O N N 351 
TYR H    H N N 352 
TYR H2   H N N 353 
TYR HA   H N N 354 
TYR HB2  H N N 355 
TYR HB3  H N N 356 
TYR HD1  H N N 357 
TYR HD2  H N N 358 
TYR HE1  H N N 359 
TYR HE2  H N N 360 
TYR HH   H N N 361 
TYR HXT  H N N 362 
VAL N    N N N 363 
VAL CA   C N S 364 
VAL C    C N N 365 
VAL O    O N N 366 
VAL CB   C N N 367 
VAL CG1  C N N 368 
VAL CG2  C N N 369 
VAL OXT  O N N 370 
VAL H    H N N 371 
VAL H2   H N N 372 
VAL HA   H N N 373 
VAL HB   H N N 374 
VAL HG11 H N N 375 
VAL HG12 H N N 376 
VAL HG13 H N N 377 
VAL HG21 H N N 378 
VAL HG22 H N N 379 
VAL HG23 H N N 380 
VAL HXT  H N N 381 
# 
loop_
_chem_comp_bond.comp_id 
_chem_comp_bond.atom_id_1 
_chem_comp_bond.atom_id_2 
_chem_comp_bond.value_order 
_chem_comp_bond.pdbx_aromatic_flag 
_chem_comp_bond.pdbx_stereo_config 
_chem_comp_bond.pdbx_ordinal 
ALA N   CA   sing N N 1   
ALA N   H    sing N N 2   
ALA N   H2   sing N N 3   
ALA CA  C    sing N N 4   
ALA CA  CB   sing N N 5   
ALA CA  HA   sing N N 6   
ALA C   O    doub N N 7   
ALA C   OXT  sing N N 8   
ALA CB  HB1  sing N N 9   
ALA CB  HB2  sing N N 10  
ALA CB  HB3  sing N N 11  
ALA OXT HXT  sing N N 12  
ARG N   CA   sing N N 13  
ARG N   H    sing N N 14  
ARG N   H2   sing N N 15  
ARG CA  C    sing N N 16  
ARG CA  CB   sing N N 17  
ARG CA  HA   sing N N 18  
ARG C   O    doub N N 19  
ARG C   OXT  sing N N 20  
ARG CB  CG   sing N N 21  
ARG CB  HB2  sing N N 22  
ARG CB  HB3  sing N N 23  
ARG CG  CD   sing N N 24  
ARG CG  HG2  sing N N 25  
ARG CG  HG3  sing N N 26  
ARG CD  NE   sing N N 27  
ARG CD  HD2  sing N N 28  
ARG CD  HD3  sing N N 29  
ARG NE  CZ   sing N N 30  
ARG NE  HE   sing N N 31  
ARG CZ  NH1  sing N N 32  
ARG CZ  NH2  doub N N 33  
ARG NH1 HH11 sing N N 34  
ARG NH1 HH12 sing N N 35  
ARG NH2 HH21 sing N N 36  
ARG NH2 HH22 sing N N 37  
ARG OXT HXT  sing N N 38  
ASN N   CA   sing N N 39  
ASN N   H    sing N N 40  
ASN N   H2   sing N N 41  
ASN CA  C    sing N N 42  
ASN CA  CB   sing N N 43  
ASN CA  HA   sing N N 44  
ASN C   O    doub N N 45  
ASN C   OXT  sing N N 46  
ASN CB  CG   sing N N 47  
ASN CB  HB2  sing N N 48  
ASN CB  HB3  sing N N 49  
ASN CG  OD1  doub N N 50  
ASN CG  ND2  sing N N 51  
ASN ND2 HD21 sing N N 52  
ASN ND2 HD22 sing N N 53  
ASN OXT HXT  sing N N 54  
ASP N   CA   sing N N 55  
ASP N   H    sing N N 56  
ASP N   H2   sing N N 57  
ASP CA  C    sing N N 58  
ASP CA  CB   sing N N 59  
ASP CA  HA   sing N N 60  
ASP C   O    doub N N 61  
ASP C   OXT  sing N N 62  
ASP CB  CG   sing N N 63  
ASP CB  HB2  sing N N 64  
ASP CB  HB3  sing N N 65  
ASP CG  OD1  doub N N 66  
ASP CG  OD2  sing N N 67  
ASP OD2 HD2  sing N N 68  
ASP OXT HXT  sing N N 69  
GLN N   CA   sing N N 70  
GLN N   H    sing N N 71  
GLN N   H2   sing N N 72  
GLN CA  C    sing N N 73  
GLN CA  CB   sing N N 74  
GLN CA  HA   sing N N 75  
GLN C   O    doub N N 76  
GLN C   OXT  sing N N 77  
GLN CB  CG   sing N N 78  
GLN CB  HB2  sing N N 79  
GLN CB  HB3  sing N N 80  
GLN CG  CD   sing N N 81  
GLN CG  HG2  sing N N 82  
GLN CG  HG3  sing N N 83  
GLN CD  OE1  doub N N 84  
GLN CD  NE2  sing N N 85  
GLN NE2 HE21 sing N N 86  
GLN NE2 HE22 sing N N 87  
GLN OXT HXT  sing N N 88  
GLU N   CA   sing N N 89  
GLU N   H    sing N N 90  
GLU N   H2   sing N N 91  
GLU CA  C    sing N N 92  
GLU CA  CB   sing N N 93  
GLU CA  HA   sing N N 94  
GLU C   O    doub N N 95  
GLU C   OXT  sing N N 96  
GLU CB  CG   sing N N 97  
GLU CB  HB2  sing N N 98  
GLU CB  HB3  sing N N 99  
GLU CG  CD   sing N N 100 
GLU CG  HG2  sing N N 101 
GLU CG  HG3  sing N N 102 
GLU CD  OE1  doub N N 103 
GLU CD  OE2  sing N N 104 
GLU OE2 HE2  sing N N 105 
GLU OXT HXT  sing N N 106 
GLY N   CA   sing N N 107 
GLY N   H    sing N N 108 
GLY N   H2   sing N N 109 
GLY CA  C    sing N N 110 
GLY CA  HA2  sing N N 111 
GLY CA  HA3  sing N N 112 
GLY C   O    doub N N 113 
GLY C   OXT  sing N N 114 
GLY OXT HXT  sing N N 115 
HIS N   CA   sing N N 116 
HIS N   H    sing N N 117 
HIS N   H2   sing N N 118 
HIS CA  C    sing N N 119 
HIS CA  CB   sing N N 120 
HIS CA  HA   sing N N 121 
HIS C   O    doub N N 122 
HIS C   OXT  sing N N 123 
HIS CB  CG   sing N N 124 
HIS CB  HB2  sing N N 125 
HIS CB  HB3  sing N N 126 
HIS CG  ND1  sing Y N 127 
HIS CG  CD2  doub Y N 128 
HIS ND1 CE1  doub Y N 129 
HIS ND1 HD1  sing N N 130 
HIS CD2 NE2  sing Y N 131 
HIS CD2 HD2  sing N N 132 
HIS CE1 NE2  sing Y N 133 
HIS CE1 HE1  sing N N 134 
HIS NE2 HE2  sing N N 135 
HIS OXT HXT  sing N N 136 
HOH O   H1   sing N N 137 
HOH O   H2   sing N N 138 
ILE N   CA   sing N N 139 
ILE N   H    sing N N 140 
ILE N   H2   sing N N 141 
ILE CA  C    sing N N 142 
ILE CA  CB   sing N N 143 
ILE CA  HA   sing N N 144 
ILE C   O    doub N N 145 
ILE C   OXT  sing N N 146 
ILE CB  CG1  sing N N 147 
ILE CB  CG2  sing N N 148 
ILE CB  HB   sing N N 149 
ILE CG1 CD1  sing N N 150 
ILE CG1 HG12 sing N N 151 
ILE CG1 HG13 sing N N 152 
ILE CG2 HG21 sing N N 153 
ILE CG2 HG22 sing N N 154 
ILE CG2 HG23 sing N N 155 
ILE CD1 HD11 sing N N 156 
ILE CD1 HD12 sing N N 157 
ILE CD1 HD13 sing N N 158 
ILE OXT HXT  sing N N 159 
LEU N   CA   sing N N 160 
LEU N   H    sing N N 161 
LEU N   H2   sing N N 162 
LEU CA  C    sing N N 163 
LEU CA  CB   sing N N 164 
LEU CA  HA   sing N N 165 
LEU C   O    doub N N 166 
LEU C   OXT  sing N N 167 
LEU CB  CG   sing N N 168 
LEU CB  HB2  sing N N 169 
LEU CB  HB3  sing N N 170 
LEU CG  CD1  sing N N 171 
LEU CG  CD2  sing N N 172 
LEU CG  HG   sing N N 173 
LEU CD1 HD11 sing N N 174 
LEU CD1 HD12 sing N N 175 
LEU CD1 HD13 sing N N 176 
LEU CD2 HD21 sing N N 177 
LEU CD2 HD22 sing N N 178 
LEU CD2 HD23 sing N N 179 
LEU OXT HXT  sing N N 180 
LYS N   CA   sing N N 181 
LYS N   H    sing N N 182 
LYS N   H2   sing N N 183 
LYS CA  C    sing N N 184 
LYS CA  CB   sing N N 185 
LYS CA  HA   sing N N 186 
LYS C   O    doub N N 187 
LYS C   OXT  sing N N 188 
LYS CB  CG   sing N N 189 
LYS CB  HB2  sing N N 190 
LYS CB  HB3  sing N N 191 
LYS CG  CD   sing N N 192 
LYS CG  HG2  sing N N 193 
LYS CG  HG3  sing N N 194 
LYS CD  CE   sing N N 195 
LYS CD  HD2  sing N N 196 
LYS CD  HD3  sing N N 197 
LYS CE  NZ   sing N N 198 
LYS CE  HE2  sing N N 199 
LYS CE  HE3  sing N N 200 
LYS NZ  HZ1  sing N N 201 
LYS NZ  HZ2  sing N N 202 
LYS NZ  HZ3  sing N N 203 
LYS OXT HXT  sing N N 204 
MET N   CA   sing N N 205 
MET N   H    sing N N 206 
MET N   H2   sing N N 207 
MET CA  C    sing N N 208 
MET CA  CB   sing N N 209 
MET CA  HA   sing N N 210 
MET C   O    doub N N 211 
MET C   OXT  sing N N 212 
MET CB  CG   sing N N 213 
MET CB  HB2  sing N N 214 
MET CB  HB3  sing N N 215 
MET CG  SD   sing N N 216 
MET CG  HG2  sing N N 217 
MET CG  HG3  sing N N 218 
MET SD  CE   sing N N 219 
MET CE  HE1  sing N N 220 
MET CE  HE2  sing N N 221 
MET CE  HE3  sing N N 222 
MET OXT HXT  sing N N 223 
PHE N   CA   sing N N 224 
PHE N   H    sing N N 225 
PHE N   H2   sing N N 226 
PHE CA  C    sing N N 227 
PHE CA  CB   sing N N 228 
PHE CA  HA   sing N N 229 
PHE C   O    doub N N 230 
PHE C   OXT  sing N N 231 
PHE CB  CG   sing N N 232 
PHE CB  HB2  sing N N 233 
PHE CB  HB3  sing N N 234 
PHE CG  CD1  doub Y N 235 
PHE CG  CD2  sing Y N 236 
PHE CD1 CE1  sing Y N 237 
PHE CD1 HD1  sing N N 238 
PHE CD2 CE2  doub Y N 239 
PHE CD2 HD2  sing N N 240 
PHE CE1 CZ   doub Y N 241 
PHE CE1 HE1  sing N N 242 
PHE CE2 CZ   sing Y N 243 
PHE CE2 HE2  sing N N 244 
PHE CZ  HZ   sing N N 245 
PHE OXT HXT  sing N N 246 
PO4 P   O1   doub N N 247 
PO4 P   O2   sing N N 248 
PO4 P   O3   sing N N 249 
PO4 P   O4   sing N N 250 
PRO N   CA   sing N N 251 
PRO N   CD   sing N N 252 
PRO N   H    sing N N 253 
PRO CA  C    sing N N 254 
PRO CA  CB   sing N N 255 
PRO CA  HA   sing N N 256 
PRO C   O    doub N N 257 
PRO C   OXT  sing N N 258 
PRO CB  CG   sing N N 259 
PRO CB  HB2  sing N N 260 
PRO CB  HB3  sing N N 261 
PRO CG  CD   sing N N 262 
PRO CG  HG2  sing N N 263 
PRO CG  HG3  sing N N 264 
PRO CD  HD2  sing N N 265 
PRO CD  HD3  sing N N 266 
PRO OXT HXT  sing N N 267 
SER N   CA   sing N N 268 
SER N   H    sing N N 269 
SER N   H2   sing N N 270 
SER CA  C    sing N N 271 
SER CA  CB   sing N N 272 
SER CA  HA   sing N N 273 
SER C   O    doub N N 274 
SER C   OXT  sing N N 275 
SER CB  OG   sing N N 276 
SER CB  HB2  sing N N 277 
SER CB  HB3  sing N N 278 
SER OG  HG   sing N N 279 
SER OXT HXT  sing N N 280 
THR N   CA   sing N N 281 
THR N   H    sing N N 282 
THR N   H2   sing N N 283 
THR CA  C    sing N N 284 
THR CA  CB   sing N N 285 
THR CA  HA   sing N N 286 
THR C   O    doub N N 287 
THR C   OXT  sing N N 288 
THR CB  OG1  sing N N 289 
THR CB  CG2  sing N N 290 
THR CB  HB   sing N N 291 
THR OG1 HG1  sing N N 292 
THR CG2 HG21 sing N N 293 
THR CG2 HG22 sing N N 294 
THR CG2 HG23 sing N N 295 
THR OXT HXT  sing N N 296 
TRP N   CA   sing N N 297 
TRP N   H    sing N N 298 
TRP N   H2   sing N N 299 
TRP CA  C    sing N N 300 
TRP CA  CB   sing N N 301 
TRP CA  HA   sing N N 302 
TRP C   O    doub N N 303 
TRP C   OXT  sing N N 304 
TRP CB  CG   sing N N 305 
TRP CB  HB2  sing N N 306 
TRP CB  HB3  sing N N 307 
TRP CG  CD1  doub Y N 308 
TRP CG  CD2  sing Y N 309 
TRP CD1 NE1  sing Y N 310 
TRP CD1 HD1  sing N N 311 
TRP CD2 CE2  doub Y N 312 
TRP CD2 CE3  sing Y N 313 
TRP NE1 CE2  sing Y N 314 
TRP NE1 HE1  sing N N 315 
TRP CE2 CZ2  sing Y N 316 
TRP CE3 CZ3  doub Y N 317 
TRP CE3 HE3  sing N N 318 
TRP CZ2 CH2  doub Y N 319 
TRP CZ2 HZ2  sing N N 320 
TRP CZ3 CH2  sing Y N 321 
TRP CZ3 HZ3  sing N N 322 
TRP CH2 HH2  sing N N 323 
TRP OXT HXT  sing N N 324 
TYR N   CA   sing N N 325 
TYR N   H    sing N N 326 
TYR N   H2   sing N N 327 
TYR CA  C    sing N N 328 
TYR CA  CB   sing N N 329 
TYR CA  HA   sing N N 330 
TYR C   O    doub N N 331 
TYR C   OXT  sing N N 332 
TYR CB  CG   sing N N 333 
TYR CB  HB2  sing N N 334 
TYR CB  HB3  sing N N 335 
TYR CG  CD1  doub Y N 336 
TYR CG  CD2  sing Y N 337 
TYR CD1 CE1  sing Y N 338 
TYR CD1 HD1  sing N N 339 
TYR CD2 CE2  doub Y N 340 
TYR CD2 HD2  sing N N 341 
TYR CE1 CZ   doub Y N 342 
TYR CE1 HE1  sing N N 343 
TYR CE2 CZ   sing Y N 344 
TYR CE2 HE2  sing N N 345 
TYR CZ  OH   sing N N 346 
TYR OH  HH   sing N N 347 
TYR OXT HXT  sing N N 348 
VAL N   CA   sing N N 349 
VAL N   H    sing N N 350 
VAL N   H2   sing N N 351 
VAL CA  C    sing N N 352 
VAL CA  CB   sing N N 353 
VAL CA  HA   sing N N 354 
VAL C   O    doub N N 355 
VAL C   OXT  sing N N 356 
VAL CB  CG1  sing N N 357 
VAL CB  CG2  sing N N 358 
VAL CB  HB   sing N N 359 
VAL CG1 HG11 sing N N 360 
VAL CG1 HG12 sing N N 361 
VAL CG1 HG13 sing N N 362 
VAL CG2 HG21 sing N N 363 
VAL CG2 HG22 sing N N 364 
VAL CG2 HG23 sing N N 365 
VAL OXT HXT  sing N N 366 
# 
loop_
_pdbx_entity_nonpoly.entity_id 
_pdbx_entity_nonpoly.name 
_pdbx_entity_nonpoly.comp_id 
2 'PHOSPHATE ION' PO4 
3 water           HOH 
# 
_pdbx_initial_refinement_model.id               1 
_pdbx_initial_refinement_model.entity_id_list   ? 
_pdbx_initial_refinement_model.type             'experimental model' 
_pdbx_initial_refinement_model.source_name      PDB 
_pdbx_initial_refinement_model.accession_code   1UFJ 
_pdbx_initial_refinement_model.details          'PDB ENTRY 1UFJ' 
# 
